data_2XRH
# 
_entry.id   2XRH 
# 
_audit_conform.dict_name       mmcif_pdbx.dic 
_audit_conform.dict_version    5.391 
_audit_conform.dict_location   http://mmcif.pdb.org/dictionaries/ascii/mmcif_pdbx.dic 
# 
loop_
_database_2.database_id 
_database_2.database_code 
_database_2.pdbx_database_accession 
_database_2.pdbx_DOI 
PDB   2XRH         pdb_00002xrh 10.2210/pdb2xrh/pdb 
PDBE  EBI-31539    ?            ?                   
WWPDB D_1290031539 ?            ?                   
# 
loop_
_pdbx_audit_revision_history.ordinal 
_pdbx_audit_revision_history.data_content_type 
_pdbx_audit_revision_history.major_revision 
_pdbx_audit_revision_history.minor_revision 
_pdbx_audit_revision_history.revision_date 
1 'Structure model' 1 0 2011-09-28 
2 'Structure model' 1 1 2017-10-18 
3 'Structure model' 1 2 2024-05-08 
# 
_pdbx_audit_revision_details.ordinal             1 
_pdbx_audit_revision_details.revision_ordinal    1 
_pdbx_audit_revision_details.data_content_type   'Structure model' 
_pdbx_audit_revision_details.provider            repository 
_pdbx_audit_revision_details.type                'Initial release' 
_pdbx_audit_revision_details.description         ? 
_pdbx_audit_revision_details.details             ? 
# 
loop_
_pdbx_audit_revision_group.ordinal 
_pdbx_audit_revision_group.revision_ordinal 
_pdbx_audit_revision_group.data_content_type 
_pdbx_audit_revision_group.group 
1 2 'Structure model' 'Data collection'      
2 3 'Structure model' 'Data collection'      
3 3 'Structure model' 'Database references'  
4 3 'Structure model' 'Derived calculations' 
5 3 'Structure model' Other                  
# 
loop_
_pdbx_audit_revision_category.ordinal 
_pdbx_audit_revision_category.revision_ordinal 
_pdbx_audit_revision_category.data_content_type 
_pdbx_audit_revision_category.category 
1 2 'Structure model' diffrn                       
2 2 'Structure model' diffrn_source                
3 3 'Structure model' chem_comp_atom               
4 3 'Structure model' chem_comp_bond               
5 3 'Structure model' database_2                   
6 3 'Structure model' pdbx_database_status         
7 3 'Structure model' pdbx_struct_special_symmetry 
8 3 'Structure model' struct_site                  
# 
loop_
_pdbx_audit_revision_item.ordinal 
_pdbx_audit_revision_item.revision_ordinal 
_pdbx_audit_revision_item.data_content_type 
_pdbx_audit_revision_item.item 
1 3 'Structure model' '_database_2.pdbx_DOI'                 
2 3 'Structure model' '_database_2.pdbx_database_accession'  
3 3 'Structure model' '_pdbx_database_status.status_code_sf' 
4 3 'Structure model' '_struct_site.pdbx_auth_asym_id'       
5 3 'Structure model' '_struct_site.pdbx_auth_comp_id'       
6 3 'Structure model' '_struct_site.pdbx_auth_seq_id'        
# 
_pdbx_database_status.status_code                     REL 
_pdbx_database_status.entry_id                        2XRH 
_pdbx_database_status.deposit_site                    PDBE 
_pdbx_database_status.process_site                    PDBE 
_pdbx_database_status.SG_entry                        . 
_pdbx_database_status.recvd_initial_deposition_date   2010-09-15 
_pdbx_database_status.pdb_format_compatible           Y 
_pdbx_database_status.status_code_sf                  REL 
_pdbx_database_status.status_code_mr                  ? 
_pdbx_database_status.status_code_cs                  ? 
_pdbx_database_status.methods_development_category    ? 
_pdbx_database_status.status_code_nmr_data            ? 
# 
loop_
_audit_author.name 
_audit_author.pdbx_ordinal 
'Cioci, G.'            1 
'Terradot, L.'         2 
'Dian, C.'             3 
'Muller-Dieckmann, C.' 4 
'Leonard, G.'          5 
# 
_citation.id                        primary 
_citation.title                     'Crystal Structure of Hp0721, a Novel Secreted Protein from Helicobacter Pylori.' 
_citation.journal_abbrev            Proteins 
_citation.journal_volume            79 
_citation.page_first                1678 
_citation.page_last                 ? 
_citation.year                      2011 
_citation.journal_id_ASTM           PSFGEY 
_citation.country                   US 
_citation.journal_id_ISSN           0887-3585 
_citation.journal_id_CSD            0867 
_citation.book_publisher            ? 
_citation.pdbx_database_id_PubMed   21365686 
_citation.pdbx_database_id_DOI      10.1002/PROT.22988 
# 
loop_
_citation_author.citation_id 
_citation_author.name 
_citation_author.ordinal 
_citation_author.identifier_ORCID 
primary 'Cioci, G.'             1 ? 
primary 'Terradot, L.'          2 ? 
primary 'Dian, C.'              3 ? 
primary 'Mueller-Dieckmann, C.' 4 ? 
primary 'Leonard, G.'           5 ? 
# 
loop_
_entity.id 
_entity.type 
_entity.src_method 
_entity.pdbx_description 
_entity.formula_weight 
_entity.pdbx_number_of_molecules 
_entity.pdbx_ec 
_entity.pdbx_mutation 
_entity.pdbx_fragment 
_entity.details 
1 polymer     man 'PROTEIN HP0721' 11512.160 1   ? ? 'RESIDUES 20-112' ? 
2 non-polymer syn 'NICOTINIC ACID' 123.109   1   ? ? ?                 ? 
3 water       nat water            18.015    112 ? ? ?                 ? 
# 
_entity_poly.entity_id                      1 
_entity_poly.type                           'polypeptide(L)' 
_entity_poly.nstd_linkage                   no 
_entity_poly.nstd_monomer                   no 
_entity_poly.pdbx_seq_one_letter_code       
;AIDPFTMAKDFSKTSDEDLAKMAGVVAPQDIVDYTKELKKRMEKMPEDKRKAFHKQLHEYATKNTDKMTVADFEARQKAV
KEALKKGNMEDMDDDFGLRS
;
_entity_poly.pdbx_seq_one_letter_code_can   
;AIDPFTMAKDFSKTSDEDLAKMAGVVAPQDIVDYTKELKKRMEKMPEDKRKAFHKQLHEYATKNTDKMTVADFEARQKAV
KEALKKGNMEDMDDDFGLRS
;
_entity_poly.pdbx_strand_id                 A 
_entity_poly.pdbx_target_identifier         ? 
# 
loop_
_pdbx_entity_nonpoly.entity_id 
_pdbx_entity_nonpoly.name 
_pdbx_entity_nonpoly.comp_id 
2 'NICOTINIC ACID' NIO 
3 water            HOH 
# 
loop_
_entity_poly_seq.entity_id 
_entity_poly_seq.num 
_entity_poly_seq.mon_id 
_entity_poly_seq.hetero 
1 1   ALA n 
1 2   ILE n 
1 3   ASP n 
1 4   PRO n 
1 5   PHE n 
1 6   THR n 
1 7   MET n 
1 8   ALA n 
1 9   LYS n 
1 10  ASP n 
1 11  PHE n 
1 12  SER n 
1 13  LYS n 
1 14  THR n 
1 15  SER n 
1 16  ASP n 
1 17  GLU n 
1 18  ASP n 
1 19  LEU n 
1 20  ALA n 
1 21  LYS n 
1 22  MET n 
1 23  ALA n 
1 24  GLY n 
1 25  VAL n 
1 26  VAL n 
1 27  ALA n 
1 28  PRO n 
1 29  GLN n 
1 30  ASP n 
1 31  ILE n 
1 32  VAL n 
1 33  ASP n 
1 34  TYR n 
1 35  THR n 
1 36  LYS n 
1 37  GLU n 
1 38  LEU n 
1 39  LYS n 
1 40  LYS n 
1 41  ARG n 
1 42  MET n 
1 43  GLU n 
1 44  LYS n 
1 45  MET n 
1 46  PRO n 
1 47  GLU n 
1 48  ASP n 
1 49  LYS n 
1 50  ARG n 
1 51  LYS n 
1 52  ALA n 
1 53  PHE n 
1 54  HIS n 
1 55  LYS n 
1 56  GLN n 
1 57  LEU n 
1 58  HIS n 
1 59  GLU n 
1 60  TYR n 
1 61  ALA n 
1 62  THR n 
1 63  LYS n 
1 64  ASN n 
1 65  THR n 
1 66  ASP n 
1 67  LYS n 
1 68  MET n 
1 69  THR n 
1 70  VAL n 
1 71  ALA n 
1 72  ASP n 
1 73  PHE n 
1 74  GLU n 
1 75  ALA n 
1 76  ARG n 
1 77  GLN n 
1 78  LYS n 
1 79  ALA n 
1 80  VAL n 
1 81  LYS n 
1 82  GLU n 
1 83  ALA n 
1 84  LEU n 
1 85  LYS n 
1 86  LYS n 
1 87  GLY n 
1 88  ASN n 
1 89  MET n 
1 90  GLU n 
1 91  ASP n 
1 92  MET n 
1 93  ASP n 
1 94  ASP n 
1 95  ASP n 
1 96  PHE n 
1 97  GLY n 
1 98  LEU n 
1 99  ARG n 
1 100 SER n 
# 
_entity_src_gen.entity_id                          1 
_entity_src_gen.pdbx_src_id                        1 
_entity_src_gen.pdbx_alt_source_flag               sample 
_entity_src_gen.pdbx_seq_type                      ? 
_entity_src_gen.pdbx_beg_seq_num                   ? 
_entity_src_gen.pdbx_end_seq_num                   ? 
_entity_src_gen.gene_src_common_name               ? 
_entity_src_gen.gene_src_genus                     ? 
_entity_src_gen.pdbx_gene_src_gene                 ? 
_entity_src_gen.gene_src_species                   ? 
_entity_src_gen.gene_src_strain                    26695 
_entity_src_gen.gene_src_tissue                    ? 
_entity_src_gen.gene_src_tissue_fraction           ? 
_entity_src_gen.gene_src_details                   ? 
_entity_src_gen.pdbx_gene_src_fragment             ? 
_entity_src_gen.pdbx_gene_src_scientific_name      'HELICOBACTER PYLORI' 
_entity_src_gen.pdbx_gene_src_ncbi_taxonomy_id     85962 
_entity_src_gen.pdbx_gene_src_variant              ? 
_entity_src_gen.pdbx_gene_src_cell_line            ? 
_entity_src_gen.pdbx_gene_src_atcc                 ? 
_entity_src_gen.pdbx_gene_src_organ                ? 
_entity_src_gen.pdbx_gene_src_organelle            ? 
_entity_src_gen.pdbx_gene_src_cell                 ? 
_entity_src_gen.pdbx_gene_src_cellular_location    ? 
_entity_src_gen.host_org_common_name               ? 
_entity_src_gen.pdbx_host_org_scientific_name      'ESCHERICHIA COLI' 
_entity_src_gen.pdbx_host_org_ncbi_taxonomy_id     511693 
_entity_src_gen.host_org_genus                     ? 
_entity_src_gen.pdbx_host_org_gene                 ? 
_entity_src_gen.pdbx_host_org_organ                ? 
_entity_src_gen.host_org_species                   ? 
_entity_src_gen.pdbx_host_org_tissue               ? 
_entity_src_gen.pdbx_host_org_tissue_fraction      ? 
_entity_src_gen.pdbx_host_org_strain               BL21 
_entity_src_gen.pdbx_host_org_variant              ? 
_entity_src_gen.pdbx_host_org_cell_line            ? 
_entity_src_gen.pdbx_host_org_atcc                 ? 
_entity_src_gen.pdbx_host_org_culture_collection   ? 
_entity_src_gen.pdbx_host_org_cell                 ? 
_entity_src_gen.pdbx_host_org_organelle            ? 
_entity_src_gen.pdbx_host_org_cellular_location    ? 
_entity_src_gen.pdbx_host_org_vector_type          ? 
_entity_src_gen.pdbx_host_org_vector               ? 
_entity_src_gen.host_org_details                   ? 
_entity_src_gen.expression_system_id               ? 
_entity_src_gen.plasmid_name                       PET151/DTOPO 
_entity_src_gen.plasmid_details                    ? 
_entity_src_gen.pdbx_description                   ? 
# 
loop_
_chem_comp.id 
_chem_comp.type 
_chem_comp.mon_nstd_flag 
_chem_comp.name 
_chem_comp.pdbx_synonyms 
_chem_comp.formula 
_chem_comp.formula_weight 
ALA 'L-peptide linking' y ALANINE          ? 'C3 H7 N O2'     89.093  
ARG 'L-peptide linking' y ARGININE         ? 'C6 H15 N4 O2 1' 175.209 
ASN 'L-peptide linking' y ASPARAGINE       ? 'C4 H8 N2 O3'    132.118 
ASP 'L-peptide linking' y 'ASPARTIC ACID'  ? 'C4 H7 N O4'     133.103 
GLN 'L-peptide linking' y GLUTAMINE        ? 'C5 H10 N2 O3'   146.144 
GLU 'L-peptide linking' y 'GLUTAMIC ACID'  ? 'C5 H9 N O4'     147.129 
GLY 'peptide linking'   y GLYCINE          ? 'C2 H5 N O2'     75.067  
HIS 'L-peptide linking' y HISTIDINE        ? 'C6 H10 N3 O2 1' 156.162 
HOH non-polymer         . WATER            ? 'H2 O'           18.015  
ILE 'L-peptide linking' y ISOLEUCINE       ? 'C6 H13 N O2'    131.173 
LEU 'L-peptide linking' y LEUCINE          ? 'C6 H13 N O2'    131.173 
LYS 'L-peptide linking' y LYSINE           ? 'C6 H15 N2 O2 1' 147.195 
MET 'L-peptide linking' y METHIONINE       ? 'C5 H11 N O2 S'  149.211 
NIO non-polymer         . 'NICOTINIC ACID' ? 'C6 H5 N O2'     123.109 
PHE 'L-peptide linking' y PHENYLALANINE    ? 'C9 H11 N O2'    165.189 
PRO 'L-peptide linking' y PROLINE          ? 'C5 H9 N O2'     115.130 
SER 'L-peptide linking' y SERINE           ? 'C3 H7 N O3'     105.093 
THR 'L-peptide linking' y THREONINE        ? 'C4 H9 N O3'     119.119 
TYR 'L-peptide linking' y TYROSINE         ? 'C9 H11 N O3'    181.189 
VAL 'L-peptide linking' y VALINE           ? 'C5 H11 N O2'    117.146 
# 
loop_
_pdbx_poly_seq_scheme.asym_id 
_pdbx_poly_seq_scheme.entity_id 
_pdbx_poly_seq_scheme.seq_id 
_pdbx_poly_seq_scheme.mon_id 
_pdbx_poly_seq_scheme.ndb_seq_num 
_pdbx_poly_seq_scheme.pdb_seq_num 
_pdbx_poly_seq_scheme.auth_seq_num 
_pdbx_poly_seq_scheme.pdb_mon_id 
_pdbx_poly_seq_scheme.auth_mon_id 
_pdbx_poly_seq_scheme.pdb_strand_id 
_pdbx_poly_seq_scheme.pdb_ins_code 
_pdbx_poly_seq_scheme.hetero 
A 1 1   ALA 1   13  13  ALA ALA A . n 
A 1 2   ILE 2   14  14  ILE ILE A . n 
A 1 3   ASP 3   15  15  ASP ASP A . n 
A 1 4   PRO 4   16  16  PRO PRO A . n 
A 1 5   PHE 5   17  17  PHE PHE A . n 
A 1 6   THR 6   18  18  THR THR A . n 
A 1 7   MET 7   19  19  MET MET A . n 
A 1 8   ALA 8   20  20  ALA ALA A . n 
A 1 9   LYS 9   21  21  LYS LYS A . n 
A 1 10  ASP 10  22  22  ASP ASP A . n 
A 1 11  PHE 11  23  23  PHE PHE A . n 
A 1 12  SER 12  24  24  SER SER A . n 
A 1 13  LYS 13  25  25  LYS LYS A . n 
A 1 14  THR 14  26  26  THR THR A . n 
A 1 15  SER 15  27  27  SER SER A . n 
A 1 16  ASP 16  28  28  ASP ASP A . n 
A 1 17  GLU 17  29  29  GLU GLU A . n 
A 1 18  ASP 18  30  30  ASP ASP A . n 
A 1 19  LEU 19  31  31  LEU LEU A . n 
A 1 20  ALA 20  32  32  ALA ALA A . n 
A 1 21  LYS 21  33  33  LYS LYS A . n 
A 1 22  MET 22  34  34  MET MET A . n 
A 1 23  ALA 23  35  35  ALA ALA A . n 
A 1 24  GLY 24  36  36  GLY GLY A . n 
A 1 25  VAL 25  37  37  VAL VAL A . n 
A 1 26  VAL 26  38  38  VAL VAL A . n 
A 1 27  ALA 27  39  39  ALA ALA A . n 
A 1 28  PRO 28  40  40  PRO PRO A . n 
A 1 29  GLN 29  41  41  GLN GLN A . n 
A 1 30  ASP 30  42  42  ASP ASP A . n 
A 1 31  ILE 31  43  43  ILE ILE A . n 
A 1 32  VAL 32  44  44  VAL VAL A . n 
A 1 33  ASP 33  45  45  ASP ASP A . n 
A 1 34  TYR 34  46  46  TYR TYR A . n 
A 1 35  THR 35  47  47  THR THR A . n 
A 1 36  LYS 36  48  48  LYS LYS A . n 
A 1 37  GLU 37  49  49  GLU GLU A . n 
A 1 38  LEU 38  50  50  LEU LEU A . n 
A 1 39  LYS 39  51  51  LYS LYS A . n 
A 1 40  LYS 40  52  52  LYS LYS A . n 
A 1 41  ARG 41  53  53  ARG ARG A . n 
A 1 42  MET 42  54  54  MET MET A . n 
A 1 43  GLU 43  55  55  GLU GLU A . n 
A 1 44  LYS 44  56  56  LYS LYS A . n 
A 1 45  MET 45  57  57  MET MET A . n 
A 1 46  PRO 46  58  58  PRO PRO A . n 
A 1 47  GLU 47  59  59  GLU GLU A . n 
A 1 48  ASP 48  60  60  ASP ASP A . n 
A 1 49  LYS 49  61  61  LYS LYS A . n 
A 1 50  ARG 50  62  62  ARG ARG A . n 
A 1 51  LYS 51  63  63  LYS LYS A . n 
A 1 52  ALA 52  64  64  ALA ALA A . n 
A 1 53  PHE 53  65  65  PHE PHE A . n 
A 1 54  HIS 54  66  66  HIS HIS A . n 
A 1 55  LYS 55  67  67  LYS LYS A . n 
A 1 56  GLN 56  68  68  GLN GLN A . n 
A 1 57  LEU 57  69  69  LEU LEU A . n 
A 1 58  HIS 58  70  70  HIS HIS A . n 
A 1 59  GLU 59  71  71  GLU GLU A . n 
A 1 60  TYR 60  72  72  TYR TYR A . n 
A 1 61  ALA 61  73  73  ALA ALA A . n 
A 1 62  THR 62  74  74  THR THR A . n 
A 1 63  LYS 63  75  75  LYS LYS A . n 
A 1 64  ASN 64  76  76  ASN ASN A . n 
A 1 65  THR 65  77  77  THR THR A . n 
A 1 66  ASP 66  78  78  ASP ASP A . n 
A 1 67  LYS 67  79  79  LYS LYS A . n 
A 1 68  MET 68  80  80  MET MET A . n 
A 1 69  THR 69  81  81  THR THR A . n 
A 1 70  VAL 70  82  82  VAL VAL A . n 
A 1 71  ALA 71  83  83  ALA ALA A . n 
A 1 72  ASP 72  84  84  ASP ASP A . n 
A 1 73  PHE 73  85  85  PHE PHE A . n 
A 1 74  GLU 74  86  86  GLU GLU A . n 
A 1 75  ALA 75  87  87  ALA ALA A . n 
A 1 76  ARG 76  88  88  ARG ARG A . n 
A 1 77  GLN 77  89  89  GLN GLN A . n 
A 1 78  LYS 78  90  90  LYS LYS A . n 
A 1 79  ALA 79  91  91  ALA ALA A . n 
A 1 80  VAL 80  92  92  VAL VAL A . n 
A 1 81  LYS 81  93  93  LYS LYS A . n 
A 1 82  GLU 82  94  94  GLU GLU A . n 
A 1 83  ALA 83  95  95  ALA ALA A . n 
A 1 84  LEU 84  96  96  LEU LEU A . n 
A 1 85  LYS 85  97  97  LYS LYS A . n 
A 1 86  LYS 86  98  98  LYS LYS A . n 
A 1 87  GLY 87  99  99  GLY GLY A . n 
A 1 88  ASN 88  100 100 ASN ASN A . n 
A 1 89  MET 89  101 101 MET MET A . n 
A 1 90  GLU 90  102 102 GLU GLU A . n 
A 1 91  ASP 91  103 103 ASP ASP A . n 
A 1 92  MET 92  104 104 MET MET A . n 
A 1 93  ASP 93  105 105 ASP ASP A . n 
A 1 94  ASP 94  106 106 ASP ASP A . n 
A 1 95  ASP 95  107 107 ASP ASP A . n 
A 1 96  PHE 96  108 108 PHE PHE A . n 
A 1 97  GLY 97  109 109 GLY GLY A . n 
A 1 98  LEU 98  110 110 LEU LEU A . n 
A 1 99  ARG 99  111 111 ARG ARG A . n 
A 1 100 SER 100 112 112 SER SER A . n 
# 
loop_
_pdbx_nonpoly_scheme.asym_id 
_pdbx_nonpoly_scheme.entity_id 
_pdbx_nonpoly_scheme.mon_id 
_pdbx_nonpoly_scheme.ndb_seq_num 
_pdbx_nonpoly_scheme.pdb_seq_num 
_pdbx_nonpoly_scheme.auth_seq_num 
_pdbx_nonpoly_scheme.pdb_mon_id 
_pdbx_nonpoly_scheme.auth_mon_id 
_pdbx_nonpoly_scheme.pdb_strand_id 
_pdbx_nonpoly_scheme.pdb_ins_code 
B 2 NIO 1   200  200  NIO NIO A . 
C 3 HOH 1   2001 2001 HOH HOH A . 
C 3 HOH 2   2002 2002 HOH HOH A . 
C 3 HOH 3   2003 2003 HOH HOH A . 
C 3 HOH 4   2004 2004 HOH HOH A . 
C 3 HOH 5   2005 2005 HOH HOH A . 
C 3 HOH 6   2006 2006 HOH HOH A . 
C 3 HOH 7   2007 2007 HOH HOH A . 
C 3 HOH 8   2008 2008 HOH HOH A . 
C 3 HOH 9   2009 2009 HOH HOH A . 
C 3 HOH 10  2010 2010 HOH HOH A . 
C 3 HOH 11  2011 2011 HOH HOH A . 
C 3 HOH 12  2012 2012 HOH HOH A . 
C 3 HOH 13  2013 2013 HOH HOH A . 
C 3 HOH 14  2014 2014 HOH HOH A . 
C 3 HOH 15  2015 2015 HOH HOH A . 
C 3 HOH 16  2016 2016 HOH HOH A . 
C 3 HOH 17  2017 2017 HOH HOH A . 
C 3 HOH 18  2018 2018 HOH HOH A . 
C 3 HOH 19  2019 2019 HOH HOH A . 
C 3 HOH 20  2020 2020 HOH HOH A . 
C 3 HOH 21  2021 2021 HOH HOH A . 
C 3 HOH 22  2022 2022 HOH HOH A . 
C 3 HOH 23  2023 2023 HOH HOH A . 
C 3 HOH 24  2024 2024 HOH HOH A . 
C 3 HOH 25  2025 2025 HOH HOH A . 
C 3 HOH 26  2026 2026 HOH HOH A . 
C 3 HOH 27  2027 2027 HOH HOH A . 
C 3 HOH 28  2028 2028 HOH HOH A . 
C 3 HOH 29  2029 2029 HOH HOH A . 
C 3 HOH 30  2030 2030 HOH HOH A . 
C 3 HOH 31  2031 2031 HOH HOH A . 
C 3 HOH 32  2032 2032 HOH HOH A . 
C 3 HOH 33  2033 2033 HOH HOH A . 
C 3 HOH 34  2034 2034 HOH HOH A . 
C 3 HOH 35  2035 2035 HOH HOH A . 
C 3 HOH 36  2036 2036 HOH HOH A . 
C 3 HOH 37  2037 2037 HOH HOH A . 
C 3 HOH 38  2038 2038 HOH HOH A . 
C 3 HOH 39  2039 2039 HOH HOH A . 
C 3 HOH 40  2040 2040 HOH HOH A . 
C 3 HOH 41  2041 2041 HOH HOH A . 
C 3 HOH 42  2042 2042 HOH HOH A . 
C 3 HOH 43  2043 2043 HOH HOH A . 
C 3 HOH 44  2044 2044 HOH HOH A . 
C 3 HOH 45  2045 2045 HOH HOH A . 
C 3 HOH 46  2046 2046 HOH HOH A . 
C 3 HOH 47  2047 2047 HOH HOH A . 
C 3 HOH 48  2048 2048 HOH HOH A . 
C 3 HOH 49  2049 2049 HOH HOH A . 
C 3 HOH 50  2050 2050 HOH HOH A . 
C 3 HOH 51  2051 2051 HOH HOH A . 
C 3 HOH 52  2052 2052 HOH HOH A . 
C 3 HOH 53  2053 2053 HOH HOH A . 
C 3 HOH 54  2054 2054 HOH HOH A . 
C 3 HOH 55  2055 2055 HOH HOH A . 
C 3 HOH 56  2056 2056 HOH HOH A . 
C 3 HOH 57  2057 2057 HOH HOH A . 
C 3 HOH 58  2058 2058 HOH HOH A . 
C 3 HOH 59  2059 2059 HOH HOH A . 
C 3 HOH 60  2060 2060 HOH HOH A . 
C 3 HOH 61  2061 2061 HOH HOH A . 
C 3 HOH 62  2062 2062 HOH HOH A . 
C 3 HOH 63  2063 2063 HOH HOH A . 
C 3 HOH 64  2064 2064 HOH HOH A . 
C 3 HOH 65  2065 2065 HOH HOH A . 
C 3 HOH 66  2066 2066 HOH HOH A . 
C 3 HOH 67  2067 2067 HOH HOH A . 
C 3 HOH 68  2068 2068 HOH HOH A . 
C 3 HOH 69  2069 2069 HOH HOH A . 
C 3 HOH 70  2070 2070 HOH HOH A . 
C 3 HOH 71  2071 2071 HOH HOH A . 
C 3 HOH 72  2072 2072 HOH HOH A . 
C 3 HOH 73  2073 2073 HOH HOH A . 
C 3 HOH 74  2074 2074 HOH HOH A . 
C 3 HOH 75  2075 2075 HOH HOH A . 
C 3 HOH 76  2076 2076 HOH HOH A . 
C 3 HOH 77  2077 2077 HOH HOH A . 
C 3 HOH 78  2078 2078 HOH HOH A . 
C 3 HOH 79  2079 2079 HOH HOH A . 
C 3 HOH 80  2080 2080 HOH HOH A . 
C 3 HOH 81  2081 2081 HOH HOH A . 
C 3 HOH 82  2082 2082 HOH HOH A . 
C 3 HOH 83  2083 2083 HOH HOH A . 
C 3 HOH 84  2084 2084 HOH HOH A . 
C 3 HOH 85  2085 2085 HOH HOH A . 
C 3 HOH 86  2086 2086 HOH HOH A . 
C 3 HOH 87  2087 2087 HOH HOH A . 
C 3 HOH 88  2088 2088 HOH HOH A . 
C 3 HOH 89  2089 2089 HOH HOH A . 
C 3 HOH 90  2090 2090 HOH HOH A . 
C 3 HOH 91  2091 2091 HOH HOH A . 
C 3 HOH 92  2092 2092 HOH HOH A . 
C 3 HOH 93  2093 2093 HOH HOH A . 
C 3 HOH 94  2094 2094 HOH HOH A . 
C 3 HOH 95  2095 2095 HOH HOH A . 
C 3 HOH 96  2096 2096 HOH HOH A . 
C 3 HOH 97  2097 2097 HOH HOH A . 
C 3 HOH 98  2098 2098 HOH HOH A . 
C 3 HOH 99  2099 2099 HOH HOH A . 
C 3 HOH 100 2100 2100 HOH HOH A . 
C 3 HOH 101 2101 2101 HOH HOH A . 
C 3 HOH 102 2102 2102 HOH HOH A . 
C 3 HOH 103 2103 2103 HOH HOH A . 
C 3 HOH 104 2104 2104 HOH HOH A . 
C 3 HOH 105 2105 2105 HOH HOH A . 
C 3 HOH 106 2106 2106 HOH HOH A . 
C 3 HOH 107 2107 2107 HOH HOH A . 
C 3 HOH 108 2108 2108 HOH HOH A . 
C 3 HOH 109 2109 2109 HOH HOH A . 
C 3 HOH 110 2110 2110 HOH HOH A . 
C 3 HOH 111 2111 2111 HOH HOH A . 
C 3 HOH 112 2112 2112 HOH HOH A . 
# 
loop_
_software.name 
_software.classification 
_software.version 
_software.citation_id 
_software.pdbx_ordinal 
_software.date 
_software.type 
_software.location 
_software.language 
XDS    'data reduction' .        ? 1 ? ? ? ? 
XDS    'data scaling'   .        ? 2 ? ? ? ? 
SHELXD phasing          .        ? 3 ? ? ? ? 
SHARP  phasing          .        ? 4 ? ? ? ? 
REFMAC refinement       5.5.0102 ? 5 ? ? ? ? 
# 
_cell.entry_id           2XRH 
_cell.length_a           47.770 
_cell.length_b           47.770 
_cell.length_c           83.360 
_cell.angle_alpha        90.00 
_cell.angle_beta         90.00 
_cell.angle_gamma        120.00 
_cell.Z_PDB              6 
_cell.pdbx_unique_axis   ? 
# 
_symmetry.entry_id                         2XRH 
_symmetry.space_group_name_H-M             'P 31 2 1' 
_symmetry.pdbx_full_space_group_name_H-M   ? 
_symmetry.cell_setting                     ? 
_symmetry.Int_Tables_number                152 
# 
_exptl.entry_id          2XRH 
_exptl.method            'X-RAY DIFFRACTION' 
_exptl.crystals_number   1 
# 
_exptl_crystal.id                    1 
_exptl_crystal.density_meas          ? 
_exptl_crystal.density_Matthews      2.3 
_exptl_crystal.density_percent_sol   46 
_exptl_crystal.description           NONE 
_exptl_crystal.preparation           ? 
# 
_exptl_crystal_grow.crystal_id      1 
_exptl_crystal_grow.method          ? 
_exptl_crystal_grow.temp            ? 
_exptl_crystal_grow.temp_details    ? 
_exptl_crystal_grow.pH              7 
_exptl_crystal_grow.pdbx_pH_range   ? 
_exptl_crystal_grow.pdbx_details    '2.9M SODIUM MALONATE, PH 7' 
# 
_diffrn.id                     1 
_diffrn.ambient_temp           100 
_diffrn.ambient_temp_details   ? 
_diffrn.crystal_id             1 
# 
_diffrn_detector.diffrn_id              1 
_diffrn_detector.detector               CCD 
_diffrn_detector.type                   'ADSC CCD' 
_diffrn_detector.pdbx_collection_date   ? 
_diffrn_detector.details                MIRRORS 
# 
_diffrn_radiation.diffrn_id                        1 
_diffrn_radiation.wavelength_id                    1 
_diffrn_radiation.pdbx_monochromatic_or_laue_m_l   M 
_diffrn_radiation.monochromator                    SI111 
_diffrn_radiation.pdbx_diffrn_protocol             MAD 
_diffrn_radiation.pdbx_scattering_type             x-ray 
# 
loop_
_diffrn_radiation_wavelength.id 
_diffrn_radiation_wavelength.wavelength 
_diffrn_radiation_wavelength.wt 
1 0.954 1.0 
2 1.907 1.0 
# 
_diffrn_source.diffrn_id                   1 
_diffrn_source.source                      SYNCHROTRON 
_diffrn_source.type                        'ESRF BEAMLINE ID29' 
_diffrn_source.pdbx_synchrotron_site       ESRF 
_diffrn_source.pdbx_synchrotron_beamline   ID29 
_diffrn_source.pdbx_wavelength             ? 
_diffrn_source.pdbx_wavelength_list        '0.954, 1.907' 
# 
_reflns.pdbx_diffrn_id               1 
_reflns.pdbx_ordinal                 1 
_reflns.entry_id                     2XRH 
_reflns.observed_criterion_sigma_I   2.0 
_reflns.observed_criterion_sigma_F   ? 
_reflns.d_resolution_low             41.38 
_reflns.d_resolution_high            1.50 
_reflns.number_obs                   17909 
_reflns.number_all                   ? 
_reflns.percent_possible_obs         98.6 
_reflns.pdbx_Rmerge_I_obs            0.05 
_reflns.pdbx_Rsym_value              ? 
_reflns.pdbx_netI_over_sigmaI        11.58 
_reflns.B_iso_Wilson_estimate        17.636 
_reflns.pdbx_redundancy              5.11 
# 
_reflns_shell.pdbx_diffrn_id         1 
_reflns_shell.pdbx_ordinal           1 
_reflns_shell.d_res_high             1.50 
_reflns_shell.d_res_low              1.58 
_reflns_shell.percent_possible_all   93.2 
_reflns_shell.Rmerge_I_obs           0.48 
_reflns_shell.pdbx_Rsym_value        ? 
_reflns_shell.meanI_over_sigI_obs    1.60 
_reflns_shell.pdbx_redundancy        4.06 
# 
_refine.pdbx_refine_id                           'X-RAY DIFFRACTION' 
_refine.entry_id                                 2XRH 
_refine.pdbx_diffrn_id                           1 
_refine.pdbx_TLS_residual_ADP_flag               ? 
_refine.ls_number_reflns_obs                     17033 
_refine.ls_number_reflns_all                     ? 
_refine.pdbx_ls_sigma_I                          ? 
_refine.pdbx_ls_sigma_F                          . 
_refine.pdbx_data_cutoff_high_absF               ? 
_refine.pdbx_data_cutoff_low_absF                ? 
_refine.pdbx_data_cutoff_high_rms_absF           ? 
_refine.ls_d_res_low                             41.38 
_refine.ls_d_res_high                            1.50 
_refine.ls_percent_reflns_obs                    98.45 
_refine.ls_R_factor_obs                          0.17661 
_refine.ls_R_factor_all                          ? 
_refine.ls_R_factor_R_work                       0.17486 
_refine.ls_R_factor_R_free                       0.21020 
_refine.ls_R_factor_R_free_error                 ? 
_refine.ls_R_factor_R_free_error_details         ? 
_refine.ls_percent_reflns_R_free                 4.9 
_refine.ls_number_reflns_R_free                  875 
_refine.ls_number_parameters                     ? 
_refine.ls_number_restraints                     ? 
_refine.occupancy_min                            ? 
_refine.occupancy_max                            ? 
_refine.correlation_coeff_Fo_to_Fc               0.961 
_refine.correlation_coeff_Fo_to_Fc_free          0.946 
_refine.B_iso_mean                               16.761 
_refine.aniso_B[1][1]                            0.13 
_refine.aniso_B[2][2]                            0.13 
_refine.aniso_B[3][3]                            -0.20 
_refine.aniso_B[1][2]                            0.07 
_refine.aniso_B[1][3]                            0.00 
_refine.aniso_B[2][3]                            0.00 
_refine.solvent_model_details                    MASK 
_refine.solvent_model_param_ksol                 ? 
_refine.solvent_model_param_bsol                 ? 
_refine.pdbx_solvent_vdw_probe_radii             1.20 
_refine.pdbx_solvent_ion_probe_radii             0.80 
_refine.pdbx_solvent_shrinkage_radii             0.80 
_refine.pdbx_ls_cross_valid_method               THROUGHOUT 
_refine.details                                  'HYDROGENS HAVE BEEN ADDED IN THE RIDING POSITIONS. U VALUES REFINED INDIVIDUALLY' 
_refine.pdbx_starting_model                      NONE 
_refine.pdbx_method_to_determine_struct          MAD 
_refine.pdbx_isotropic_thermal_model             ? 
_refine.pdbx_stereochemistry_target_values       'MAXIMUM LIKELIHOOD' 
_refine.pdbx_stereochem_target_val_spec_case     ? 
_refine.pdbx_R_Free_selection_details            RANDOM 
_refine.pdbx_overall_ESU_R                       0.092 
_refine.pdbx_overall_ESU_R_Free                  0.077 
_refine.overall_SU_ML                            0.049 
_refine.pdbx_overall_phase_error                 ? 
_refine.overall_SU_B                             2.892 
_refine.overall_SU_R_Cruickshank_DPI             ? 
_refine.pdbx_overall_SU_R_free_Cruickshank_DPI   ? 
_refine.pdbx_overall_SU_R_Blow_DPI               ? 
_refine.pdbx_overall_SU_R_free_Blow_DPI          ? 
# 
_refine_hist.pdbx_refine_id                   'X-RAY DIFFRACTION' 
_refine_hist.cycle_id                         LAST 
_refine_hist.pdbx_number_atoms_protein        802 
_refine_hist.pdbx_number_atoms_nucleic_acid   0 
_refine_hist.pdbx_number_atoms_ligand         9 
_refine_hist.number_atoms_solvent             112 
_refine_hist.number_atoms_total               923 
_refine_hist.d_res_high                       1.50 
_refine_hist.d_res_low                        41.38 
# 
loop_
_refine_ls_restr.type 
_refine_ls_restr.dev_ideal 
_refine_ls_restr.dev_ideal_target 
_refine_ls_restr.weight 
_refine_ls_restr.number 
_refine_ls_restr.pdbx_refine_id 
_refine_ls_restr.pdbx_restraint_function 
r_bond_refined_d             0.017  0.022  ? 872  'X-RAY DIFFRACTION' ? 
r_bond_other_d               0.012  0.020  ? 630  'X-RAY DIFFRACTION' ? 
r_angle_refined_deg          1.652  1.990  ? 1166 'X-RAY DIFFRACTION' ? 
r_angle_other_deg            1.012  3.000  ? 1551 'X-RAY DIFFRACTION' ? 
r_dihedral_angle_1_deg       5.137  5.000  ? 109  'X-RAY DIFFRACTION' ? 
r_dihedral_angle_2_deg       39.088 25.854 ? 41   'X-RAY DIFFRACTION' ? 
r_dihedral_angle_3_deg       13.926 15.000 ? 187  'X-RAY DIFFRACTION' ? 
r_dihedral_angle_4_deg       8.453  15.000 ? 4    'X-RAY DIFFRACTION' ? 
r_chiral_restr               0.096  0.200  ? 120  'X-RAY DIFFRACTION' ? 
r_gen_planes_refined         0.007  0.020  ? 976  'X-RAY DIFFRACTION' ? 
r_gen_planes_other           0.001  0.020  ? 163  'X-RAY DIFFRACTION' ? 
r_nbd_refined                ?      ?      ? ?    'X-RAY DIFFRACTION' ? 
r_nbd_other                  ?      ?      ? ?    'X-RAY DIFFRACTION' ? 
r_nbtor_refined              ?      ?      ? ?    'X-RAY DIFFRACTION' ? 
r_nbtor_other                ?      ?      ? ?    'X-RAY DIFFRACTION' ? 
r_xyhbond_nbd_refined        ?      ?      ? ?    'X-RAY DIFFRACTION' ? 
r_xyhbond_nbd_other          ?      ?      ? ?    'X-RAY DIFFRACTION' ? 
r_metal_ion_refined          ?      ?      ? ?    'X-RAY DIFFRACTION' ? 
r_metal_ion_other            ?      ?      ? ?    'X-RAY DIFFRACTION' ? 
r_symmetry_vdw_refined       ?      ?      ? ?    'X-RAY DIFFRACTION' ? 
r_symmetry_vdw_other         ?      ?      ? ?    'X-RAY DIFFRACTION' ? 
r_symmetry_hbond_refined     ?      ?      ? ?    'X-RAY DIFFRACTION' ? 
r_symmetry_hbond_other       ?      ?      ? ?    'X-RAY DIFFRACTION' ? 
r_symmetry_metal_ion_refined ?      ?      ? ?    'X-RAY DIFFRACTION' ? 
r_symmetry_metal_ion_other   ?      ?      ? ?    'X-RAY DIFFRACTION' ? 
r_mcbond_it                  1.602  1.500  ? 532  'X-RAY DIFFRACTION' ? 
r_mcbond_other               0.523  1.500  ? 209  'X-RAY DIFFRACTION' ? 
r_mcangle_it                 2.605  2.000  ? 858  'X-RAY DIFFRACTION' ? 
r_mcangle_other              ?      ?      ? ?    'X-RAY DIFFRACTION' ? 
r_scbond_it                  4.238  3.000  ? 340  'X-RAY DIFFRACTION' ? 
r_scbond_other               ?      ?      ? ?    'X-RAY DIFFRACTION' ? 
r_scangle_it                 6.736  4.500  ? 308  'X-RAY DIFFRACTION' ? 
r_scangle_other              ?      ?      ? ?    'X-RAY DIFFRACTION' ? 
r_long_range_B_refined       ?      ?      ? ?    'X-RAY DIFFRACTION' ? 
r_long_range_B_other         ?      ?      ? ?    'X-RAY DIFFRACTION' ? 
r_rigid_bond_restr           1.741  3.000  ? 1502 'X-RAY DIFFRACTION' ? 
r_sphericity_free            ?      ?      ? ?    'X-RAY DIFFRACTION' ? 
r_sphericity_bonded          ?      ?      ? ?    'X-RAY DIFFRACTION' ? 
# 
_refine_ls_shell.pdbx_refine_id                   'X-RAY DIFFRACTION' 
_refine_ls_shell.pdbx_total_number_of_bins_used   20 
_refine_ls_shell.d_res_high                       1.501 
_refine_ls_shell.d_res_low                        1.540 
_refine_ls_shell.number_reflns_R_work             1108 
_refine_ls_shell.R_factor_R_work                  0.239 
_refine_ls_shell.percent_reflns_obs               87.42 
_refine_ls_shell.R_factor_R_free                  0.345 
_refine_ls_shell.R_factor_R_free_error            ? 
_refine_ls_shell.percent_reflns_R_free            ? 
_refine_ls_shell.number_reflns_R_free             53 
_refine_ls_shell.number_reflns_all                ? 
_refine_ls_shell.R_factor_all                     ? 
# 
_struct.entry_id                  2XRH 
_struct.title                     'Crystal structure of the truncated form of HP0721' 
_struct.pdbx_model_details        ? 
_struct.pdbx_CASP_flag            ? 
_struct.pdbx_model_type_details   ? 
# 
_struct_keywords.entry_id        2XRH 
_struct_keywords.pdbx_keywords   'UNKNOWN FUNCTION' 
_struct_keywords.text            'UNKNOWN FUNCTION' 
# 
loop_
_struct_asym.id 
_struct_asym.pdbx_blank_PDB_chainid_flag 
_struct_asym.pdbx_modified 
_struct_asym.entity_id 
_struct_asym.details 
A N N 1 ? 
B N N 2 ? 
C N N 3 ? 
# 
_struct_ref.id                         1 
_struct_ref.db_name                    UNP 
_struct_ref.db_code                    O25423_HELPY 
_struct_ref.entity_id                  1 
_struct_ref.pdbx_seq_one_letter_code   ? 
_struct_ref.pdbx_align_begin           ? 
_struct_ref.pdbx_db_accession          O25423 
_struct_ref.pdbx_db_isoform            ? 
# 
_struct_ref_seq.align_id                      1 
_struct_ref_seq.ref_id                        1 
_struct_ref_seq.pdbx_PDB_id_code              2XRH 
_struct_ref_seq.pdbx_strand_id                A 
_struct_ref_seq.seq_align_beg                 8 
_struct_ref_seq.pdbx_seq_align_beg_ins_code   ? 
_struct_ref_seq.seq_align_end                 100 
_struct_ref_seq.pdbx_seq_align_end_ins_code   ? 
_struct_ref_seq.pdbx_db_accession             O25423 
_struct_ref_seq.db_align_beg                  20 
_struct_ref_seq.pdbx_db_align_beg_ins_code    ? 
_struct_ref_seq.db_align_end                  112 
_struct_ref_seq.pdbx_db_align_end_ins_code    ? 
_struct_ref_seq.pdbx_auth_seq_align_beg       20 
_struct_ref_seq.pdbx_auth_seq_align_end       112 
# 
loop_
_struct_ref_seq_dif.align_id 
_struct_ref_seq_dif.pdbx_pdb_id_code 
_struct_ref_seq_dif.mon_id 
_struct_ref_seq_dif.pdbx_pdb_strand_id 
_struct_ref_seq_dif.seq_num 
_struct_ref_seq_dif.pdbx_pdb_ins_code 
_struct_ref_seq_dif.pdbx_seq_db_name 
_struct_ref_seq_dif.pdbx_seq_db_accession_code 
_struct_ref_seq_dif.db_mon_id 
_struct_ref_seq_dif.pdbx_seq_db_seq_num 
_struct_ref_seq_dif.details 
_struct_ref_seq_dif.pdbx_auth_seq_num 
_struct_ref_seq_dif.pdbx_ordinal 
1 2XRH ALA A 1 ? UNP O25423 ? ? 'expression tag' 13 1 
1 2XRH ILE A 2 ? UNP O25423 ? ? 'expression tag' 14 2 
1 2XRH ASP A 3 ? UNP O25423 ? ? 'expression tag' 15 3 
1 2XRH PRO A 4 ? UNP O25423 ? ? 'expression tag' 16 4 
1 2XRH PHE A 5 ? UNP O25423 ? ? 'expression tag' 17 5 
1 2XRH THR A 6 ? UNP O25423 ? ? 'expression tag' 18 6 
1 2XRH MET A 7 ? UNP O25423 ? ? 'expression tag' 19 7 
# 
_pdbx_struct_assembly.id                   1 
_pdbx_struct_assembly.details              author_and_software_defined_assembly 
_pdbx_struct_assembly.method_details       PISA 
_pdbx_struct_assembly.oligomeric_details   dimeric 
_pdbx_struct_assembly.oligomeric_count     2 
# 
loop_
_pdbx_struct_assembly_prop.biol_id 
_pdbx_struct_assembly_prop.type 
_pdbx_struct_assembly_prop.value 
_pdbx_struct_assembly_prop.details 
1 'ABSA (A^2)' 1380  ? 
1 MORE         -7.3  ? 
1 'SSA (A^2)'  13170 ? 
# 
_pdbx_struct_assembly_gen.assembly_id       1 
_pdbx_struct_assembly_gen.oper_expression   1,2 
_pdbx_struct_assembly_gen.asym_id_list      A,B,C 
# 
loop_
_pdbx_struct_oper_list.id 
_pdbx_struct_oper_list.type 
_pdbx_struct_oper_list.name 
_pdbx_struct_oper_list.symmetry_operation 
_pdbx_struct_oper_list.matrix[1][1] 
_pdbx_struct_oper_list.matrix[1][2] 
_pdbx_struct_oper_list.matrix[1][3] 
_pdbx_struct_oper_list.vector[1] 
_pdbx_struct_oper_list.matrix[2][1] 
_pdbx_struct_oper_list.matrix[2][2] 
_pdbx_struct_oper_list.matrix[2][3] 
_pdbx_struct_oper_list.vector[2] 
_pdbx_struct_oper_list.matrix[3][1] 
_pdbx_struct_oper_list.matrix[3][2] 
_pdbx_struct_oper_list.matrix[3][3] 
_pdbx_struct_oper_list.vector[3] 
1 'identity operation'         1_555 x,y,z         1.0000000000  0.0000000000  0.0000000000 0.0000000000   0.0000000000  1.0000000000  0.0000000000  0.0000000000   0.0000000000 0.0000000000  1.0000000000 0.0000000000 
2 'crystal symmetry operation' 5_554 x-y,-y,-z-1/3 -0.9068617590 -0.0637381606 0.4165803608 -29.5950076310 -0.0637381606 -0.9563814705 -0.2850823212 -14.3414173084 0.4165803608 -0.2850823212 0.8632432294 4.4225113990 
# 
loop_
_struct_conf.conf_type_id 
_struct_conf.id 
_struct_conf.pdbx_PDB_helix_id 
_struct_conf.beg_label_comp_id 
_struct_conf.beg_label_asym_id 
_struct_conf.beg_label_seq_id 
_struct_conf.pdbx_beg_PDB_ins_code 
_struct_conf.end_label_comp_id 
_struct_conf.end_label_asym_id 
_struct_conf.end_label_seq_id 
_struct_conf.pdbx_end_PDB_ins_code 
_struct_conf.beg_auth_comp_id 
_struct_conf.beg_auth_asym_id 
_struct_conf.beg_auth_seq_id 
_struct_conf.end_auth_comp_id 
_struct_conf.end_auth_asym_id 
_struct_conf.end_auth_seq_id 
_struct_conf.pdbx_PDB_helix_class 
_struct_conf.details 
_struct_conf.pdbx_PDB_helix_length 
HELX_P HELX_P1 1 SER A 15 ? MET A 22  ? SER A 27  MET A 34  1 ? 8  
HELX_P HELX_P2 2 ALA A 27 ? GLN A 29  ? ALA A 39  GLN A 41  5 ? 3  
HELX_P HELX_P3 3 ASP A 30 ? MET A 45  ? ASP A 42  MET A 57  1 ? 16 
HELX_P HELX_P4 4 PRO A 46 ? ASP A 66  ? PRO A 58  ASP A 78  1 ? 21 
HELX_P HELX_P5 5 THR A 69 ? GLY A 87  ? THR A 81  GLY A 99  1 ? 19 
HELX_P HELX_P6 6 PHE A 96 ? SER A 100 ? PHE A 108 SER A 112 5 ? 5  
# 
_struct_conf_type.id          HELX_P 
_struct_conf_type.criteria    ? 
_struct_conf_type.reference   ? 
# 
_struct_site.id                   AC1 
_struct_site.pdbx_evidence_code   Software 
_struct_site.pdbx_auth_asym_id    A 
_struct_site.pdbx_auth_comp_id    NIO 
_struct_site.pdbx_auth_seq_id     200 
_struct_site.pdbx_auth_ins_code   ? 
_struct_site.pdbx_num_residues    7 
_struct_site.details              'BINDING SITE FOR RESIDUE NIO A 200' 
# 
loop_
_struct_site_gen.id 
_struct_site_gen.site_id 
_struct_site_gen.pdbx_num_res 
_struct_site_gen.label_comp_id 
_struct_site_gen.label_asym_id 
_struct_site_gen.label_seq_id 
_struct_site_gen.pdbx_auth_ins_code 
_struct_site_gen.auth_comp_id 
_struct_site_gen.auth_asym_id 
_struct_site_gen.auth_seq_id 
_struct_site_gen.label_atom_id 
_struct_site_gen.label_alt_id 
_struct_site_gen.symmetry 
_struct_site_gen.details 
1 AC1 7 GLY A 24 ? GLY A 36   . ? 1_555 ? 
2 AC1 7 ILE A 31 ? ILE A 43   . ? 1_555 ? 
3 AC1 7 THR A 35 ? THR A 47   . ? 1_555 ? 
4 AC1 7 ARG A 76 ? ARG A 88   . ? 1_555 ? 
5 AC1 7 GLN A 77 ? GLN A 89   . ? 1_555 ? 
6 AC1 7 MET A 92 ? MET A 104  . ? 1_555 ? 
7 AC1 7 HOH C .  ? HOH A 2112 . ? 1_555 ? 
# 
_pdbx_validate_close_contact.id               1 
_pdbx_validate_close_contact.PDB_model_num    1 
_pdbx_validate_close_contact.auth_atom_id_1   OE1 
_pdbx_validate_close_contact.auth_asym_id_1   A 
_pdbx_validate_close_contact.auth_comp_id_1   GLN 
_pdbx_validate_close_contact.auth_seq_id_1    89 
_pdbx_validate_close_contact.PDB_ins_code_1   ? 
_pdbx_validate_close_contact.label_alt_id_1   ? 
_pdbx_validate_close_contact.auth_atom_id_2   O 
_pdbx_validate_close_contact.auth_asym_id_2   A 
_pdbx_validate_close_contact.auth_comp_id_2   HOH 
_pdbx_validate_close_contact.auth_seq_id_2    2095 
_pdbx_validate_close_contact.PDB_ins_code_2   ? 
_pdbx_validate_close_contact.label_alt_id_2   ? 
_pdbx_validate_close_contact.dist             2.08 
# 
_pdbx_validate_symm_contact.id                1 
_pdbx_validate_symm_contact.PDB_model_num     1 
_pdbx_validate_symm_contact.auth_atom_id_1    O 
_pdbx_validate_symm_contact.auth_asym_id_1    A 
_pdbx_validate_symm_contact.auth_comp_id_1    HOH 
_pdbx_validate_symm_contact.auth_seq_id_1     2028 
_pdbx_validate_symm_contact.PDB_ins_code_1    ? 
_pdbx_validate_symm_contact.label_alt_id_1    ? 
_pdbx_validate_symm_contact.site_symmetry_1   1_555 
_pdbx_validate_symm_contact.auth_atom_id_2    O 
_pdbx_validate_symm_contact.auth_asym_id_2    A 
_pdbx_validate_symm_contact.auth_comp_id_2    HOH 
_pdbx_validate_symm_contact.auth_seq_id_2     2062 
_pdbx_validate_symm_contact.PDB_ins_code_2    ? 
_pdbx_validate_symm_contact.label_alt_id_2    ? 
_pdbx_validate_symm_contact.site_symmetry_2   5_664 
_pdbx_validate_symm_contact.dist              2.13 
# 
_pdbx_validate_rmsd_angle.id                         1 
_pdbx_validate_rmsd_angle.PDB_model_num              1 
_pdbx_validate_rmsd_angle.auth_atom_id_1             NE 
_pdbx_validate_rmsd_angle.auth_asym_id_1             A 
_pdbx_validate_rmsd_angle.auth_comp_id_1             ARG 
_pdbx_validate_rmsd_angle.auth_seq_id_1              88 
_pdbx_validate_rmsd_angle.PDB_ins_code_1             ? 
_pdbx_validate_rmsd_angle.label_alt_id_1             ? 
_pdbx_validate_rmsd_angle.auth_atom_id_2             CZ 
_pdbx_validate_rmsd_angle.auth_asym_id_2             A 
_pdbx_validate_rmsd_angle.auth_comp_id_2             ARG 
_pdbx_validate_rmsd_angle.auth_seq_id_2              88 
_pdbx_validate_rmsd_angle.PDB_ins_code_2             ? 
_pdbx_validate_rmsd_angle.label_alt_id_2             ? 
_pdbx_validate_rmsd_angle.auth_atom_id_3             NH1 
_pdbx_validate_rmsd_angle.auth_asym_id_3             A 
_pdbx_validate_rmsd_angle.auth_comp_id_3             ARG 
_pdbx_validate_rmsd_angle.auth_seq_id_3              88 
_pdbx_validate_rmsd_angle.PDB_ins_code_3             ? 
_pdbx_validate_rmsd_angle.label_alt_id_3             ? 
_pdbx_validate_rmsd_angle.angle_value                125.06 
_pdbx_validate_rmsd_angle.angle_target_value         120.30 
_pdbx_validate_rmsd_angle.angle_deviation            4.76 
_pdbx_validate_rmsd_angle.angle_standard_deviation   0.50 
_pdbx_validate_rmsd_angle.linker_flag                N 
# 
loop_
_pdbx_validate_torsion.id 
_pdbx_validate_torsion.PDB_model_num 
_pdbx_validate_torsion.auth_comp_id 
_pdbx_validate_torsion.auth_asym_id 
_pdbx_validate_torsion.auth_seq_id 
_pdbx_validate_torsion.PDB_ins_code 
_pdbx_validate_torsion.label_alt_id 
_pdbx_validate_torsion.phi 
_pdbx_validate_torsion.psi 
1 1 GLU A 102 ? ? -66.59 18.70  
2 1 ASP A 103 ? ? 56.42  134.22 
3 1 PHE A 108 ? ? -63.23 3.25   
# 
loop_
_pdbx_struct_special_symmetry.id 
_pdbx_struct_special_symmetry.PDB_model_num 
_pdbx_struct_special_symmetry.auth_asym_id 
_pdbx_struct_special_symmetry.auth_comp_id 
_pdbx_struct_special_symmetry.auth_seq_id 
_pdbx_struct_special_symmetry.PDB_ins_code 
_pdbx_struct_special_symmetry.label_asym_id 
_pdbx_struct_special_symmetry.label_comp_id 
_pdbx_struct_special_symmetry.label_seq_id 
1 1 A HOH 2013 ? C HOH . 
2 1 A HOH 2014 ? C HOH . 
3 1 A HOH 2022 ? C HOH . 
4 1 A HOH 2048 ? C HOH . 
5 1 A HOH 2107 ? C HOH . 
# 
_pdbx_entry_details.entry_id                 2XRH 
_pdbx_entry_details.compound_details         ? 
_pdbx_entry_details.source_details           ? 
_pdbx_entry_details.nonpolymer_details       
;NICOTINIC ACID (NIO): ENDOGENOUS LIGAND. IDENTITY NOT
 CONFIRMED.
;
_pdbx_entry_details.sequence_details         ? 
_pdbx_entry_details.has_ligand_of_interest   ? 
# 
_pdbx_distant_solvent_atoms.id                                1 
_pdbx_distant_solvent_atoms.PDB_model_num                     1 
_pdbx_distant_solvent_atoms.auth_atom_id                      O 
_pdbx_distant_solvent_atoms.label_alt_id                      ? 
_pdbx_distant_solvent_atoms.auth_asym_id                      A 
_pdbx_distant_solvent_atoms.auth_comp_id                      HOH 
_pdbx_distant_solvent_atoms.auth_seq_id                       2010 
_pdbx_distant_solvent_atoms.PDB_ins_code                      ? 
_pdbx_distant_solvent_atoms.neighbor_macromolecule_distance   6.96 
_pdbx_distant_solvent_atoms.neighbor_ligand_distance          . 
# 
loop_
_chem_comp_atom.comp_id 
_chem_comp_atom.atom_id 
_chem_comp_atom.type_symbol 
_chem_comp_atom.pdbx_aromatic_flag 
_chem_comp_atom.pdbx_stereo_config 
_chem_comp_atom.pdbx_ordinal 
ALA N    N N N 1   
ALA CA   C N S 2   
ALA C    C N N 3   
ALA O    O N N 4   
ALA CB   C N N 5   
ALA OXT  O N N 6   
ALA H    H N N 7   
ALA H2   H N N 8   
ALA HA   H N N 9   
ALA HB1  H N N 10  
ALA HB2  H N N 11  
ALA HB3  H N N 12  
ALA HXT  H N N 13  
ARG N    N N N 14  
ARG CA   C N S 15  
ARG C    C N N 16  
ARG O    O N N 17  
ARG CB   C N N 18  
ARG CG   C N N 19  
ARG CD   C N N 20  
ARG NE   N N N 21  
ARG CZ   C N N 22  
ARG NH1  N N N 23  
ARG NH2  N N N 24  
ARG OXT  O N N 25  
ARG H    H N N 26  
ARG H2   H N N 27  
ARG HA   H N N 28  
ARG HB2  H N N 29  
ARG HB3  H N N 30  
ARG HG2  H N N 31  
ARG HG3  H N N 32  
ARG HD2  H N N 33  
ARG HD3  H N N 34  
ARG HE   H N N 35  
ARG HH11 H N N 36  
ARG HH12 H N N 37  
ARG HH21 H N N 38  
ARG HH22 H N N 39  
ARG HXT  H N N 40  
ASN N    N N N 41  
ASN CA   C N S 42  
ASN C    C N N 43  
ASN O    O N N 44  
ASN CB   C N N 45  
ASN CG   C N N 46  
ASN OD1  O N N 47  
ASN ND2  N N N 48  
ASN OXT  O N N 49  
ASN H    H N N 50  
ASN H2   H N N 51  
ASN HA   H N N 52  
ASN HB2  H N N 53  
ASN HB3  H N N 54  
ASN HD21 H N N 55  
ASN HD22 H N N 56  
ASN HXT  H N N 57  
ASP N    N N N 58  
ASP CA   C N S 59  
ASP C    C N N 60  
ASP O    O N N 61  
ASP CB   C N N 62  
ASP CG   C N N 63  
ASP OD1  O N N 64  
ASP OD2  O N N 65  
ASP OXT  O N N 66  
ASP H    H N N 67  
ASP H2   H N N 68  
ASP HA   H N N 69  
ASP HB2  H N N 70  
ASP HB3  H N N 71  
ASP HD2  H N N 72  
ASP HXT  H N N 73  
GLN N    N N N 74  
GLN CA   C N S 75  
GLN C    C N N 76  
GLN O    O N N 77  
GLN CB   C N N 78  
GLN CG   C N N 79  
GLN CD   C N N 80  
GLN OE1  O N N 81  
GLN NE2  N N N 82  
GLN OXT  O N N 83  
GLN H    H N N 84  
GLN H2   H N N 85  
GLN HA   H N N 86  
GLN HB2  H N N 87  
GLN HB3  H N N 88  
GLN HG2  H N N 89  
GLN HG3  H N N 90  
GLN HE21 H N N 91  
GLN HE22 H N N 92  
GLN HXT  H N N 93  
GLU N    N N N 94  
GLU CA   C N S 95  
GLU C    C N N 96  
GLU O    O N N 97  
GLU CB   C N N 98  
GLU CG   C N N 99  
GLU CD   C N N 100 
GLU OE1  O N N 101 
GLU OE2  O N N 102 
GLU OXT  O N N 103 
GLU H    H N N 104 
GLU H2   H N N 105 
GLU HA   H N N 106 
GLU HB2  H N N 107 
GLU HB3  H N N 108 
GLU HG2  H N N 109 
GLU HG3  H N N 110 
GLU HE2  H N N 111 
GLU HXT  H N N 112 
GLY N    N N N 113 
GLY CA   C N N 114 
GLY C    C N N 115 
GLY O    O N N 116 
GLY OXT  O N N 117 
GLY H    H N N 118 
GLY H2   H N N 119 
GLY HA2  H N N 120 
GLY HA3  H N N 121 
GLY HXT  H N N 122 
HIS N    N N N 123 
HIS CA   C N S 124 
HIS C    C N N 125 
HIS O    O N N 126 
HIS CB   C N N 127 
HIS CG   C Y N 128 
HIS ND1  N Y N 129 
HIS CD2  C Y N 130 
HIS CE1  C Y N 131 
HIS NE2  N Y N 132 
HIS OXT  O N N 133 
HIS H    H N N 134 
HIS H2   H N N 135 
HIS HA   H N N 136 
HIS HB2  H N N 137 
HIS HB3  H N N 138 
HIS HD1  H N N 139 
HIS HD2  H N N 140 
HIS HE1  H N N 141 
HIS HE2  H N N 142 
HIS HXT  H N N 143 
HOH O    O N N 144 
HOH H1   H N N 145 
HOH H2   H N N 146 
ILE N    N N N 147 
ILE CA   C N S 148 
ILE C    C N N 149 
ILE O    O N N 150 
ILE CB   C N S 151 
ILE CG1  C N N 152 
ILE CG2  C N N 153 
ILE CD1  C N N 154 
ILE OXT  O N N 155 
ILE H    H N N 156 
ILE H2   H N N 157 
ILE HA   H N N 158 
ILE HB   H N N 159 
ILE HG12 H N N 160 
ILE HG13 H N N 161 
ILE HG21 H N N 162 
ILE HG22 H N N 163 
ILE HG23 H N N 164 
ILE HD11 H N N 165 
ILE HD12 H N N 166 
ILE HD13 H N N 167 
ILE HXT  H N N 168 
LEU N    N N N 169 
LEU CA   C N S 170 
LEU C    C N N 171 
LEU O    O N N 172 
LEU CB   C N N 173 
LEU CG   C N N 174 
LEU CD1  C N N 175 
LEU CD2  C N N 176 
LEU OXT  O N N 177 
LEU H    H N N 178 
LEU H2   H N N 179 
LEU HA   H N N 180 
LEU HB2  H N N 181 
LEU HB3  H N N 182 
LEU HG   H N N 183 
LEU HD11 H N N 184 
LEU HD12 H N N 185 
LEU HD13 H N N 186 
LEU HD21 H N N 187 
LEU HD22 H N N 188 
LEU HD23 H N N 189 
LEU HXT  H N N 190 
LYS N    N N N 191 
LYS CA   C N S 192 
LYS C    C N N 193 
LYS O    O N N 194 
LYS CB   C N N 195 
LYS CG   C N N 196 
LYS CD   C N N 197 
LYS CE   C N N 198 
LYS NZ   N N N 199 
LYS OXT  O N N 200 
LYS H    H N N 201 
LYS H2   H N N 202 
LYS HA   H N N 203 
LYS HB2  H N N 204 
LYS HB3  H N N 205 
LYS HG2  H N N 206 
LYS HG3  H N N 207 
LYS HD2  H N N 208 
LYS HD3  H N N 209 
LYS HE2  H N N 210 
LYS HE3  H N N 211 
LYS HZ1  H N N 212 
LYS HZ2  H N N 213 
LYS HZ3  H N N 214 
LYS HXT  H N N 215 
MET N    N N N 216 
MET CA   C N S 217 
MET C    C N N 218 
MET O    O N N 219 
MET CB   C N N 220 
MET CG   C N N 221 
MET SD   S N N 222 
MET CE   C N N 223 
MET OXT  O N N 224 
MET H    H N N 225 
MET H2   H N N 226 
MET HA   H N N 227 
MET HB2  H N N 228 
MET HB3  H N N 229 
MET HG2  H N N 230 
MET HG3  H N N 231 
MET HE1  H N N 232 
MET HE2  H N N 233 
MET HE3  H N N 234 
MET HXT  H N N 235 
NIO N    N Y N 236 
NIO C1   C Y N 237 
NIO C2   C Y N 238 
NIO C3   C Y N 239 
NIO C4   C Y N 240 
NIO C5   C Y N 241 
NIO C6   C N N 242 
NIO O1   O N N 243 
NIO O2   O N N 244 
NIO H1   H N N 245 
NIO H3   H N N 246 
NIO H4   H N N 247 
NIO H5   H N N 248 
NIO HO2  H N N 249 
PHE N    N N N 250 
PHE CA   C N S 251 
PHE C    C N N 252 
PHE O    O N N 253 
PHE CB   C N N 254 
PHE CG   C Y N 255 
PHE CD1  C Y N 256 
PHE CD2  C Y N 257 
PHE CE1  C Y N 258 
PHE CE2  C Y N 259 
PHE CZ   C Y N 260 
PHE OXT  O N N 261 
PHE H    H N N 262 
PHE H2   H N N 263 
PHE HA   H N N 264 
PHE HB2  H N N 265 
PHE HB3  H N N 266 
PHE HD1  H N N 267 
PHE HD2  H N N 268 
PHE HE1  H N N 269 
PHE HE2  H N N 270 
PHE HZ   H N N 271 
PHE HXT  H N N 272 
PRO N    N N N 273 
PRO CA   C N S 274 
PRO C    C N N 275 
PRO O    O N N 276 
PRO CB   C N N 277 
PRO CG   C N N 278 
PRO CD   C N N 279 
PRO OXT  O N N 280 
PRO H    H N N 281 
PRO HA   H N N 282 
PRO HB2  H N N 283 
PRO HB3  H N N 284 
PRO HG2  H N N 285 
PRO HG3  H N N 286 
PRO HD2  H N N 287 
PRO HD3  H N N 288 
PRO HXT  H N N 289 
SER N    N N N 290 
SER CA   C N S 291 
SER C    C N N 292 
SER O    O N N 293 
SER CB   C N N 294 
SER OG   O N N 295 
SER OXT  O N N 296 
SER H    H N N 297 
SER H2   H N N 298 
SER HA   H N N 299 
SER HB2  H N N 300 
SER HB3  H N N 301 
SER HG   H N N 302 
SER HXT  H N N 303 
THR N    N N N 304 
THR CA   C N S 305 
THR C    C N N 306 
THR O    O N N 307 
THR CB   C N R 308 
THR OG1  O N N 309 
THR CG2  C N N 310 
THR OXT  O N N 311 
THR H    H N N 312 
THR H2   H N N 313 
THR HA   H N N 314 
THR HB   H N N 315 
THR HG1  H N N 316 
THR HG21 H N N 317 
THR HG22 H N N 318 
THR HG23 H N N 319 
THR HXT  H N N 320 
TYR N    N N N 321 
TYR CA   C N S 322 
TYR C    C N N 323 
TYR O    O N N 324 
TYR CB   C N N 325 
TYR CG   C Y N 326 
TYR CD1  C Y N 327 
TYR CD2  C Y N 328 
TYR CE1  C Y N 329 
TYR CE2  C Y N 330 
TYR CZ   C Y N 331 
TYR OH   O N N 332 
TYR OXT  O N N 333 
TYR H    H N N 334 
TYR H2   H N N 335 
TYR HA   H N N 336 
TYR HB2  H N N 337 
TYR HB3  H N N 338 
TYR HD1  H N N 339 
TYR HD2  H N N 340 
TYR HE1  H N N 341 
TYR HE2  H N N 342 
TYR HH   H N N 343 
TYR HXT  H N N 344 
VAL N    N N N 345 
VAL CA   C N S 346 
VAL C    C N N 347 
VAL O    O N N 348 
VAL CB   C N N 349 
VAL CG1  C N N 350 
VAL CG2  C N N 351 
VAL OXT  O N N 352 
VAL H    H N N 353 
VAL H2   H N N 354 
VAL HA   H N N 355 
VAL HB   H N N 356 
VAL HG11 H N N 357 
VAL HG12 H N N 358 
VAL HG13 H N N 359 
VAL HG21 H N N 360 
VAL HG22 H N N 361 
VAL HG23 H N N 362 
VAL HXT  H N N 363 
# 
loop_
_chem_comp_bond.comp_id 
_chem_comp_bond.atom_id_1 
_chem_comp_bond.atom_id_2 
_chem_comp_bond.value_order 
_chem_comp_bond.pdbx_aromatic_flag 
_chem_comp_bond.pdbx_stereo_config 
_chem_comp_bond.pdbx_ordinal 
ALA N   CA   sing N N 1   
ALA N   H    sing N N 2   
ALA N   H2   sing N N 3   
ALA CA  C    sing N N 4   
ALA CA  CB   sing N N 5   
ALA CA  HA   sing N N 6   
ALA C   O    doub N N 7   
ALA C   OXT  sing N N 8   
ALA CB  HB1  sing N N 9   
ALA CB  HB2  sing N N 10  
ALA CB  HB3  sing N N 11  
ALA OXT HXT  sing N N 12  
ARG N   CA   sing N N 13  
ARG N   H    sing N N 14  
ARG N   H2   sing N N 15  
ARG CA  C    sing N N 16  
ARG CA  CB   sing N N 17  
ARG CA  HA   sing N N 18  
ARG C   O    doub N N 19  
ARG C   OXT  sing N N 20  
ARG CB  CG   sing N N 21  
ARG CB  HB2  sing N N 22  
ARG CB  HB3  sing N N 23  
ARG CG  CD   sing N N 24  
ARG CG  HG2  sing N N 25  
ARG CG  HG3  sing N N 26  
ARG CD  NE   sing N N 27  
ARG CD  HD2  sing N N 28  
ARG CD  HD3  sing N N 29  
ARG NE  CZ   sing N N 30  
ARG NE  HE   sing N N 31  
ARG CZ  NH1  sing N N 32  
ARG CZ  NH2  doub N N 33  
ARG NH1 HH11 sing N N 34  
ARG NH1 HH12 sing N N 35  
ARG NH2 HH21 sing N N 36  
ARG NH2 HH22 sing N N 37  
ARG OXT HXT  sing N N 38  
ASN N   CA   sing N N 39  
ASN N   H    sing N N 40  
ASN N   H2   sing N N 41  
ASN CA  C    sing N N 42  
ASN CA  CB   sing N N 43  
ASN CA  HA   sing N N 44  
ASN C   O    doub N N 45  
ASN C   OXT  sing N N 46  
ASN CB  CG   sing N N 47  
ASN CB  HB2  sing N N 48  
ASN CB  HB3  sing N N 49  
ASN CG  OD1  doub N N 50  
ASN CG  ND2  sing N N 51  
ASN ND2 HD21 sing N N 52  
ASN ND2 HD22 sing N N 53  
ASN OXT HXT  sing N N 54  
ASP N   CA   sing N N 55  
ASP N   H    sing N N 56  
ASP N   H2   sing N N 57  
ASP CA  C    sing N N 58  
ASP CA  CB   sing N N 59  
ASP CA  HA   sing N N 60  
ASP C   O    doub N N 61  
ASP C   OXT  sing N N 62  
ASP CB  CG   sing N N 63  
ASP CB  HB2  sing N N 64  
ASP CB  HB3  sing N N 65  
ASP CG  OD1  doub N N 66  
ASP CG  OD2  sing N N 67  
ASP OD2 HD2  sing N N 68  
ASP OXT HXT  sing N N 69  
GLN N   CA   sing N N 70  
GLN N   H    sing N N 71  
GLN N   H2   sing N N 72  
GLN CA  C    sing N N 73  
GLN CA  CB   sing N N 74  
GLN CA  HA   sing N N 75  
GLN C   O    doub N N 76  
GLN C   OXT  sing N N 77  
GLN CB  CG   sing N N 78  
GLN CB  HB2  sing N N 79  
GLN CB  HB3  sing N N 80  
GLN CG  CD   sing N N 81  
GLN CG  HG2  sing N N 82  
GLN CG  HG3  sing N N 83  
GLN CD  OE1  doub N N 84  
GLN CD  NE2  sing N N 85  
GLN NE2 HE21 sing N N 86  
GLN NE2 HE22 sing N N 87  
GLN OXT HXT  sing N N 88  
GLU N   CA   sing N N 89  
GLU N   H    sing N N 90  
GLU N   H2   sing N N 91  
GLU CA  C    sing N N 92  
GLU CA  CB   sing N N 93  
GLU CA  HA   sing N N 94  
GLU C   O    doub N N 95  
GLU C   OXT  sing N N 96  
GLU CB  CG   sing N N 97  
GLU CB  HB2  sing N N 98  
GLU CB  HB3  sing N N 99  
GLU CG  CD   sing N N 100 
GLU CG  HG2  sing N N 101 
GLU CG  HG3  sing N N 102 
GLU CD  OE1  doub N N 103 
GLU CD  OE2  sing N N 104 
GLU OE2 HE2  sing N N 105 
GLU OXT HXT  sing N N 106 
GLY N   CA   sing N N 107 
GLY N   H    sing N N 108 
GLY N   H2   sing N N 109 
GLY CA  C    sing N N 110 
GLY CA  HA2  sing N N 111 
GLY CA  HA3  sing N N 112 
GLY C   O    doub N N 113 
GLY C   OXT  sing N N 114 
GLY OXT HXT  sing N N 115 
HIS N   CA   sing N N 116 
HIS N   H    sing N N 117 
HIS N   H2   sing N N 118 
HIS CA  C    sing N N 119 
HIS CA  CB   sing N N 120 
HIS CA  HA   sing N N 121 
HIS C   O    doub N N 122 
HIS C   OXT  sing N N 123 
HIS CB  CG   sing N N 124 
HIS CB  HB2  sing N N 125 
HIS CB  HB3  sing N N 126 
HIS CG  ND1  sing Y N 127 
HIS CG  CD2  doub Y N 128 
HIS ND1 CE1  doub Y N 129 
HIS ND1 HD1  sing N N 130 
HIS CD2 NE2  sing Y N 131 
HIS CD2 HD2  sing N N 132 
HIS CE1 NE2  sing Y N 133 
HIS CE1 HE1  sing N N 134 
HIS NE2 HE2  sing N N 135 
HIS OXT HXT  sing N N 136 
HOH O   H1   sing N N 137 
HOH O   H2   sing N N 138 
ILE N   CA   sing N N 139 
ILE N   H    sing N N 140 
ILE N   H2   sing N N 141 
ILE CA  C    sing N N 142 
ILE CA  CB   sing N N 143 
ILE CA  HA   sing N N 144 
ILE C   O    doub N N 145 
ILE C   OXT  sing N N 146 
ILE CB  CG1  sing N N 147 
ILE CB  CG2  sing N N 148 
ILE CB  HB   sing N N 149 
ILE CG1 CD1  sing N N 150 
ILE CG1 HG12 sing N N 151 
ILE CG1 HG13 sing N N 152 
ILE CG2 HG21 sing N N 153 
ILE CG2 HG22 sing N N 154 
ILE CG2 HG23 sing N N 155 
ILE CD1 HD11 sing N N 156 
ILE CD1 HD12 sing N N 157 
ILE CD1 HD13 sing N N 158 
ILE OXT HXT  sing N N 159 
LEU N   CA   sing N N 160 
LEU N   H    sing N N 161 
LEU N   H2   sing N N 162 
LEU CA  C    sing N N 163 
LEU CA  CB   sing N N 164 
LEU CA  HA   sing N N 165 
LEU C   O    doub N N 166 
LEU C   OXT  sing N N 167 
LEU CB  CG   sing N N 168 
LEU CB  HB2  sing N N 169 
LEU CB  HB3  sing N N 170 
LEU CG  CD1  sing N N 171 
LEU CG  CD2  sing N N 172 
LEU CG  HG   sing N N 173 
LEU CD1 HD11 sing N N 174 
LEU CD1 HD12 sing N N 175 
LEU CD1 HD13 sing N N 176 
LEU CD2 HD21 sing N N 177 
LEU CD2 HD22 sing N N 178 
LEU CD2 HD23 sing N N 179 
LEU OXT HXT  sing N N 180 
LYS N   CA   sing N N 181 
LYS N   H    sing N N 182 
LYS N   H2   sing N N 183 
LYS CA  C    sing N N 184 
LYS CA  CB   sing N N 185 
LYS CA  HA   sing N N 186 
LYS C   O    doub N N 187 
LYS C   OXT  sing N N 188 
LYS CB  CG   sing N N 189 
LYS CB  HB2  sing N N 190 
LYS CB  HB3  sing N N 191 
LYS CG  CD   sing N N 192 
LYS CG  HG2  sing N N 193 
LYS CG  HG3  sing N N 194 
LYS CD  CE   sing N N 195 
LYS CD  HD2  sing N N 196 
LYS CD  HD3  sing N N 197 
LYS CE  NZ   sing N N 198 
LYS CE  HE2  sing N N 199 
LYS CE  HE3  sing N N 200 
LYS NZ  HZ1  sing N N 201 
LYS NZ  HZ2  sing N N 202 
LYS NZ  HZ3  sing N N 203 
LYS OXT HXT  sing N N 204 
MET N   CA   sing N N 205 
MET N   H    sing N N 206 
MET N   H2   sing N N 207 
MET CA  C    sing N N 208 
MET CA  CB   sing N N 209 
MET CA  HA   sing N N 210 
MET C   O    doub N N 211 
MET C   OXT  sing N N 212 
MET CB  CG   sing N N 213 
MET CB  HB2  sing N N 214 
MET CB  HB3  sing N N 215 
MET CG  SD   sing N N 216 
MET CG  HG2  sing N N 217 
MET CG  HG3  sing N N 218 
MET SD  CE   sing N N 219 
MET CE  HE1  sing N N 220 
MET CE  HE2  sing N N 221 
MET CE  HE3  sing N N 222 
MET OXT HXT  sing N N 223 
NIO N   C1   doub Y N 224 
NIO N   C5   sing Y N 225 
NIO C1  C2   sing Y N 226 
NIO C1  H1   sing N N 227 
NIO C2  C3   doub Y N 228 
NIO C2  C6   sing N N 229 
NIO C3  C4   sing Y N 230 
NIO C3  H3   sing N N 231 
NIO C4  C5   doub Y N 232 
NIO C4  H4   sing N N 233 
NIO C5  H5   sing N N 234 
NIO C6  O1   doub N N 235 
NIO C6  O2   sing N N 236 
NIO O2  HO2  sing N N 237 
PHE N   CA   sing N N 238 
PHE N   H    sing N N 239 
PHE N   H2   sing N N 240 
PHE CA  C    sing N N 241 
PHE CA  CB   sing N N 242 
PHE CA  HA   sing N N 243 
PHE C   O    doub N N 244 
PHE C   OXT  sing N N 245 
PHE CB  CG   sing N N 246 
PHE CB  HB2  sing N N 247 
PHE CB  HB3  sing N N 248 
PHE CG  CD1  doub Y N 249 
PHE CG  CD2  sing Y N 250 
PHE CD1 CE1  sing Y N 251 
PHE CD1 HD1  sing N N 252 
PHE CD2 CE2  doub Y N 253 
PHE CD2 HD2  sing N N 254 
PHE CE1 CZ   doub Y N 255 
PHE CE1 HE1  sing N N 256 
PHE CE2 CZ   sing Y N 257 
PHE CE2 HE2  sing N N 258 
PHE CZ  HZ   sing N N 259 
PHE OXT HXT  sing N N 260 
PRO N   CA   sing N N 261 
PRO N   CD   sing N N 262 
PRO N   H    sing N N 263 
PRO CA  C    sing N N 264 
PRO CA  CB   sing N N 265 
PRO CA  HA   sing N N 266 
PRO C   O    doub N N 267 
PRO C   OXT  sing N N 268 
PRO CB  CG   sing N N 269 
PRO CB  HB2  sing N N 270 
PRO CB  HB3  sing N N 271 
PRO CG  CD   sing N N 272 
PRO CG  HG2  sing N N 273 
PRO CG  HG3  sing N N 274 
PRO CD  HD2  sing N N 275 
PRO CD  HD3  sing N N 276 
PRO OXT HXT  sing N N 277 
SER N   CA   sing N N 278 
SER N   H    sing N N 279 
SER N   H2   sing N N 280 
SER CA  C    sing N N 281 
SER CA  CB   sing N N 282 
SER CA  HA   sing N N 283 
SER C   O    doub N N 284 
SER C   OXT  sing N N 285 
SER CB  OG   sing N N 286 
SER CB  HB2  sing N N 287 
SER CB  HB3  sing N N 288 
SER OG  HG   sing N N 289 
SER OXT HXT  sing N N 290 
THR N   CA   sing N N 291 
THR N   H    sing N N 292 
THR N   H2   sing N N 293 
THR CA  C    sing N N 294 
THR CA  CB   sing N N 295 
THR CA  HA   sing N N 296 
THR C   O    doub N N 297 
THR C   OXT  sing N N 298 
THR CB  OG1  sing N N 299 
THR CB  CG2  sing N N 300 
THR CB  HB   sing N N 301 
THR OG1 HG1  sing N N 302 
THR CG2 HG21 sing N N 303 
THR CG2 HG22 sing N N 304 
THR CG2 HG23 sing N N 305 
THR OXT HXT  sing N N 306 
TYR N   CA   sing N N 307 
TYR N   H    sing N N 308 
TYR N   H2   sing N N 309 
TYR CA  C    sing N N 310 
TYR CA  CB   sing N N 311 
TYR CA  HA   sing N N 312 
TYR C   O    doub N N 313 
TYR C   OXT  sing N N 314 
TYR CB  CG   sing N N 315 
TYR CB  HB2  sing N N 316 
TYR CB  HB3  sing N N 317 
TYR CG  CD1  doub Y N 318 
TYR CG  CD2  sing Y N 319 
TYR CD1 CE1  sing Y N 320 
TYR CD1 HD1  sing N N 321 
TYR CD2 CE2  doub Y N 322 
TYR CD2 HD2  sing N N 323 
TYR CE1 CZ   doub Y N 324 
TYR CE1 HE1  sing N N 325 
TYR CE2 CZ   sing Y N 326 
TYR CE2 HE2  sing N N 327 
TYR CZ  OH   sing N N 328 
TYR OH  HH   sing N N 329 
TYR OXT HXT  sing N N 330 
VAL N   CA   sing N N 331 
VAL N   H    sing N N 332 
VAL N   H2   sing N N 333 
VAL CA  C    sing N N 334 
VAL CA  CB   sing N N 335 
VAL CA  HA   sing N N 336 
VAL C   O    doub N N 337 
VAL C   OXT  sing N N 338 
VAL CB  CG1  sing N N 339 
VAL CB  CG2  sing N N 340 
VAL CB  HB   sing N N 341 
VAL CG1 HG11 sing N N 342 
VAL CG1 HG12 sing N N 343 
VAL CG1 HG13 sing N N 344 
VAL CG2 HG21 sing N N 345 
VAL CG2 HG22 sing N N 346 
VAL CG2 HG23 sing N N 347 
VAL OXT HXT  sing N N 348 
# 
_atom_sites.entry_id                    2XRH 
_atom_sites.fract_transf_matrix[1][1]   0.01629408 
_atom_sites.fract_transf_matrix[1][2]   -0.00347007 
_atom_sites.fract_transf_matrix[1][3]   0.01751471 
_atom_sites.fract_transf_matrix[2][1]   0.02355310 
_atom_sites.fract_transf_matrix[2][2]   -0.00075710 
_atom_sites.fract_transf_matrix[2][3]   -0.00538180 
_atom_sites.fract_transf_matrix[3][1]   0.00075709 
_atom_sites.fract_transf_matrix[3][2]   0.01185852 
_atom_sites.fract_transf_matrix[3][3]   0.00164512 
_atom_sites.fract_transf_vector[1]      0.078627 
_atom_sites.fract_transf_vector[2]      0.354999 
_atom_sites.fract_transf_vector[3]      -0.074065 
# 
loop_
_atom_type.symbol 
C 
N 
O 
S 
# 
loop_
_atom_site.group_PDB 
_atom_site.id 
_atom_site.type_symbol 
_atom_site.label_atom_id 
_atom_site.label_alt_id 
_atom_site.label_comp_id 
_atom_site.label_asym_id 
_atom_site.label_entity_id 
_atom_site.label_seq_id 
_atom_site.pdbx_PDB_ins_code 
_atom_site.Cartn_x 
_atom_site.Cartn_y 
_atom_site.Cartn_z 
_atom_site.occupancy 
_atom_site.B_iso_or_equiv 
_atom_site.pdbx_formal_charge 
_atom_site.auth_seq_id 
_atom_site.auth_comp_id 
_atom_site.auth_asym_id 
_atom_site.auth_atom_id 
_atom_site.pdbx_PDB_model_num 
ATOM   1   N N   . ALA A 1 1   ? 20.870  16.858  -6.011  1.00 39.98 ? 13   ALA A N   1 
ATOM   2   C CA  . ALA A 1 1   ? 20.284  16.115  -4.858  1.00 39.15 ? 13   ALA A CA  1 
ATOM   3   C C   . ALA A 1 1   ? 21.235  15.030  -4.338  1.00 39.09 ? 13   ALA A C   1 
ATOM   4   O O   . ALA A 1 1   ? 20.791  13.970  -3.875  1.00 39.42 ? 13   ALA A O   1 
ATOM   5   C CB  . ALA A 1 1   ? 18.941  15.501  -5.262  1.00 39.05 ? 13   ALA A CB  1 
ATOM   6   N N   . ILE A 1 2   ? 22.546  15.280  -4.419  1.00 38.03 ? 14   ILE A N   1 
ATOM   7   C CA  . ILE A 1 2   ? 23.519  14.357  -3.840  1.00 37.34 ? 14   ILE A CA  1 
ATOM   8   C C   . ILE A 1 2   ? 23.682  14.658  -2.330  1.00 35.91 ? 14   ILE A C   1 
ATOM   9   O O   . ILE A 1 2   ? 24.268  13.860  -1.586  1.00 36.76 ? 14   ILE A O   1 
ATOM   10  C CB  . ILE A 1 2   ? 24.896  14.366  -4.579  1.00 37.75 ? 14   ILE A CB  1 
ATOM   11  C CG1 . ILE A 1 2   ? 25.543  15.748  -4.531  1.00 38.62 ? 14   ILE A CG1 1 
ATOM   12  C CG2 . ILE A 1 2   ? 24.736  13.904  -6.028  1.00 37.16 ? 14   ILE A CG2 1 
ATOM   13  C CD1 . ILE A 1 2   ? 27.008  15.714  -4.815  1.00 39.71 ? 14   ILE A CD1 1 
ATOM   14  N N   . ASP A 1 3   ? 23.194  15.821  -1.896  1.00 33.78 ? 15   ASP A N   1 
ATOM   15  C CA  . ASP A 1 3   ? 23.123  16.141  -0.464  1.00 32.22 ? 15   ASP A CA  1 
ATOM   16  C C   . ASP A 1 3   ? 22.291  15.069  0.252   1.00 32.38 ? 15   ASP A C   1 
ATOM   17  O O   . ASP A 1 3   ? 21.126  14.859  -0.118  1.00 31.56 ? 15   ASP A O   1 
ATOM   18  C CB  . ASP A 1 3   ? 22.489  17.522  -0.270  1.00 30.52 ? 15   ASP A CB  1 
ATOM   19  C CG  . ASP A 1 3   ? 22.476  17.966  1.190   1.00 30.48 ? 15   ASP A CG  1 
ATOM   20  O OD1 . ASP A 1 3   ? 22.967  17.206  2.044   1.00 25.98 ? 15   ASP A OD1 1 
ATOM   21  O OD2 . ASP A 1 3   ? 21.964  19.066  1.468   1.00 29.57 ? 15   ASP A OD2 1 
ATOM   22  N N   . PRO A 1 4   ? 22.877  14.379  1.270   1.00 32.61 ? 16   PRO A N   1 
ATOM   23  C CA  . PRO A 1 4   ? 22.105  13.328  1.951   1.00 33.13 ? 16   PRO A CA  1 
ATOM   24  C C   . PRO A 1 4   ? 20.952  13.829  2.848   1.00 33.34 ? 16   PRO A C   1 
ATOM   25  O O   . PRO A 1 4   ? 20.094  13.018  3.243   1.00 34.38 ? 16   PRO A O   1 
ATOM   26  C CB  . PRO A 1 4   ? 23.164  12.596  2.799   1.00 33.35 ? 16   PRO A CB  1 
ATOM   27  C CG  . PRO A 1 4   ? 24.489  13.136  2.352   1.00 32.48 ? 16   PRO A CG  1 
ATOM   28  C CD  . PRO A 1 4   ? 24.238  14.499  1.832   1.00 32.72 ? 16   PRO A CD  1 
ATOM   29  N N   . PHE A 1 5   ? 20.914  15.128  3.160   1.00 33.27 ? 17   PHE A N   1 
ATOM   30  C CA  . PHE A 1 5   ? 19.818  15.687  3.958   1.00 33.29 ? 17   PHE A CA  1 
ATOM   31  C C   . PHE A 1 5   ? 18.454  15.335  3.383   1.00 34.59 ? 17   PHE A C   1 
ATOM   32  O O   . PHE A 1 5   ? 18.216  15.489  2.183   1.00 33.18 ? 17   PHE A O   1 
ATOM   33  C CB  . PHE A 1 5   ? 19.890  17.217  4.035   1.00 32.86 ? 17   PHE A CB  1 
ATOM   34  C CG  . PHE A 1 5   ? 18.803  17.816  4.905   1.00 32.82 ? 17   PHE A CG  1 
ATOM   35  C CD1 . PHE A 1 5   ? 17.619  18.300  4.354   1.00 33.46 ? 17   PHE A CD1 1 
ATOM   36  C CD2 . PHE A 1 5   ? 18.947  17.833  6.286   1.00 32.68 ? 17   PHE A CD2 1 
ATOM   37  C CE1 . PHE A 1 5   ? 16.606  18.834  5.173   1.00 33.11 ? 17   PHE A CE1 1 
ATOM   38  C CE2 . PHE A 1 5   ? 17.950  18.366  7.117   1.00 32.14 ? 17   PHE A CE2 1 
ATOM   39  C CZ  . PHE A 1 5   ? 16.787  18.875  6.559   1.00 32.92 ? 17   PHE A CZ  1 
ATOM   40  N N   . THR A 1 6   ? 17.529  14.913  4.232   1.00 36.50 ? 18   THR A N   1 
ATOM   41  C CA  . THR A 1 6   ? 16.128  14.905  3.803   1.00 38.35 ? 18   THR A CA  1 
ATOM   42  C C   . THR A 1 6   ? 15.175  15.068  4.985   1.00 38.93 ? 18   THR A C   1 
ATOM   43  O O   . THR A 1 6   ? 15.454  14.592  6.079   1.00 39.38 ? 18   THR A O   1 
ATOM   44  C CB  . THR A 1 6   ? 15.768  13.633  2.978   1.00 38.73 ? 18   THR A CB  1 
ATOM   45  O OG1 . THR A 1 6   ? 14.365  13.648  2.661   1.00 41.00 ? 18   THR A OG1 1 
ATOM   46  C CG2 . THR A 1 6   ? 16.111  12.340  3.739   1.00 38.88 ? 18   THR A CG2 1 
ATOM   47  N N   . MET A 1 7   ? 14.078  15.784  4.738   1.00 40.07 ? 19   MET A N   1 
ATOM   48  C CA  . MET A 1 7   ? 12.935  15.885  5.667   1.00 40.78 ? 19   MET A CA  1 
ATOM   49  C C   . MET A 1 7   ? 11.604  15.627  4.921   1.00 41.56 ? 19   MET A C   1 
ATOM   50  O O   . MET A 1 7   ? 10.583  16.277  5.207   1.00 42.36 ? 19   MET A O   1 
ATOM   51  C CB  . MET A 1 7   ? 12.899  17.277  6.309   1.00 40.29 ? 19   MET A CB  1 
ATOM   52  C CG  . MET A 1 7   ? 13.807  17.474  7.510   1.00 39.34 ? 19   MET A CG  1 
ATOM   53  S SD  . MET A 1 7   ? 13.234  16.603  8.974   1.00 34.21 ? 19   MET A SD  1 
ATOM   54  C CE  . MET A 1 7   ? 11.601  17.328  9.294   1.00 33.94 ? 19   MET A CE  1 
ATOM   55  N N   . ALA A 1 8   ? 11.611  14.677  3.985   1.00 41.71 ? 20   ALA A N   1 
ATOM   56  C CA  . ALA A 1 8   ? 10.419  14.365  3.170   1.00 41.52 ? 20   ALA A CA  1 
ATOM   57  C C   . ALA A 1 8   ? 9.386   13.517  3.944   1.00 40.93 ? 20   ALA A C   1 
ATOM   58  O O   . ALA A 1 8   ? 9.719   12.464  4.491   1.00 41.52 ? 20   ALA A O   1 
ATOM   59  C CB  . ALA A 1 8   ? 10.845  13.642  1.880   1.00 41.81 ? 20   ALA A CB  1 
ATOM   60  N N   . LYS A 1 9   ? 8.140   13.971  4.004   1.00 39.81 ? 21   LYS A N   1 
ATOM   61  C CA  . LYS A 1 9   ? 7.074   13.129  4.554   1.00 39.26 ? 21   LYS A CA  1 
ATOM   62  C C   . LYS A 1 9   ? 6.474   12.338  3.404   1.00 37.36 ? 21   LYS A C   1 
ATOM   63  O O   . LYS A 1 9   ? 5.447   12.714  2.821   1.00 38.43 ? 21   LYS A O   1 
ATOM   64  C CB  . LYS A 1 9   ? 5.982   13.928  5.282   1.00 40.03 ? 21   LYS A CB  1 
ATOM   65  C CG  . LYS A 1 9   ? 4.864   13.046  5.893   1.00 41.27 ? 21   LYS A CG  1 
ATOM   66  C CD  . LYS A 1 9   ? 3.688   13.894  6.372   1.00 43.46 ? 21   LYS A CD  1 
ATOM   67  C CE  . LYS A 1 9   ? 2.486   13.040  6.785   1.00 44.86 ? 21   LYS A CE  1 
ATOM   68  N NZ  . LYS A 1 9   ? 2.801   12.115  7.906   1.00 46.03 ? 21   LYS A NZ  1 
ATOM   69  N N   . ASP A 1 10  ? 7.133   11.245  3.063   1.00 35.17 ? 22   ASP A N   1 
ATOM   70  C CA  . ASP A 1 10  ? 6.639   10.372  2.013   1.00 33.74 ? 22   ASP A CA  1 
ATOM   71  C C   . ASP A 1 10  ? 7.278   8.982   2.138   1.00 31.04 ? 22   ASP A C   1 
ATOM   72  O O   . ASP A 1 10  ? 7.958   8.675   3.128   1.00 31.99 ? 22   ASP A O   1 
ATOM   73  C CB  . ASP A 1 10  ? 6.867   11.014  0.620   1.00 34.48 ? 22   ASP A CB  1 
ATOM   74  C CG  . ASP A 1 10  ? 8.359   11.207  0.270   1.00 35.53 ? 22   ASP A CG  1 
ATOM   75  O OD1 . ASP A 1 10  ? 9.236   10.417  0.708   1.00 32.62 ? 22   ASP A OD1 1 
ATOM   76  O OD2 . ASP A 1 10  ? 8.653   12.182  -0.467  1.00 41.60 ? 22   ASP A OD2 1 
ATOM   77  N N   . PHE A 1 11  ? 7.041   8.151   1.129   1.00 27.38 ? 23   PHE A N   1 
ATOM   78  C CA  . PHE A 1 11  ? 7.516   6.784   1.067   1.00 23.79 ? 23   PHE A CA  1 
ATOM   79  C C   . PHE A 1 11  ? 8.610   6.656   0.023   1.00 22.98 ? 23   PHE A C   1 
ATOM   80  O O   . PHE A 1 11  ? 9.012   5.555   -0.316  1.00 20.69 ? 23   PHE A O   1 
ATOM   81  C CB  . PHE A 1 11  ? 6.353   5.905   0.664   1.00 22.74 ? 23   PHE A CB  1 
ATOM   82  C CG  . PHE A 1 11  ? 5.209   5.937   1.625   1.00 18.48 ? 23   PHE A CG  1 
ATOM   83  C CD1 . PHE A 1 11  ? 5.265   5.236   2.823   1.00 19.08 ? 23   PHE A CD1 1 
ATOM   84  C CD2 . PHE A 1 11  ? 4.050   6.643   1.309   1.00 16.78 ? 23   PHE A CD2 1 
ATOM   85  C CE1 . PHE A 1 11  ? 4.149   5.222   3.683   1.00 18.03 ? 23   PHE A CE1 1 
ATOM   86  C CE2 . PHE A 1 11  ? 2.976   6.672   2.161   1.00 17.09 ? 23   PHE A CE2 1 
ATOM   87  C CZ  . PHE A 1 11  ? 3.029   5.978   3.348   1.00 15.95 ? 23   PHE A CZ  1 
ATOM   88  N N   . SER A 1 12  ? 9.129   7.779   -0.470  1.00 23.23 ? 24   SER A N   1 
ATOM   89  C CA  . SER A 1 12  ? 10.172  7.696   -1.510  1.00 24.39 ? 24   SER A CA  1 
ATOM   90  C C   . SER A 1 12  ? 11.513  7.097   -1.004  1.00 24.52 ? 24   SER A C   1 
ATOM   91  O O   . SER A 1 12  ? 12.301  6.582   -1.800  1.00 25.54 ? 24   SER A O   1 
ATOM   92  C CB  . SER A 1 12  ? 10.401  9.081   -2.132  1.00 24.92 ? 24   SER A CB  1 
ATOM   93  O OG  . SER A 1 12  ? 10.795  9.988   -1.131  1.00 29.05 ? 24   SER A OG  1 
ATOM   94  N N   . LYS A 1 13  ? 11.780  7.165   0.293   1.00 24.69 ? 25   LYS A N   1 
ATOM   95  C CA  . LYS A 1 13  ? 13.024  6.614   0.854   1.00 26.39 ? 25   LYS A CA  1 
ATOM   96  C C   . LYS A 1 13  ? 12.850  5.253   1.532   1.00 25.11 ? 25   LYS A C   1 
ATOM   97  O O   . LYS A 1 13  ? 13.804  4.672   2.048   1.00 25.33 ? 25   LYS A O   1 
ATOM   98  C CB  . LYS A 1 13  ? 13.648  7.618   1.833   1.00 27.91 ? 25   LYS A CB  1 
ATOM   99  C CG  . LYS A 1 13  ? 14.103  8.937   1.196   1.00 32.05 ? 25   LYS A CG  1 
ATOM   100 C CD  . LYS A 1 13  ? 15.243  8.727   0.164   1.00 36.63 ? 25   LYS A CD  1 
ATOM   101 C CE  . LYS A 1 13  ? 15.728  10.057  -0.463  1.00 40.22 ? 25   LYS A CE  1 
ATOM   102 N NZ  . LYS A 1 13  ? 16.852  10.684  0.332   1.00 43.89 ? 25   LYS A NZ  1 
ATOM   103 N N   . THR A 1 14  ? 11.620  4.741   1.543   1.00 22.79 ? 26   THR A N   1 
ATOM   104 C CA  . THR A 1 14  ? 11.318  3.477   2.214   1.00 21.49 ? 26   THR A CA  1 
ATOM   105 C C   . THR A 1 14  ? 11.694  2.326   1.294   1.00 19.60 ? 26   THR A C   1 
ATOM   106 O O   . THR A 1 14  ? 11.389  2.370   0.107   1.00 19.70 ? 26   THR A O   1 
ATOM   107 C CB  . THR A 1 14  ? 9.799   3.430   2.572   1.00 20.63 ? 26   THR A CB  1 
ATOM   108 O OG1 . THR A 1 14  ? 9.490   4.602   3.342   1.00 22.09 ? 26   THR A OG1 1 
ATOM   109 C CG2 . THR A 1 14  ? 9.388   2.159   3.379   1.00 21.15 ? 26   THR A CG2 1 
ATOM   110 N N   . SER A 1 15  ? 12.296  1.278   1.850   1.00 18.82 ? 27   SER A N   1 
ATOM   111 C CA  . SER A 1 15  ? 12.640  0.100   1.075   1.00 18.66 ? 27   SER A CA  1 
ATOM   112 C C   . SER A 1 15  ? 11.400  -0.637  0.599   1.00 18.30 ? 27   SER A C   1 
ATOM   113 O O   . SER A 1 15  ? 10.328  -0.495  1.204   1.00 17.68 ? 27   SER A O   1 
ATOM   114 C CB  . SER A 1 15  ? 13.506  -0.842  1.900   1.00 18.86 ? 27   SER A CB  1 
ATOM   115 O OG  . SER A 1 15  ? 12.780  -1.425  2.953   1.00 19.39 ? 27   SER A OG  1 
ATOM   116 N N   . ASP A 1 16  ? 11.519  -1.383  -0.497  1.00 17.24 ? 28   ASP A N   1 
ATOM   117 C CA  . ASP A 1 16  ? 10.423  -2.226  -0.990  1.00 18.78 ? 28   ASP A CA  1 
ATOM   118 C C   . ASP A 1 16  ? 9.908   -3.131  0.140   1.00 17.91 ? 28   ASP A C   1 
ATOM   119 O O   . ASP A 1 16  ? 8.692   -3.321  0.310   1.00 16.63 ? 28   ASP A O   1 
ATOM   120 C CB  . ASP A 1 16  ? 10.871  -3.110  -2.166  1.00 19.64 ? 28   ASP A CB  1 
ATOM   121 C CG  . ASP A 1 16  ? 11.203  -2.344  -3.430  1.00 20.48 ? 28   ASP A CG  1 
ATOM   122 O OD1 . ASP A 1 16  ? 10.904  -1.146  -3.589  1.00 23.01 ? 28   ASP A OD1 1 
ATOM   123 O OD2 . ASP A 1 16  ? 11.772  -3.001  -4.305  1.00 23.31 ? 28   ASP A OD2 1 
ATOM   124 N N   . GLU A 1 17  ? 10.835  -3.693  0.903   1.00 19.12 ? 29   GLU A N   1 
ATOM   125 C CA  . GLU A 1 17  ? 10.533  -4.567  2.059   1.00 18.80 ? 29   GLU A CA  1 
ATOM   126 C C   . GLU A 1 17  ? 9.618   -3.899  3.024   1.00 18.12 ? 29   GLU A C   1 
ATOM   127 O O   . GLU A 1 17  ? 8.561   -4.452  3.379   1.00 18.05 ? 29   GLU A O   1 
ATOM   128 C CB  . GLU A 1 17  ? 11.818  -4.950  2.792   1.00 19.97 ? 29   GLU A CB  1 
ATOM   129 C CG  . GLU A 1 17  ? 11.589  -5.818  4.011   1.00 21.82 ? 29   GLU A CG  1 
ATOM   130 C CD  . GLU A 1 17  ? 12.887  -6.352  4.630   1.00 27.84 ? 29   GLU A CD  1 
ATOM   131 O OE1 . GLU A 1 17  ? 13.947  -6.255  4.001   1.00 31.61 ? 29   GLU A OE1 1 
ATOM   132 O OE2 . GLU A 1 17  ? 12.846  -6.896  5.742   1.00 30.84 ? 29   GLU A OE2 1 
ATOM   133 N N   . ASP A 1 18  ? 10.029  -2.712  3.459   1.00 17.45 ? 30   ASP A N   1 
ATOM   134 C CA  . ASP A 1 18  ? 9.255   -1.968  4.424   1.00 17.60 ? 30   ASP A CA  1 
ATOM   135 C C   . ASP A 1 18  ? 7.929   -1.505  3.858   1.00 16.47 ? 30   ASP A C   1 
ATOM   136 O O   . ASP A 1 18  ? 6.951   -1.430  4.604   1.00 15.87 ? 30   ASP A O   1 
ATOM   137 C CB  . ASP A 1 18  ? 10.074  -0.805  4.999   1.00 18.68 ? 30   ASP A CB  1 
ATOM   138 C CG  . ASP A 1 18  ? 11.186  -1.272  5.918   1.00 21.88 ? 30   ASP A CG  1 
ATOM   139 O OD1 . ASP A 1 18  ? 11.226  -2.479  6.309   1.00 24.54 ? 30   ASP A OD1 1 
ATOM   140 O OD2 . ASP A 1 18  ? 12.039  -0.418  6.235   1.00 25.84 ? 30   ASP A OD2 1 
ATOM   141 N N   . LEU A 1 19  ? 7.853   -1.188  2.568   1.00 14.70 ? 31   LEU A N   1 
ATOM   142 C CA  . LEU A 1 19  ? 6.556   -0.853  1.970   1.00 14.96 ? 31   LEU A CA  1 
ATOM   143 C C   . LEU A 1 19  ? 5.624   -2.060  2.005   1.00 14.64 ? 31   LEU A C   1 
ATOM   144 O O   . LEU A 1 19  ? 4.419   -1.935  2.297   1.00 15.23 ? 31   LEU A O   1 
ATOM   145 C CB  . LEU A 1 19  ? 6.692   -0.388  0.522   1.00 15.95 ? 31   LEU A CB  1 
ATOM   146 C CG  . LEU A 1 19  ? 7.224   1.020   0.259   1.00 17.63 ? 31   LEU A CG  1 
ATOM   147 C CD1 . LEU A 1 19  ? 7.404   1.264   -1.242  1.00 20.73 ? 31   LEU A CD1 1 
ATOM   148 C CD2 . LEU A 1 19  ? 6.351   2.102   0.873   1.00 18.36 ? 31   LEU A CD2 1 
ATOM   149 N N   . ALA A 1 20  ? 6.150   -3.240  1.680   1.00 14.14 ? 32   ALA A N   1 
ATOM   150 C CA  . ALA A 1 20  ? 5.329   -4.452  1.787   1.00 14.69 ? 32   ALA A CA  1 
ATOM   151 C C   . ALA A 1 20  ? 4.849   -4.712  3.219   1.00 14.25 ? 32   ALA A C   1 
ATOM   152 O O   . ALA A 1 20  ? 3.668   -5.026  3.426   1.00 14.15 ? 32   ALA A O   1 
ATOM   153 C CB  . ALA A 1 20  ? 6.064   -5.656  1.258   1.00 14.70 ? 32   ALA A CB  1 
ATOM   154 N N   . LYS A 1 21  ? 5.727   -4.551  4.204   1.00 13.60 ? 33   LYS A N   1 
ATOM   155 C CA  . LYS A 1 21  ? 5.414   -4.853  5.605   1.00 14.08 ? 33   LYS A CA  1 
ATOM   156 C C   . LYS A 1 21  ? 4.325   -3.961  6.211   1.00 13.19 ? 33   LYS A C   1 
ATOM   157 O O   . LYS A 1 21  ? 3.687   -4.353  7.171   1.00 14.27 ? 33   LYS A O   1 
ATOM   158 C CB  . LYS A 1 21  ? 6.676   -4.777  6.449   1.00 15.24 ? 33   LYS A CB  1 
ATOM   159 C CG  . LYS A 1 21  ? 7.561   -5.983  6.255   1.00 16.81 ? 33   LYS A CG  1 
ATOM   160 C CD  . LYS A 1 21  ? 8.887   -5.826  6.942   1.00 18.71 ? 33   LYS A CD  1 
ATOM   161 C CE  . LYS A 1 21  ? 9.630   -7.149  6.883   1.00 21.26 ? 33   LYS A CE  1 
ATOM   162 N NZ  . LYS A 1 21  ? 10.929  -7.082  7.556   1.00 25.72 ? 33   LYS A NZ  1 
ATOM   163 N N   . MET A 1 22  ? 4.115   -2.798  5.625   1.00 11.59 ? 34   MET A N   1 
ATOM   164 C CA  . MET A 1 22  ? 3.092   -1.862  6.125   1.00 11.86 ? 34   MET A CA  1 
ATOM   165 C C   . MET A 1 22  ? 1.749   -2.075  5.417   1.00 11.02 ? 34   MET A C   1 
ATOM   166 O O   . MET A 1 22  ? 0.778   -1.377  5.712   1.00 11.23 ? 34   MET A O   1 
ATOM   167 C CB  . MET A 1 22  ? 3.533   -0.416  6.054   1.00 13.66 ? 34   MET A CB  1 
ATOM   168 C CG  . MET A 1 22  ? 3.810   0.067   4.721   1.00 14.69 ? 34   MET A CG  1 
ATOM   169 S SD  . MET A 1 22  ? 4.298   1.828   4.726   1.00 19.03 ? 34   MET A SD  1 
ATOM   170 C CE  . MET A 1 22  ? 5.930   1.737   5.388   1.00 14.94 ? 34   MET A CE  1 
ATOM   171 N N   . ALA A 1 23  ? 1.666   -3.039  4.500   1.00 11.00 ? 35   ALA A N   1 
ATOM   172 C CA  . ALA A 1 23  ? 0.394   -3.283  3.811   1.00 9.10  ? 35   ALA A CA  1 
ATOM   173 C C   . ALA A 1 23  ? -0.707  -3.583  4.807   1.00 9.44  ? 35   ALA A C   1 
ATOM   174 O O   . ALA A 1 23  ? -0.583  -4.389  5.703   1.00 10.23 ? 35   ALA A O   1 
ATOM   175 C CB  . ALA A 1 23  ? 0.496   -4.413  2.793   1.00 10.33 ? 35   ALA A CB  1 
ATOM   176 N N   . GLY A 1 24  ? -1.807  -2.886  4.619   1.00 10.83 ? 36   GLY A N   1 
ATOM   177 C CA  . GLY A 1 24  ? -2.998  -3.048  5.496   1.00 11.76 ? 36   GLY A CA  1 
ATOM   178 C C   . GLY A 1 24  ? -3.016  -2.189  6.740   1.00 13.82 ? 36   GLY A C   1 
ATOM   179 O O   . GLY A 1 24  ? -4.051  -2.114  7.423   1.00 16.52 ? 36   GLY A O   1 
ATOM   180 N N   . VAL A 1 25  ? -1.904  -1.532  7.058   1.00 12.91 ? 37   VAL A N   1 
ATOM   181 C CA  . VAL A 1 25  ? -1.783  -0.694  8.255   1.00 14.60 ? 37   VAL A CA  1 
ATOM   182 C C   . VAL A 1 25  ? -1.551  0.768   7.954   1.00 13.09 ? 37   VAL A C   1 
ATOM   183 O O   . VAL A 1 25  ? -1.621  1.580   8.870   1.00 15.45 ? 37   VAL A O   1 
ATOM   184 C CB  . VAL A 1 25  ? -0.694  -1.208  9.199   1.00 16.88 ? 37   VAL A CB  1 
ATOM   185 C CG1 . VAL A 1 25  ? -0.976  -2.622  9.542   1.00 22.02 ? 37   VAL A CG1 1 
ATOM   186 C CG2 . VAL A 1 25  ? 0.598   -1.106  8.604   1.00 21.18 ? 37   VAL A CG2 1 
ATOM   187 N N   . VAL A 1 26  ? -1.308  1.109   6.691   1.00 11.70 ? 38   VAL A N   1 
ATOM   188 C CA  . VAL A 1 26  ? -1.056  2.507   6.319   1.00 11.89 ? 38   VAL A CA  1 
ATOM   189 C C   . VAL A 1 26  ? -2.350  3.293   6.601   1.00 11.24 ? 38   VAL A C   1 
ATOM   190 O O   . VAL A 1 26  ? -3.424  2.813   6.335   1.00 11.95 ? 38   VAL A O   1 
ATOM   191 C CB  . VAL A 1 26  ? -0.661  2.639   4.823   1.00 11.92 ? 38   VAL A CB  1 
ATOM   192 C CG1 . VAL A 1 26  ? -0.571  4.070   4.363   1.00 13.17 ? 38   VAL A CG1 1 
ATOM   193 C CG2 . VAL A 1 26  ? 0.665   1.914   4.544   1.00 13.94 ? 38   VAL A CG2 1 
ATOM   194 N N   . ALA A 1 27  ? -2.221  4.491   7.148   1.00 11.91 ? 39   ALA A N   1 
ATOM   195 C CA  . ALA A 1 27  ? -3.395  5.302   7.489   1.00 12.41 ? 39   ALA A CA  1 
ATOM   196 C C   . ALA A 1 27  ? -4.097  5.755   6.215   1.00 11.61 ? 39   ALA A C   1 
ATOM   197 O O   . ALA A 1 27  ? -3.444  6.005   5.202   1.00 12.14 ? 39   ALA A O   1 
ATOM   198 C CB  . ALA A 1 27  ? -2.989  6.509   8.316   1.00 14.25 ? 39   ALA A CB  1 
ATOM   199 N N   . PRO A 1 28  ? -5.422  5.828   6.233   1.00 12.03 ? 40   PRO A N   1 
ATOM   200 C CA  . PRO A 1 28  ? -6.121  6.319   5.034   1.00 12.29 ? 40   PRO A CA  1 
ATOM   201 C C   . PRO A 1 28  ? -5.586  7.650   4.517   1.00 12.69 ? 40   PRO A C   1 
ATOM   202 O O   . PRO A 1 28  ? -5.551  7.858   3.311   1.00 12.83 ? 40   PRO A O   1 
ATOM   203 C CB  . PRO A 1 28  ? -7.567  6.377   5.481   1.00 12.68 ? 40   PRO A CB  1 
ATOM   204 C CG  . PRO A 1 28  ? -7.677  5.249   6.483   1.00 12.68 ? 40   PRO A CG  1 
ATOM   205 C CD  . PRO A 1 28  ? -6.355  5.252   7.218   1.00 13.31 ? 40   PRO A CD  1 
ATOM   206 N N   . GLN A 1 29  ? -5.204  8.552   5.409   1.00 12.74 ? 41   GLN A N   1 
ATOM   207 C CA  . GLN A 1 29  ? -4.709  9.865   4.996   1.00 13.82 ? 41   GLN A CA  1 
ATOM   208 C C   . GLN A 1 29  ? -3.415  9.766   4.176   1.00 13.04 ? 41   GLN A C   1 
ATOM   209 O O   . GLN A 1 29  ? -3.056  10.696  3.509   1.00 14.80 ? 41   GLN A O   1 
ATOM   210 C CB  . GLN A 1 29  ? -4.498  10.779  6.210   1.00 13.49 ? 41   GLN A CB  1 
ATOM   211 C CG  . GLN A 1 29  ? -3.386  10.294  7.134   1.00 15.65 ? 41   GLN A CG  1 
ATOM   212 C CD  . GLN A 1 29  ? -3.356  10.963  8.476   1.00 20.70 ? 41   GLN A CD  1 
ATOM   213 O OE1 . GLN A 1 29  ? -2.603  11.895  8.685   1.00 21.68 ? 41   GLN A OE1 1 
ATOM   214 N NE2 . GLN A 1 29  ? -4.171  10.476  9.397   1.00 22.08 ? 41   GLN A NE2 1 
ATOM   215 N N   . ASP A 1 30  ? -2.728  8.615   4.265   1.00 13.62 ? 42   ASP A N   1 
ATOM   216 C CA  . ASP A 1 30  ? -1.462  8.364   3.551   1.00 12.98 ? 42   ASP A CA  1 
ATOM   217 C C   . ASP A 1 30  ? -1.618  7.362   2.428   1.00 12.31 ? 42   ASP A C   1 
ATOM   218 O O   . ASP A 1 30  ? -0.626  7.103   1.729   1.00 12.57 ? 42   ASP A O   1 
ATOM   219 C CB  . ASP A 1 30  ? -0.388  7.848   4.508   1.00 12.56 ? 42   ASP A CB  1 
ATOM   220 C CG  . ASP A 1 30  ? -0.045  8.840   5.598   1.00 16.83 ? 42   ASP A CG  1 
ATOM   221 O OD1 . ASP A 1 30  ? 0.072   10.053  5.291   1.00 20.61 ? 42   ASP A OD1 1 
ATOM   222 O OD2 . ASP A 1 30  ? 0.139   8.405   6.766   1.00 19.28 ? 42   ASP A OD2 1 
ATOM   223 N N   . ILE A 1 31  ? -2.840  6.909   2.165   1.00 12.39 ? 43   ILE A N   1 
ATOM   224 C CA  . ILE A 1 31  ? -3.042  5.795   1.249   1.00 11.18 ? 43   ILE A CA  1 
ATOM   225 C C   . ILE A 1 31  ? -2.812  6.145   -0.205  1.00 11.48 ? 43   ILE A C   1 
ATOM   226 O O   . ILE A 1 31  ? -2.310  5.311   -0.947  1.00 12.06 ? 43   ILE A O   1 
ATOM   227 C CB  . ILE A 1 31  ? -4.395  5.011   1.467   1.00 11.72 ? 43   ILE A CB  1 
ATOM   228 C CG1 . ILE A 1 31  ? -4.209  3.511   1.140   1.00 13.37 ? 43   ILE A CG1 1 
ATOM   229 C CG2 . ILE A 1 31  ? -5.592  5.643   0.741   1.00 13.47 ? 43   ILE A CG2 1 
ATOM   230 C CD1 . ILE A 1 31  ? -3.274  2.758   2.195   1.00 14.94 ? 43   ILE A CD1 1 
ATOM   231 N N   . VAL A 1 32  ? -3.166  7.360   -0.626  1.00 12.94 ? 44   VAL A N   1 
ATOM   232 C CA  . VAL A 1 32  ? -2.919  7.748   -2.013  1.00 13.41 ? 44   VAL A CA  1 
ATOM   233 C C   . VAL A 1 32  ? -1.403  7.797   -2.287  1.00 13.63 ? 44   VAL A C   1 
ATOM   234 O O   . VAL A 1 32  ? -0.928  7.266   -3.283  1.00 13.53 ? 44   VAL A O   1 
ATOM   235 C CB  . VAL A 1 32  ? -3.618  9.100   -2.373  1.00 13.85 ? 44   VAL A CB  1 
ATOM   236 C CG1 . VAL A 1 32  ? -3.129  9.653   -3.703  1.00 14.95 ? 44   VAL A CG1 1 
ATOM   237 C CG2 . VAL A 1 32  ? -5.131  8.882   -2.418  1.00 15.46 ? 44   VAL A CG2 1 
ATOM   238 N N   . ASP A 1 33  ? -0.644  8.403   -1.400  1.00 14.34 ? 45   ASP A N   1 
ATOM   239 C CA  . ASP A 1 33  ? 0.788   8.457   -1.545  1.00 16.12 ? 45   ASP A CA  1 
ATOM   240 C C   . ASP A 1 33  ? 1.411   7.067   -1.503  1.00 14.79 ? 45   ASP A C   1 
ATOM   241 O O   . ASP A 1 33  ? 2.299   6.758   -2.278  1.00 14.07 ? 45   ASP A O   1 
ATOM   242 C CB  . ASP A 1 33  ? 1.412   9.318   -0.451  1.00 17.63 ? 45   ASP A CB  1 
ATOM   243 C CG  . ASP A 1 33  ? 1.199   10.824  -0.674  1.00 22.91 ? 45   ASP A CG  1 
ATOM   244 O OD1 . ASP A 1 33  ? 0.742   11.247  -1.755  1.00 27.77 ? 45   ASP A OD1 1 
ATOM   245 O OD2 . ASP A 1 33  ? 1.482   11.581  0.268   1.00 29.13 ? 45   ASP A OD2 1 
ATOM   246 N N   . TYR A 1 34  ? 0.914   6.208   -0.624  1.00 12.94 ? 46   TYR A N   1 
ATOM   247 C CA  . TYR A 1 34  ? 1.418   4.841   -0.558  1.00 12.27 ? 46   TYR A CA  1 
ATOM   248 C C   . TYR A 1 34  ? 1.175   4.101   -1.861  1.00 12.27 ? 46   TYR A C   1 
ATOM   249 O O   . TYR A 1 34  ? 2.067   3.436   -2.385  1.00 12.64 ? 46   TYR A O   1 
ATOM   250 C CB  . TYR A 1 34  ? 0.719   4.126   0.586   1.00 12.36 ? 46   TYR A CB  1 
ATOM   251 C CG  . TYR A 1 34  ? 1.115   2.668   0.809   1.00 11.40 ? 46   TYR A CG  1 
ATOM   252 C CD1 . TYR A 1 34  ? 2.355   2.304   1.256   1.00 11.49 ? 46   TYR A CD1 1 
ATOM   253 C CD2 . TYR A 1 34  ? 0.157   1.663   0.636   1.00 12.06 ? 46   TYR A CD2 1 
ATOM   254 C CE1 . TYR A 1 34  ? 2.681   0.950   1.478   1.00 11.08 ? 46   TYR A CE1 1 
ATOM   255 C CE2 . TYR A 1 34  ? 0.456   0.346   0.867   1.00 11.42 ? 46   TYR A CE2 1 
ATOM   256 C CZ  . TYR A 1 34  ? 1.704   -0.022  1.279   1.00 11.18 ? 46   TYR A CZ  1 
ATOM   257 O OH  . TYR A 1 34  ? 1.997   -1.350  1.509   1.00 11.71 ? 46   TYR A OH  1 
ATOM   258 N N   . THR A 1 35  ? -0.026  4.193   -2.376  1.00 12.98 ? 47   THR A N   1 
ATOM   259 C CA  . THR A 1 35  ? -0.424  3.505   -3.597  1.00 12.87 ? 47   THR A CA  1 
ATOM   260 C C   . THR A 1 35  ? 0.367   4.028   -4.790  1.00 13.69 ? 47   THR A C   1 
ATOM   261 O O   . THR A 1 35  ? 0.863   3.244   -5.586  1.00 14.39 ? 47   THR A O   1 
ATOM   262 C CB  . THR A 1 35  ? -1.923  3.694   -3.828  1.00 13.11 ? 47   THR A CB  1 
ATOM   263 O OG1 . THR A 1 35  ? -2.653  3.188   -2.699  1.00 15.66 ? 47   THR A OG1 1 
ATOM   264 C CG2 . THR A 1 35  ? -2.414  3.023   -5.085  1.00 16.60 ? 47   THR A CG2 1 
ATOM   265 N N   . LYS A 1 36  ? 0.533   5.351   -4.878  1.00 15.29 ? 48   LYS A N   1 
ATOM   266 C CA  . LYS A 1 36  ? 1.395   5.931   -5.905  1.00 15.75 ? 48   LYS A CA  1 
ATOM   267 C C   . LYS A 1 36  ? 2.827   5.390   -5.804  1.00 14.76 ? 48   LYS A C   1 
ATOM   268 O O   . LYS A 1 36  ? 3.431   5.085   -6.832  1.00 15.82 ? 48   LYS A O   1 
ATOM   269 C CB  . LYS A 1 36  ? 1.362   7.464   -5.851  1.00 15.70 ? 48   LYS A CB  1 
ATOM   270 C CG  . LYS A 1 36  ? 0.016   8.063   -6.258  1.00 19.25 ? 48   LYS A CG  1 
ATOM   271 C CD  . LYS A 1 36  ? -0.019  9.579   -6.096  1.00 23.98 ? 48   LYS A CD  1 
ATOM   272 C CE  . LYS A 1 36  ? -1.294  10.135  -6.713  1.00 26.16 ? 48   LYS A CE  1 
ATOM   273 N NZ  . LYS A 1 36  ? -1.382  11.648  -6.584  1.00 31.15 ? 48   LYS A NZ  1 
ATOM   274 N N   . GLU A 1 37  ? 3.373   5.269   -4.610  1.00 14.39 ? 49   GLU A N   1 
ATOM   275 C CA  . GLU A 1 37  ? 4.720   4.757   -4.438  1.00 14.10 ? 49   GLU A CA  1 
ATOM   276 C C   . GLU A 1 37  ? 4.821   3.288   -4.876  1.00 14.99 ? 49   GLU A C   1 
ATOM   277 O O   . GLU A 1 37  ? 5.734   2.916   -5.588  1.00 15.57 ? 49   GLU A O   1 
ATOM   278 C CB  . GLU A 1 37  ? 5.255   4.937   -3.039  1.00 14.92 ? 49   GLU A CB  1 
ATOM   279 C CG  . GLU A 1 37  ? 6.747   4.597   -2.915  1.00 14.57 ? 49   GLU A CG  1 
ATOM   280 C CD  . GLU A 1 37  ? 7.672   5.643   -3.569  1.00 19.76 ? 49   GLU A CD  1 
ATOM   281 O OE1 . GLU A 1 37  ? 7.254   6.817   -3.701  1.00 22.75 ? 49   GLU A OE1 1 
ATOM   282 O OE2 . GLU A 1 37  ? 8.794   5.285   -3.957  1.00 22.00 ? 49   GLU A OE2 1 
ATOM   283 N N   . LEU A 1 38  ? 3.843   2.483   -4.507  1.00 14.35 ? 50   LEU A N   1 
ATOM   284 C CA  . LEU A 1 38  ? 3.829   1.062   -4.882  1.00 14.75 ? 50   LEU A CA  1 
ATOM   285 C C   . LEU A 1 38  ? 3.768   0.925   -6.379  1.00 15.17 ? 50   LEU A C   1 
ATOM   286 O O   . LEU A 1 38  ? 4.514   0.143   -6.925  1.00 15.16 ? 50   LEU A O   1 
ATOM   287 C CB  . LEU A 1 38  ? 2.632   0.364   -4.237  1.00 14.39 ? 50   LEU A CB  1 
ATOM   288 C CG  . LEU A 1 38  ? 2.624   0.057   -2.745  1.00 14.91 ? 50   LEU A CG  1 
ATOM   289 C CD1 . LEU A 1 38  ? 1.298   -0.666  -2.416  1.00 16.25 ? 50   LEU A CD1 1 
ATOM   290 C CD2 . LEU A 1 38  ? 3.844   -0.755  -2.310  1.00 16.12 ? 50   LEU A CD2 1 
ATOM   291 N N   . LYS A 1 39  ? 2.935   1.735   -7.036  1.00 15.06 ? 51   LYS A N   1 
ATOM   292 C CA  . LYS A 1 39  ? 2.754   1.691   -8.496  1.00 17.26 ? 51   LYS A CA  1 
ATOM   293 C C   . LYS A 1 39  ? 4.045   2.131   -9.158  1.00 18.53 ? 51   LYS A C   1 
ATOM   294 O O   . LYS A 1 39  ? 4.484   1.506   -10.106 1.00 18.50 ? 51   LYS A O   1 
ATOM   295 C CB  . LYS A 1 39  ? 1.550   2.486   -8.987  1.00 19.20 ? 51   LYS A CB  1 
ATOM   296 C CG  . LYS A 1 39  ? 0.201   1.898   -8.600  1.00 22.56 ? 51   LYS A CG  1 
ATOM   297 C CD  . LYS A 1 39  ? -0.973  2.721   -9.199  1.00 28.53 ? 51   LYS A CD  1 
ATOM   298 C CE  . LYS A 1 39  ? -2.357  2.092   -8.964  1.00 32.18 ? 51   LYS A CE  1 
ATOM   299 N NZ  . LYS A 1 39  ? -2.858  1.222   -10.085 1.00 34.32 ? 51   LYS A NZ  1 
ATOM   300 N N   A LYS A 1 40  ? 4.656   3.179   -8.631  0.50 18.67 ? 52   LYS A N   1 
ATOM   301 N N   B LYS A 1 40  ? 4.663   3.177   -8.633  0.50 18.61 ? 52   LYS A N   1 
ATOM   302 C CA  A LYS A 1 40  ? 5.969   3.640   -9.113  0.50 19.64 ? 52   LYS A CA  1 
ATOM   303 C CA  B LYS A 1 40  ? 5.967   3.643   -9.143  0.50 19.54 ? 52   LYS A CA  1 
ATOM   304 C C   A LYS A 1 40  ? 7.003   2.512   -9.100  0.50 19.30 ? 52   LYS A C   1 
ATOM   305 C C   B LYS A 1 40  ? 7.010   2.516   -9.102  0.50 19.25 ? 52   LYS A C   1 
ATOM   306 O O   A LYS A 1 40  ? 7.700   2.285   -10.103 0.50 20.07 ? 52   LYS A O   1 
ATOM   307 O O   B LYS A 1 40  ? 7.720   2.287   -10.096 0.50 20.01 ? 52   LYS A O   1 
ATOM   308 C CB  A LYS A 1 40  ? 6.462   4.812   -8.264  0.50 20.36 ? 52   LYS A CB  1 
ATOM   309 C CB  B LYS A 1 40  ? 6.451   4.855   -8.341  0.50 20.21 ? 52   LYS A CB  1 
ATOM   310 C CG  A LYS A 1 40  ? 7.919   5.155   -8.461  0.50 22.16 ? 52   LYS A CG  1 
ATOM   311 C CG  B LYS A 1 40  ? 7.525   5.701   -9.023  0.50 21.73 ? 52   LYS A CG  1 
ATOM   312 C CD  A LYS A 1 40  ? 8.175   6.592   -8.021  0.50 24.73 ? 52   LYS A CD  1 
ATOM   313 C CD  B LYS A 1 40  ? 7.958   6.829   -8.085  0.50 23.16 ? 52   LYS A CD  1 
ATOM   314 C CE  A LYS A 1 40  ? 7.257   7.580   -8.740  0.50 26.68 ? 52   LYS A CE  1 
ATOM   315 C CE  B LYS A 1 40  ? 9.244   7.522   -8.554  0.50 24.82 ? 52   LYS A CE  1 
ATOM   316 N NZ  A LYS A 1 40  ? 7.524   7.673   -10.200 0.50 29.46 ? 52   LYS A NZ  1 
ATOM   317 N NZ  B LYS A 1 40  ? 9.831   8.367   -7.480  0.50 28.10 ? 52   LYS A NZ  1 
ATOM   318 N N   . ARG A 1 41  ? 7.106   1.800   -7.985  1.00 18.65 ? 53   ARG A N   1 
ATOM   319 C CA  . ARG A 1 41  ? 8.085   0.733   -7.823  1.00 19.86 ? 53   ARG A CA  1 
ATOM   320 C C   . ARG A 1 41  ? 7.755   -0.428  -8.761  1.00 20.30 ? 53   ARG A C   1 
ATOM   321 O O   . ARG A 1 41  ? 8.629   -0.946  -9.449  1.00 20.57 ? 53   ARG A O   1 
ATOM   322 C CB  . ARG A 1 41  ? 8.165   0.183   -6.383  1.00 20.67 ? 53   ARG A CB  1 
ATOM   323 C CG  . ARG A 1 41  ? 8.394   1.163   -5.247  1.00 22.87 ? 53   ARG A CG  1 
ATOM   324 C CD  . ARG A 1 41  ? 9.689   1.855   -5.282  1.00 23.84 ? 53   ARG A CD  1 
ATOM   325 N NE  . ARG A 1 41  ? 9.797   2.853   -4.192  1.00 22.53 ? 53   ARG A NE  1 
ATOM   326 C CZ  . ARG A 1 41  ? 10.262  2.656   -2.959  1.00 21.79 ? 53   ARG A CZ  1 
ATOM   327 N NH1 . ARG A 1 41  ? 10.749  1.479   -2.582  1.00 21.43 ? 53   ARG A NH1 1 
ATOM   328 N NH2 . ARG A 1 41  ? 10.328  3.685   -2.102  1.00 20.05 ? 53   ARG A NH2 1 
ATOM   329 N N   . MET A 1 42  ? 6.486   -0.782  -8.828  1.00 20.58 ? 54   MET A N   1 
ATOM   330 C CA  . MET A 1 42  ? 6.076   -1.950  -9.621  1.00 21.75 ? 54   MET A CA  1 
ATOM   331 C C   . MET A 1 42  ? 6.245   -1.759  -11.115 1.00 22.81 ? 54   MET A C   1 
ATOM   332 O O   . MET A 1 42  ? 6.562   -2.722  -11.822 1.00 22.21 ? 54   MET A O   1 
ATOM   333 C CB  . MET A 1 42  ? 4.633   -2.303  -9.356  1.00 21.95 ? 54   MET A CB  1 
ATOM   334 C CG  . MET A 1 42  ? 4.461   -3.000  -8.069  1.00 22.61 ? 54   MET A CG  1 
ATOM   335 S SD  . MET A 1 42  ? 2.751   -3.554  -7.929  1.00 31.29 ? 54   MET A SD  1 
ATOM   336 C CE  . MET A 1 42  ? 2.847   -4.645  -6.529  1.00 30.52 ? 54   MET A CE  1 
ATOM   337 N N   A GLU A 1 43  ? 6.003   -0.534  -11.585 0.50 23.09 ? 55   GLU A N   1 
ATOM   338 N N   B GLU A 1 43  ? 5.994   -0.534  -11.586 0.50 23.12 ? 55   GLU A N   1 
ATOM   339 C CA  A GLU A 1 43  ? 6.171   -0.171  -12.992 0.50 24.52 ? 55   GLU A CA  1 
ATOM   340 C CA  B GLU A 1 43  ? 6.187   -0.157  -12.988 0.50 24.55 ? 55   GLU A CA  1 
ATOM   341 C C   A GLU A 1 43  ? 7.584   -0.431  -13.483 0.50 24.67 ? 55   GLU A C   1 
ATOM   342 C C   B GLU A 1 43  ? 7.580   -0.490  -13.475 0.50 24.70 ? 55   GLU A C   1 
ATOM   343 O O   A GLU A 1 43  ? 7.795   -0.592  -14.695 0.50 25.71 ? 55   GLU A O   1 
ATOM   344 O O   B GLU A 1 43  ? 7.771   -0.763  -14.671 0.50 25.66 ? 55   GLU A O   1 
ATOM   345 C CB  A GLU A 1 43  ? 5.893   1.316   -13.183 0.50 25.00 ? 55   GLU A CB  1 
ATOM   346 C CB  B GLU A 1 43  ? 6.030   1.347   -13.151 0.50 25.07 ? 55   GLU A CB  1 
ATOM   347 C CG  A GLU A 1 43  ? 4.456   1.726   -13.108 0.50 27.36 ? 55   GLU A CG  1 
ATOM   348 C CG  B GLU A 1 43  ? 4.649   1.834   -13.404 0.50 27.03 ? 55   GLU A CG  1 
ATOM   349 C CD  A GLU A 1 43  ? 3.829   1.858   -14.475 0.50 29.81 ? 55   GLU A CD  1 
ATOM   350 C CD  B GLU A 1 43  ? 4.580   3.346   -13.414 0.50 29.34 ? 55   GLU A CD  1 
ATOM   351 O OE1 A GLU A 1 43  ? 4.519   1.526   -15.464 0.50 32.64 ? 55   GLU A OE1 1 
ATOM   352 O OE1 B GLU A 1 43  ? 5.542   3.994   -12.952 0.50 31.49 ? 55   GLU A OE1 1 
ATOM   353 O OE2 A GLU A 1 43  ? 2.660   2.301   -14.555 0.50 32.49 ? 55   GLU A OE2 1 
ATOM   354 O OE2 B GLU A 1 43  ? 3.551   3.890   -13.863 0.50 32.28 ? 55   GLU A OE2 1 
ATOM   355 N N   . LYS A 1 44  ? 8.548   -0.455  -12.559 1.00 24.21 ? 56   LYS A N   1 
ATOM   356 C CA  . LYS A 1 44  ? 9.968   -0.600  -12.890 1.00 25.05 ? 56   LYS A CA  1 
ATOM   357 C C   . LYS A 1 44  ? 10.414  -2.052  -12.877 1.00 23.53 ? 56   LYS A C   1 
ATOM   358 O O   . LYS A 1 44  ? 11.412  -2.417  -13.500 1.00 24.69 ? 56   LYS A O   1 
ATOM   359 C CB  . LYS A 1 44  ? 10.828  0.183   -11.895 1.00 25.36 ? 56   LYS A CB  1 
ATOM   360 C CG  . LYS A 1 44  ? 10.575  1.681   -11.890 1.00 28.21 ? 56   LYS A CG  1 
ATOM   361 C CD  . LYS A 1 44  ? 11.407  2.463   -10.819 1.00 30.37 ? 56   LYS A CD  1 
ATOM   362 C CE  . LYS A 1 44  ? 11.108  3.985   -10.932 1.00 32.06 ? 56   LYS A CE  1 
ATOM   363 N NZ  . LYS A 1 44  ? 11.774  4.906   -9.940  1.00 32.04 ? 56   LYS A NZ  1 
ATOM   364 N N   . MET A 1 45  ? 9.648   -2.887  -12.200 1.00 20.14 ? 57   MET A N   1 
ATOM   365 C CA  . MET A 1 45  ? 10.036  -4.235  -11.916 1.00 18.28 ? 57   MET A CA  1 
ATOM   366 C C   . MET A 1 45  ? 9.772   -5.193  -13.087 1.00 16.65 ? 57   MET A C   1 
ATOM   367 O O   . MET A 1 45  ? 8.736   -5.100  -13.775 1.00 16.25 ? 57   MET A O   1 
ATOM   368 C CB  . MET A 1 45  ? 9.159   -4.750  -10.789 1.00 17.51 ? 57   MET A CB  1 
ATOM   369 C CG  . MET A 1 45  ? 9.452   -4.100  -9.462  1.00 20.32 ? 57   MET A CG  1 
ATOM   370 S SD  . MET A 1 45  ? 8.489   -4.819  -8.097  1.00 20.04 ? 57   MET A SD  1 
ATOM   371 C CE  . MET A 1 45  ? 8.951   -3.651  -6.791  1.00 22.45 ? 57   MET A CE  1 
ATOM   372 N N   . PRO A 1 46  ? 10.685  -6.162  -13.285 1.00 15.29 ? 58   PRO A N   1 
ATOM   373 C CA  . PRO A 1 46  ? 10.339  -7.275  -14.150 1.00 14.80 ? 58   PRO A CA  1 
ATOM   374 C C   . PRO A 1 46  ? 9.118   -7.995  -13.587 1.00 14.85 ? 58   PRO A C   1 
ATOM   375 O O   . PRO A 1 46  ? 8.871   -7.981  -12.365 1.00 14.33 ? 58   PRO A O   1 
ATOM   376 C CB  . PRO A 1 46  ? 11.588  -8.170  -14.133 1.00 15.21 ? 58   PRO A CB  1 
ATOM   377 C CG  . PRO A 1 46  ? 12.314  -7.827  -12.980 1.00 18.30 ? 58   PRO A CG  1 
ATOM   378 C CD  . PRO A 1 46  ? 11.936  -6.394  -12.579 1.00 15.62 ? 58   PRO A CD  1 
ATOM   379 N N   . GLU A 1 47  ? 8.338   -8.589  -14.454 1.00 15.42 ? 59   GLU A N   1 
ATOM   380 C CA  . GLU A 1 47  ? 7.085   -9.195  -14.009 1.00 15.60 ? 59   GLU A CA  1 
ATOM   381 C C   . GLU A 1 47  ? 7.282   -10.289 -12.961 1.00 15.48 ? 59   GLU A C   1 
ATOM   382 O O   . GLU A 1 47  ? 6.462   -10.389 -12.051 1.00 15.10 ? 59   GLU A O   1 
ATOM   383 C CB  . GLU A 1 47  ? 6.212   -9.616  -15.208 1.00 16.64 ? 59   GLU A CB  1 
ATOM   384 C CG  . GLU A 1 47  ? 4.836   -10.095 -14.864 1.00 20.59 ? 59   GLU A CG  1 
ATOM   385 C CD  . GLU A 1 47  ? 3.934   -9.018  -14.287 1.00 23.31 ? 59   GLU A CD  1 
ATOM   386 O OE1 . GLU A 1 47  ? 4.276   -7.783  -14.254 1.00 23.43 ? 59   GLU A OE1 1 
ATOM   387 O OE2 . GLU A 1 47  ? 2.847   -9.440  -13.819 1.00 32.22 ? 59   GLU A OE2 1 
ATOM   388 N N   . ASP A 1 48  ? 8.328   -11.103 -13.035 1.00 16.42 ? 60   ASP A N   1 
ATOM   389 C CA  . ASP A 1 48  ? 8.557   -12.113 -11.981 1.00 17.16 ? 60   ASP A CA  1 
ATOM   390 C C   . ASP A 1 48  ? 8.699   -11.469 -10.601 1.00 16.81 ? 60   ASP A C   1 
ATOM   391 O O   . ASP A 1 48  ? 8.065   -11.904 -9.614  1.00 18.30 ? 60   ASP A O   1 
ATOM   392 C CB  . ASP A 1 48  ? 9.717   -13.098 -12.328 1.00 18.34 ? 60   ASP A CB  1 
ATOM   393 C CG  . ASP A 1 48  ? 11.074  -12.449 -12.594 1.00 20.85 ? 60   ASP A CG  1 
ATOM   394 O OD1 . ASP A 1 48  ? 11.239  -11.231 -12.647 1.00 20.63 ? 60   ASP A OD1 1 
ATOM   395 O OD2 . ASP A 1 48  ? 12.029  -13.249 -12.786 1.00 27.16 ? 60   ASP A OD2 1 
ATOM   396 N N   A LYS A 1 49  ? 9.484   -10.404 -10.537 0.50 16.36 ? 61   LYS A N   1 
ATOM   397 N N   B LYS A 1 49  ? 9.467   -10.393 -10.544 0.50 15.65 ? 61   LYS A N   1 
ATOM   398 C CA  A LYS A 1 49  ? 9.688   -9.676  -9.294  0.50 16.35 ? 61   LYS A CA  1 
ATOM   399 C CA  B LYS A 1 49  ? 9.673   -9.662  -9.308  0.50 15.16 ? 61   LYS A CA  1 
ATOM   400 C C   A LYS A 1 49  ? 8.378   -8.986  -8.882  0.50 15.73 ? 61   LYS A C   1 
ATOM   401 C C   B LYS A 1 49  ? 8.371   -8.990  -8.884  0.50 15.08 ? 61   LYS A C   1 
ATOM   402 O O   A LYS A 1 49  ? 8.029   -8.974  -7.691  0.50 16.11 ? 61   LYS A O   1 
ATOM   403 O O   B LYS A 1 49  ? 8.024   -8.982  -7.693  0.50 15.51 ? 61   LYS A O   1 
ATOM   404 C CB  A LYS A 1 49  ? 10.828  -8.659  -9.414  0.50 16.89 ? 61   LYS A CB  1 
ATOM   405 C CB  B LYS A 1 49  ? 10.773  -8.624  -9.474  0.50 15.10 ? 61   LYS A CB  1 
ATOM   406 C CG  A LYS A 1 49  ? 12.248  -9.253  -9.580  0.50 19.46 ? 61   LYS A CG  1 
ATOM   407 C CG  B LYS A 1 49  ? 11.051  -7.822  -8.216  0.50 14.83 ? 61   LYS A CG  1 
ATOM   408 C CD  A LYS A 1 49  ? 12.580  -10.385 -8.615  0.50 22.52 ? 61   LYS A CD  1 
ATOM   409 C CD  B LYS A 1 49  ? 12.256  -6.921  -8.428  0.50 17.67 ? 61   LYS A CD  1 
ATOM   410 C CE  A LYS A 1 49  ? 12.426  -11.710 -9.309  0.50 22.48 ? 61   LYS A CE  1 
ATOM   411 C CE  B LYS A 1 49  ? 12.295  -5.778  -7.428  0.50 19.56 ? 61   LYS A CE  1 
ATOM   412 N NZ  A LYS A 1 49  ? 11.783  -12.759 -8.495  0.50 25.36 ? 61   LYS A NZ  1 
ATOM   413 N NZ  B LYS A 1 49  ? 13.630  -5.113  -7.458  0.50 20.51 ? 61   LYS A NZ  1 
ATOM   414 N N   . ARG A 1 50  ? 7.667   -8.406  -9.839  1.00 15.11 ? 62   ARG A N   1 
ATOM   415 C CA  . ARG A 1 50  ? 6.400   -7.700  -9.531  1.00 15.58 ? 62   ARG A CA  1 
ATOM   416 C C   . ARG A 1 50  ? 5.402   -8.662  -8.908  1.00 15.86 ? 62   ARG A C   1 
ATOM   417 O O   . ARG A 1 50  ? 4.745   -8.318  -7.923  1.00 15.01 ? 62   ARG A O   1 
ATOM   418 C CB  . ARG A 1 50  ? 5.765   -7.009  -10.728 1.00 15.73 ? 62   ARG A CB  1 
ATOM   419 C CG  . ARG A 1 50  ? 4.685   -6.037  -10.332 1.00 19.31 ? 62   ARG A CG  1 
ATOM   420 C CD  . ARG A 1 50  ? 3.776   -5.693  -11.462 1.00 20.95 ? 62   ARG A CD  1 
ATOM   421 N NE  . ARG A 1 50  ? 3.045   -6.885  -11.899 1.00 23.77 ? 62   ARG A NE  1 
ATOM   422 C CZ  . ARG A 1 50  ? 2.048   -7.442  -11.217 1.00 28.71 ? 62   ARG A CZ  1 
ATOM   423 N NH1 . ARG A 1 50  ? 1.615   -6.904  -10.074 1.00 29.64 ? 62   ARG A NH1 1 
ATOM   424 N NH2 . ARG A 1 50  ? 1.474   -8.539  -11.679 1.00 31.39 ? 62   ARG A NH2 1 
ATOM   425 N N   . LYS A 1 51  ? 5.323   -9.865  -9.455  1.00 15.45 ? 63   LYS A N   1 
ATOM   426 C CA  . LYS A 1 51  ? 4.367   -10.868 -8.928  1.00 16.67 ? 63   LYS A CA  1 
ATOM   427 C C   . LYS A 1 51  ? 4.773   -11.274 -7.518  1.00 15.75 ? 63   LYS A C   1 
ATOM   428 O O   . LYS A 1 51  ? 3.908   -11.452 -6.632  1.00 16.41 ? 63   LYS A O   1 
ATOM   429 C CB  . LYS A 1 51  ? 4.277   -12.086 -9.825  1.00 17.43 ? 63   LYS A CB  1 
ATOM   430 C CG  . LYS A 1 51  ? 3.581   -11.841 -11.186 1.00 21.14 ? 63   LYS A CG  1 
ATOM   431 C CD  . LYS A 1 51  ? 3.632   -13.087 -12.073 1.00 26.90 ? 63   LYS A CD  1 
ATOM   432 C CE  . LYS A 1 51  ? 3.031   -12.895 -13.474 1.00 31.01 ? 63   LYS A CE  1 
ATOM   433 N NZ  . LYS A 1 51  ? 1.762   -12.094 -13.548 1.00 33.88 ? 63   LYS A NZ  1 
ATOM   434 N N   . ALA A 1 52  ? 6.062   -11.450 -7.299  1.00 16.20 ? 64   ALA A N   1 
ATOM   435 C CA  . ALA A 1 52  ? 6.597   -11.762 -5.956  1.00 15.85 ? 64   ALA A CA  1 
ATOM   436 C C   . ALA A 1 52  ? 6.257   -10.672 -4.947  1.00 15.43 ? 64   ALA A C   1 
ATOM   437 O O   . ALA A 1 52  ? 5.859   -10.947 -3.800  1.00 15.18 ? 64   ALA A O   1 
ATOM   438 C CB  . ALA A 1 52  ? 8.110   -11.960 -5.999  1.00 16.88 ? 64   ALA A CB  1 
ATOM   439 N N   . PHE A 1 53  ? 6.411   -9.441  -5.377  1.00 15.60 ? 65   PHE A N   1 
ATOM   440 C CA  . PHE A 1 53  ? 6.188   -8.292  -4.532  1.00 14.58 ? 65   PHE A CA  1 
ATOM   441 C C   . PHE A 1 53  ? 4.697   -8.190  -4.200  1.00 14.97 ? 65   PHE A C   1 
ATOM   442 O O   . PHE A 1 53  ? 4.299   -7.958  -3.043  1.00 14.42 ? 65   PHE A O   1 
ATOM   443 C CB  . PHE A 1 53  ? 6.713   -7.024  -5.217  1.00 15.58 ? 65   PHE A CB  1 
ATOM   444 C CG  . PHE A 1 53  ? 6.619   -5.780  -4.379  1.00 17.04 ? 65   PHE A CG  1 
ATOM   445 C CD1 . PHE A 1 53  ? 7.287   -5.704  -3.160  1.00 19.64 ? 65   PHE A CD1 1 
ATOM   446 C CD2 . PHE A 1 53  ? 5.880   -4.689  -4.818  1.00 22.29 ? 65   PHE A CD2 1 
ATOM   447 C CE1 . PHE A 1 53  ? 7.216   -4.559  -2.398  1.00 20.13 ? 65   PHE A CE1 1 
ATOM   448 C CE2 . PHE A 1 53  ? 5.833   -3.524  -4.053  1.00 24.64 ? 65   PHE A CE2 1 
ATOM   449 C CZ  . PHE A 1 53  ? 6.507   -3.476  -2.845  1.00 20.03 ? 65   PHE A CZ  1 
ATOM   450 N N   . HIS A 1 54  ? 3.865   -8.377  -5.199  1.00 15.04 ? 66   HIS A N   1 
ATOM   451 C CA  . HIS A 1 54  ? 2.410   -8.348  -5.011  1.00 16.06 ? 66   HIS A CA  1 
ATOM   452 C C   . HIS A 1 54  ? 1.982   -9.423  -4.036  1.00 15.56 ? 66   HIS A C   1 
ATOM   453 O O   . HIS A 1 54  ? 1.139   -9.178  -3.178  1.00 14.41 ? 66   HIS A O   1 
ATOM   454 C CB  . HIS A 1 54  ? 1.706   -8.519  -6.348  1.00 17.37 ? 66   HIS A CB  1 
ATOM   455 C CG  . HIS A 1 54  ? 0.389   -7.834  -6.418  1.00 22.27 ? 66   HIS A CG  1 
ATOM   456 N ND1 . HIS A 1 54  ? -0.131  -7.345  -7.596  1.00 25.64 ? 66   HIS A ND1 1 
ATOM   457 C CD2 . HIS A 1 54  ? -0.492  -7.497  -5.443  1.00 25.56 ? 66   HIS A CD2 1 
ATOM   458 C CE1 . HIS A 1 54  ? -1.303  -6.782  -7.351  1.00 29.03 ? 66   HIS A CE1 1 
ATOM   459 N NE2 . HIS A 1 54  ? -1.546  -6.859  -6.054  1.00 28.86 ? 66   HIS A NE2 1 
ATOM   460 N N   . LYS A 1 55  ? 2.580   -10.620 -4.130  1.00 15.39 ? 67   LYS A N   1 
ATOM   461 C CA  . LYS A 1 55  ? 2.289   -11.682 -3.177  1.00 16.25 ? 67   LYS A CA  1 
ATOM   462 C C   . LYS A 1 55  ? 2.641   -11.265 -1.761  1.00 14.52 ? 67   LYS A C   1 
ATOM   463 O O   . LYS A 1 55  ? 1.876   -11.535 -0.808  1.00 15.01 ? 67   LYS A O   1 
ATOM   464 C CB  . LYS A 1 55  ? 3.031   -12.969 -3.559  1.00 16.98 ? 67   LYS A CB  1 
ATOM   465 C CG  . LYS A 1 55  ? 2.733   -14.200 -2.699  1.00 21.65 ? 67   LYS A CG  1 
ATOM   466 C CD  . LYS A 1 55  ? 3.598   -15.377 -3.212  1.00 27.83 ? 67   LYS A CD  1 
ATOM   467 C CE  . LYS A 1 55  ? 3.313   -16.720 -2.565  1.00 31.75 ? 67   LYS A CE  1 
ATOM   468 N NZ  . LYS A 1 55  ? 4.412   -17.671 -2.873  1.00 34.22 ? 67   LYS A NZ  1 
ATOM   469 N N   . GLN A 1 56  ? 3.777   -10.633 -1.595  1.00 14.89 ? 68   GLN A N   1 
ATOM   470 C CA  . GLN A 1 56  ? 4.181   -10.130 -0.283  1.00 15.63 ? 68   GLN A CA  1 
ATOM   471 C C   . GLN A 1 56  ? 3.217   -9.090  0.244   1.00 14.27 ? 68   GLN A C   1 
ATOM   472 O O   . GLN A 1 56  ? 2.843   -9.107  1.425   1.00 14.53 ? 68   GLN A O   1 
ATOM   473 C CB  . GLN A 1 56  ? 5.598   -9.566  -0.308  1.00 16.36 ? 68   GLN A CB  1 
ATOM   474 C CG  . GLN A 1 56  ? 6.646   -10.595 -0.593  1.00 22.05 ? 68   GLN A CG  1 
ATOM   475 C CD  . GLN A 1 56  ? 6.580   -11.714 0.420   1.00 26.05 ? 68   GLN A CD  1 
ATOM   476 O OE1 . GLN A 1 56  ? 6.706   -11.462 1.612   1.00 29.67 ? 68   GLN A OE1 1 
ATOM   477 N NE2 . GLN A 1 56  ? 6.317   -12.950 -0.040  1.00 30.57 ? 68   GLN A NE2 1 
ATOM   478 N N   . LEU A 1 57  ? 2.743   -8.226  -0.638  1.00 14.14 ? 69   LEU A N   1 
ATOM   479 C CA  . LEU A 1 57  ? 1.791   -7.188  -0.214  1.00 13.91 ? 69   LEU A CA  1 
ATOM   480 C C   . LEU A 1 57  ? 0.526   -7.874  0.302   1.00 13.74 ? 69   LEU A C   1 
ATOM   481 O O   . LEU A 1 57  ? -0.018  -7.506  1.368   1.00 13.94 ? 69   LEU A O   1 
ATOM   482 C CB  . LEU A 1 57  ? 1.431   -6.239  -1.353  1.00 15.18 ? 69   LEU A CB  1 
ATOM   483 C CG  . LEU A 1 57  ? 2.436   -5.203  -1.781  1.00 17.03 ? 69   LEU A CG  1 
ATOM   484 C CD1 . LEU A 1 57  ? 1.938   -4.580  -3.086  1.00 18.09 ? 69   LEU A CD1 1 
ATOM   485 C CD2 . LEU A 1 57  ? 2.618   -4.179  -0.713  1.00 18.56 ? 69   LEU A CD2 1 
ATOM   486 N N   . HIS A 1 58  ? 0.058   -8.885  -0.430  1.00 13.35 ? 70   HIS A N   1 
ATOM   487 C CA  . HIS A 1 58  ? -1.130  -9.612  0.006   1.00 13.47 ? 70   HIS A CA  1 
ATOM   488 C C   . HIS A 1 58  ? -0.893  -10.338 1.338   1.00 12.40 ? 70   HIS A C   1 
ATOM   489 O O   . HIS A 1 58  ? -1.741  -10.317 2.236   1.00 11.73 ? 70   HIS A O   1 
ATOM   490 C CB  . HIS A 1 58  ? -1.559  -10.637 -1.060  1.00 16.09 ? 70   HIS A CB  1 
ATOM   491 C CG  . HIS A 1 58  ? -2.168  -10.039 -2.312  1.00 20.21 ? 70   HIS A CG  1 
ATOM   492 N ND1 . HIS A 1 58  ? -3.014  -8.950  -2.300  1.00 23.98 ? 70   HIS A ND1 1 
ATOM   493 C CD2 . HIS A 1 58  ? -2.040  -10.390 -3.622  1.00 25.30 ? 70   HIS A CD2 1 
ATOM   494 C CE1 . HIS A 1 58  ? -3.379  -8.644  -3.534  1.00 24.58 ? 70   HIS A CE1 1 
ATOM   495 N NE2 . HIS A 1 58  ? -2.805  -9.508  -4.361  1.00 26.74 ? 70   HIS A NE2 1 
ATOM   496 N N   . GLU A 1 59  ? 0.248   -11.017 1.453   1.00 12.41 ? 71   GLU A N   1 
ATOM   497 C CA  . GLU A 1 59  ? 0.570   -11.757 2.674   1.00 12.61 ? 71   GLU A CA  1 
ATOM   498 C C   . GLU A 1 59  ? 0.655   -10.849 3.870   1.00 12.23 ? 71   GLU A C   1 
ATOM   499 O O   . GLU A 1 59  ? 0.127   -11.159 4.935   1.00 12.12 ? 71   GLU A O   1 
ATOM   500 C CB  . GLU A 1 59  ? 1.837   -12.571 2.510   1.00 14.37 ? 71   GLU A CB  1 
ATOM   501 C CG  . GLU A 1 59  ? 1.617   -13.667 1.494   1.00 17.71 ? 71   GLU A CG  1 
ATOM   502 C CD  . GLU A 1 59  ? 2.788   -14.600 1.349   1.00 25.92 ? 71   GLU A CD  1 
ATOM   503 O OE1 . GLU A 1 59  ? 3.861   -14.306 1.907   1.00 30.93 ? 71   GLU A OE1 1 
ATOM   504 O OE2 . GLU A 1 59  ? 2.626   -15.639 0.672   1.00 30.78 ? 71   GLU A OE2 1 
ATOM   505 N N   . TYR A 1 60  ? 1.327   -9.722  3.727   1.00 11.23 ? 72   TYR A N   1 
ATOM   506 C CA  . TYR A 1 60  ? 1.421   -8.783  4.840   1.00 11.07 ? 72   TYR A CA  1 
ATOM   507 C C   . TYR A 1 60  ? 0.073   -8.120  5.161   1.00 9.84  ? 72   TYR A C   1 
ATOM   508 O O   . TYR A 1 60  ? -0.249  -7.947  6.337   1.00 9.61  ? 72   TYR A O   1 
ATOM   509 C CB  . TYR A 1 60  ? 2.534   -7.729  4.612   1.00 12.27 ? 72   TYR A CB  1 
ATOM   510 C CG  . TYR A 1 60  ? 3.884   -8.295  4.923   1.00 13.43 ? 72   TYR A CG  1 
ATOM   511 C CD1 . TYR A 1 60  ? 4.255   -8.585  6.214   1.00 17.61 ? 72   TYR A CD1 1 
ATOM   512 C CD2 . TYR A 1 60  ? 4.740   -8.660  3.906   1.00 18.40 ? 72   TYR A CD2 1 
ATOM   513 C CE1 . TYR A 1 60  ? 5.449   -9.165  6.484   1.00 18.96 ? 72   TYR A CE1 1 
ATOM   514 C CE2 . TYR A 1 60  ? 5.954   -9.219  4.156   1.00 21.66 ? 72   TYR A CE2 1 
ATOM   515 C CZ  . TYR A 1 60  ? 6.299   -9.489  5.452   1.00 22.22 ? 72   TYR A CZ  1 
ATOM   516 O OH  . TYR A 1 60  ? 7.468   -10.094 5.769   1.00 26.10 ? 72   TYR A OH  1 
ATOM   517 N N   . ALA A 1 61  ? -0.689  -7.741  4.154   1.00 10.26 ? 73   ALA A N   1 
ATOM   518 C CA  . ALA A 1 61  ? -1.993  -7.145  4.420   1.00 8.53  ? 73   ALA A CA  1 
ATOM   519 C C   . ALA A 1 61  ? -2.806  -8.167  5.222   1.00 8.65  ? 73   ALA A C   1 
ATOM   520 O O   . ALA A 1 61  ? -3.504  -7.805  6.157   1.00 8.73  ? 73   ALA A O   1 
ATOM   521 C CB  . ALA A 1 61  ? -2.722  -6.759  3.135   1.00 10.68 ? 73   ALA A CB  1 
ATOM   522 N N   . THR A 1 62  ? -2.716  -9.435  4.842   1.00 9.08  ? 74   THR A N   1 
ATOM   523 C CA  . THR A 1 62  ? -3.484  -10.477 5.528   1.00 9.50  ? 74   THR A CA  1 
ATOM   524 C C   . THR A 1 62  ? -3.073  -10.593 7.007   1.00 9.01  ? 74   THR A C   1 
ATOM   525 O O   . THR A 1 62  ? -3.896  -10.506 7.922   1.00 9.52  ? 74   THR A O   1 
ATOM   526 C CB  . THR A 1 62  ? -3.351  -11.797 4.779   1.00 10.24 ? 74   THR A CB  1 
ATOM   527 O OG1 . THR A 1 62  ? -3.956  -11.652 3.497   1.00 13.02 ? 74   THR A OG1 1 
ATOM   528 C CG2 . THR A 1 62  ? -4.040  -12.938 5.548   1.00 11.03 ? 74   THR A CG2 1 
ATOM   529 N N   A LYS A 1 63  ? -1.770  -10.735 7.239   0.50 10.08 ? 75   LYS A N   1 
ATOM   530 N N   B LYS A 1 63  ? -1.779  -10.745 7.277   0.50 9.52  ? 75   LYS A N   1 
ATOM   531 C CA  A LYS A 1 63  ? -1.228  -10.866 8.580   0.50 10.27 ? 75   LYS A CA  1 
ATOM   532 C CA  B LYS A 1 63  ? -1.362  -10.931 8.659   0.50 9.28  ? 75   LYS A CA  1 
ATOM   533 C C   A LYS A 1 63  ? -1.537  -9.671  9.452   0.50 9.73  ? 75   LYS A C   1 
ATOM   534 C C   B LYS A 1 63  ? -1.535  -9.664  9.486   0.50 9.14  ? 75   LYS A C   1 
ATOM   535 O O   A LYS A 1 63  ? -1.817  -9.794  10.647  0.50 10.33 ? 75   LYS A O   1 
ATOM   536 O O   B LYS A 1 63  ? -1.766  -9.735  10.695  0.50 9.73  ? 75   LYS A O   1 
ATOM   537 C CB  A LYS A 1 63  ? 0.277   -11.046 8.493   0.50 11.72 ? 75   LYS A CB  1 
ATOM   538 C CB  B LYS A 1 63  ? 0.047   -11.511 8.751   0.50 9.96  ? 75   LYS A CB  1 
ATOM   539 C CG  A LYS A 1 63  ? 0.670   -12.364 7.898   0.50 15.76 ? 75   LYS A CG  1 
ATOM   540 C CG  B LYS A 1 63  ? 1.161   -10.565 8.347   0.50 11.02 ? 75   LYS A CG  1 
ATOM   541 C CD  A LYS A 1 63  ? 2.179   -12.573 8.011   0.50 18.63 ? 75   LYS A CD  1 
ATOM   542 C CD  B LYS A 1 63  ? 2.495   -11.290 8.293   0.50 13.54 ? 75   LYS A CD  1 
ATOM   543 C CE  A LYS A 1 63  ? 2.955   -11.911 6.864   0.50 21.01 ? 75   LYS A CE  1 
ATOM   544 C CE  B LYS A 1 63  ? 2.699   -11.986 6.952   0.50 15.10 ? 75   LYS A CE  1 
ATOM   545 N NZ  A LYS A 1 63  ? 4.226   -12.644 6.534   0.50 23.09 ? 75   LYS A NZ  1 
ATOM   546 N NZ  B LYS A 1 63  ? 3.780   -13.032 7.022   0.50 17.11 ? 75   LYS A NZ  1 
ATOM   547 N N   . ASN A 1 64  ? -1.465  -8.500  8.836   1.00 8.97  ? 76   ASN A N   1 
ATOM   548 C CA  . ASN A 1 64  ? -1.616  -7.250  9.554   1.00 9.21  ? 76   ASN A CA  1 
ATOM   549 C C   . ASN A 1 64  ? -3.043  -6.923  9.892   1.00 9.71  ? 76   ASN A C   1 
ATOM   550 O O   . ASN A 1 64  ? -3.279  -6.060  10.755  1.00 13.01 ? 76   ASN A O   1 
ATOM   551 C CB  . ASN A 1 64  ? -1.057  -6.059  8.773   1.00 8.16  ? 76   ASN A CB  1 
ATOM   552 C CG  . ASN A 1 64  ? 0.460   -6.006  8.796   1.00 10.03 ? 76   ASN A CG  1 
ATOM   553 O OD1 . ASN A 1 64  ? 1.054   -6.429  9.764   1.00 13.49 ? 76   ASN A OD1 1 
ATOM   554 N ND2 . ASN A 1 64  ? 1.083   -5.421  7.749   1.00 8.61  ? 76   ASN A ND2 1 
ATOM   555 N N   . THR A 1 65  ? -3.988  -7.591  9.239   1.00 8.76  ? 77   THR A N   1 
ATOM   556 C CA  . THR A 1 65  ? -5.413  -7.302  9.472   1.00 8.70  ? 77   THR A CA  1 
ATOM   557 C C   . THR A 1 65  ? -6.232  -8.481  9.997   1.00 9.47  ? 77   THR A C   1 
ATOM   558 O O   . THR A 1 65  ? -7.377  -8.260  10.421  1.00 9.57  ? 77   THR A O   1 
ATOM   559 C CB  . THR A 1 65  ? -6.086  -6.713  8.196   1.00 9.47  ? 77   THR A CB  1 
ATOM   560 O OG1 . THR A 1 65  ? -6.027  -7.699  7.141   1.00 8.96  ? 77   THR A OG1 1 
ATOM   561 C CG2 . THR A 1 65  ? -5.408  -5.414  7.790   1.00 11.37 ? 77   THR A CG2 1 
ATOM   562 N N   . ASP A 1 66  ? -5.655  -9.692  9.991   1.00 9.00  ? 78   ASP A N   1 
ATOM   563 C CA  . ASP A 1 66  ? -6.360  -10.896 10.418  1.00 9.39  ? 78   ASP A CA  1 
ATOM   564 C C   . ASP A 1 66  ? -7.039  -10.785 11.773  1.00 9.90  ? 78   ASP A C   1 
ATOM   565 O O   . ASP A 1 66  ? -8.124  -11.333 11.940  1.00 10.03 ? 78   ASP A O   1 
ATOM   566 C CB  . ASP A 1 66  ? -5.397  -12.125 10.479  1.00 9.19  ? 78   ASP A CB  1 
ATOM   567 C CG  . ASP A 1 66  ? -5.337  -12.925 9.224   1.00 10.13 ? 78   ASP A CG  1 
ATOM   568 O OD1 . ASP A 1 66  ? -6.194  -12.769 8.327   1.00 11.49 ? 78   ASP A OD1 1 
ATOM   569 O OD2 . ASP A 1 66  ? -4.364  -13.720 9.154   1.00 15.24 ? 78   ASP A OD2 1 
ATOM   570 N N   . LYS A 1 67  ? -6.392  -10.137 12.743  1.00 10.94 ? 79   LYS A N   1 
ATOM   571 C CA  . LYS A 1 67  ? -6.891  -10.060 14.142  1.00 11.59 ? 79   LYS A CA  1 
ATOM   572 C C   . LYS A 1 67  ? -7.696  -8.824  14.405  1.00 10.69 ? 79   LYS A C   1 
ATOM   573 O O   . LYS A 1 67  ? -8.203  -8.661  15.516  1.00 12.79 ? 79   LYS A O   1 
ATOM   574 C CB  . LYS A 1 67  ? -5.698  -10.142 15.101  1.00 13.73 ? 79   LYS A CB  1 
ATOM   575 C CG  . LYS A 1 67  ? -4.887  -11.432 14.889  1.00 20.33 ? 79   LYS A CG  1 
ATOM   576 C CD  . LYS A 1 67  ? -5.699  -12.731 14.567  1.00 28.45 ? 79   LYS A CD  1 
ATOM   577 C CE  . LYS A 1 67  ? -4.846  -14.043 14.388  1.00 30.98 ? 79   LYS A CE  1 
ATOM   578 N NZ  . LYS A 1 67  ? -3.939  -13.952 13.210  1.00 34.12 ? 79   LYS A NZ  1 
ATOM   579 N N   . MET A 1 68  ? -7.829  -7.938  13.415  1.00 9.83  ? 80   MET A N   1 
ATOM   580 C CA  . MET A 1 68  ? -8.685  -6.766  13.591  1.00 9.31  ? 80   MET A CA  1 
ATOM   581 C C   . MET A 1 68  ? -10.125 -7.250  13.650  1.00 8.89  ? 80   MET A C   1 
ATOM   582 O O   . MET A 1 68  ? -10.457 -8.295  13.095  1.00 9.54  ? 80   MET A O   1 
ATOM   583 C CB  . MET A 1 68  ? -8.539  -5.803  12.403  1.00 10.75 ? 80   MET A CB  1 
ATOM   584 C CG  . MET A 1 68  ? -7.257  -5.020  12.327  1.00 11.57 ? 80   MET A CG  1 
ATOM   585 S SD  . MET A 1 68  ? -7.233  -4.006  10.870  1.00 14.79 ? 80   MET A SD  1 
ATOM   586 C CE  . MET A 1 68  ? -8.372  -2.760  11.347  1.00 13.88 ? 80   MET A CE  1 
ATOM   587 N N   . THR A 1 69  ? -10.976 -6.468  14.275  1.00 8.40  ? 81   THR A N   1 
ATOM   588 C CA  . THR A 1 69  ? -12.420 -6.726  14.172  1.00 8.66  ? 81   THR A CA  1 
ATOM   589 C C   . THR A 1 69  ? -12.906 -6.300  12.790  1.00 8.09  ? 81   THR A C   1 
ATOM   590 O O   . THR A 1 69  ? -12.369 -5.415  12.159  1.00 7.68  ? 81   THR A O   1 
ATOM   591 C CB  . THR A 1 69  ? -13.223 -5.990  15.241  1.00 9.02  ? 81   THR A CB  1 
ATOM   592 O OG1 . THR A 1 69  ? -13.133 -4.568  15.051  1.00 9.69  ? 81   THR A OG1 1 
ATOM   593 C CG2 . THR A 1 69  ? -12.797 -6.363  16.673  1.00 10.33 ? 81   THR A CG2 1 
ATOM   594 N N   . VAL A 1 70  ? -13.977 -6.944  12.333  1.00 7.32  ? 82   VAL A N   1 
ATOM   595 C CA  . VAL A 1 70  ? -14.618 -6.534  11.105  1.00 7.81  ? 82   VAL A CA  1 
ATOM   596 C C   . VAL A 1 70  ? -15.034 -5.061  11.170  1.00 8.66  ? 82   VAL A C   1 
ATOM   597 O O   . VAL A 1 70  ? -14.874 -4.332  10.199  1.00 8.16  ? 82   VAL A O   1 
ATOM   598 C CB  . VAL A 1 70  ? -15.796 -7.426  10.786  1.00 7.79  ? 82   VAL A CB  1 
ATOM   599 C CG1 . VAL A 1 70  ? -16.534 -6.923  9.489   1.00 8.96  ? 82   VAL A CG1 1 
ATOM   600 C CG2 . VAL A 1 70  ? -15.293 -8.848  10.607  1.00 8.95  ? 82   VAL A CG2 1 
ATOM   601 N N   . ALA A 1 71  ? -15.553 -4.604  12.302  1.00 8.99  ? 83   ALA A N   1 
ATOM   602 C CA  . ALA A 1 71  ? -15.974 -3.230  12.402  1.00 8.51  ? 83   ALA A CA  1 
ATOM   603 C C   . ALA A 1 71  ? -14.818 -2.264  12.119  1.00 7.77  ? 83   ALA A C   1 
ATOM   604 O O   . ALA A 1 71  ? -14.955 -1.307  11.359  1.00 10.10 ? 83   ALA A O   1 
ATOM   605 C CB  . ALA A 1 71  ? -16.578 -2.934  13.753  1.00 10.05 ? 83   ALA A CB  1 
ATOM   606 N N   . ASP A 1 72  ? -13.690 -2.522  12.746  1.00 7.70  ? 84   ASP A N   1 
ATOM   607 C CA  . ASP A 1 72  ? -12.545 -1.640  12.588  1.00 8.66  ? 84   ASP A CA  1 
ATOM   608 C C   . ASP A 1 72  ? -11.985 -1.783  11.159  1.00 8.85  ? 84   ASP A C   1 
ATOM   609 O O   . ASP A 1 72  ? -11.566 -0.796  10.566  1.00 10.17 ? 84   ASP A O   1 
ATOM   610 C CB  . ASP A 1 72  ? -11.465 -1.969  13.605  1.00 8.72  ? 84   ASP A CB  1 
ATOM   611 C CG  . ASP A 1 72  ? -11.807 -1.545  15.001  1.00 10.05 ? 84   ASP A CG  1 
ATOM   612 O OD1 . ASP A 1 72  ? -12.582 -0.591  15.185  1.00 11.96 ? 84   ASP A OD1 1 
ATOM   613 O OD2 . ASP A 1 72  ? -11.281 -2.192  15.920  1.00 14.09 ? 84   ASP A OD2 1 
ATOM   614 N N   . PHE A 1 73  ? -11.953 -3.003  10.619  1.00 8.90  ? 85   PHE A N   1 
ATOM   615 C CA  . PHE A 1 73  ? -11.420 -3.201  9.270   1.00 8.04  ? 85   PHE A CA  1 
ATOM   616 C C   . PHE A 1 73  ? -12.283 -2.520  8.212   1.00 9.24  ? 85   PHE A C   1 
ATOM   617 O O   . PHE A 1 73  ? -11.769 -1.832  7.313   1.00 10.52 ? 85   PHE A O   1 
ATOM   618 C CB  . PHE A 1 73  ? -11.279 -4.677  8.959   1.00 9.30  ? 85   PHE A CB  1 
ATOM   619 C CG  . PHE A 1 73  ? -10.740 -4.947  7.600   1.00 8.76  ? 85   PHE A CG  1 
ATOM   620 C CD1 . PHE A 1 73  ? -9.416  -4.784  7.311   1.00 10.90 ? 85   PHE A CD1 1 
ATOM   621 C CD2 . PHE A 1 73  ? -11.530 -5.550  6.646   1.00 15.90 ? 85   PHE A CD2 1 
ATOM   622 C CE1 . PHE A 1 73  ? -8.899  -5.073  6.046   1.00 12.93 ? 85   PHE A CE1 1 
ATOM   623 C CE2 . PHE A 1 73  ? -10.996 -5.843  5.376   1.00 16.63 ? 85   PHE A CE2 1 
ATOM   624 C CZ  . PHE A 1 73  ? -9.692  -5.594  5.098   1.00 12.41 ? 85   PHE A CZ  1 
ATOM   625 N N   A GLU A 1 74  ? -13.586 -2.668  8.333   0.50 9.13  ? 86   GLU A N   1 
ATOM   626 N N   B GLU A 1 74  ? -13.598 -2.670  8.329   0.50 9.22  ? 86   GLU A N   1 
ATOM   627 C CA  A GLU A 1 74  ? -14.496 -2.032  7.404   0.50 9.73  ? 86   GLU A CA  1 
ATOM   628 C CA  B GLU A 1 74  ? -14.510 -2.028  7.381   0.50 9.83  ? 86   GLU A CA  1 
ATOM   629 C C   A GLU A 1 74  ? -14.394 -0.507  7.464   0.50 9.59  ? 86   GLU A C   1 
ATOM   630 C C   B GLU A 1 74  ? -14.409 -0.503  7.462   0.50 9.65  ? 86   GLU A C   1 
ATOM   631 O O   A GLU A 1 74  ? -14.411 0.187   6.431   0.50 10.42 ? 86   GLU A O   1 
ATOM   632 O O   B GLU A 1 74  ? -14.432 0.200   6.436   0.50 10.47 ? 86   GLU A O   1 
ATOM   633 C CB  A GLU A 1 74  ? -15.927 -2.453  7.672   0.50 10.75 ? 86   GLU A CB  1 
ATOM   634 C CB  B GLU A 1 74  ? -15.987 -2.467  7.516   0.50 10.81 ? 86   GLU A CB  1 
ATOM   635 C CG  A GLU A 1 74  ? -16.880 -1.971  6.629   0.50 12.47 ? 86   GLU A CG  1 
ATOM   636 C CG  B GLU A 1 74  ? -16.831 -1.895  6.351   0.50 12.64 ? 86   GLU A CG  1 
ATOM   637 C CD  A GLU A 1 74  ? -18.263 -2.388  6.950   0.50 12.63 ? 86   GLU A CD  1 
ATOM   638 C CD  B GLU A 1 74  ? -18.299 -2.316  6.319   0.50 13.73 ? 86   GLU A CD  1 
ATOM   639 O OE1 A GLU A 1 74  ? -18.852 -1.738  7.829   0.50 14.99 ? 86   GLU A OE1 1 
ATOM   640 O OE1 B GLU A 1 74  ? -18.844 -2.793  7.325   0.50 12.22 ? 86   GLU A OE1 1 
ATOM   641 O OE2 A GLU A 1 74  ? -18.736 -3.384  6.357   0.50 15.48 ? 86   GLU A OE2 1 
ATOM   642 O OE2 B GLU A 1 74  ? -18.942 -2.117  5.266   0.50 15.09 ? 86   GLU A OE2 1 
ATOM   643 N N   . ALA A 1 75  ? -14.266 0.028   8.669   1.00 9.54  ? 87   ALA A N   1 
ATOM   644 C CA  . ALA A 1 75  ? -14.120 1.491   8.824   1.00 10.41 ? 87   ALA A CA  1 
ATOM   645 C C   . ALA A 1 75  ? -12.896 1.951   8.070   1.00 10.77 ? 87   ALA A C   1 
ATOM   646 O O   . ALA A 1 75  ? -12.949 2.956   7.364   1.00 11.49 ? 87   ALA A O   1 
ATOM   647 C CB  . ALA A 1 75  ? -14.010 1.909   10.318  1.00 12.15 ? 87   ALA A CB  1 
ATOM   648 N N   . ARG A 1 76  ? -11.788 1.234   8.233   1.00 10.66 ? 88   ARG A N   1 
ATOM   649 C CA  . ARG A 1 76  ? -10.585 1.595   7.477   1.00 10.96 ? 88   ARG A CA  1 
ATOM   650 C C   . ARG A 1 76  ? -10.776 1.457   5.965   1.00 10.66 ? 88   ARG A C   1 
ATOM   651 O O   . ARG A 1 76  ? -10.374 2.360   5.201   1.00 10.55 ? 88   ARG A O   1 
ATOM   652 C CB  . ARG A 1 76  ? -9.395  0.769   7.954   1.00 12.67 ? 88   ARG A CB  1 
ATOM   653 C CG  . ARG A 1 76  ? -8.148  1.194   7.294   1.00 13.93 ? 88   ARG A CG  1 
ATOM   654 C CD  . ARG A 1 76  ? -6.993  0.295   7.564   1.00 19.87 ? 88   ARG A CD  1 
ATOM   655 N NE  . ARG A 1 76  ? -5.804  0.650   6.780   1.00 15.70 ? 88   ARG A NE  1 
ATOM   656 C CZ  . ARG A 1 76  ? -5.452  0.147   5.598   1.00 16.98 ? 88   ARG A CZ  1 
ATOM   657 N NH1 . ARG A 1 76  ? -6.141  -0.772  4.921   1.00 19.89 ? 88   ARG A NH1 1 
ATOM   658 N NH2 . ARG A 1 76  ? -4.321  0.536   5.077   1.00 17.10 ? 88   ARG A NH2 1 
ATOM   659 N N   . GLN A 1 77  ? -11.375 0.359   5.526   1.00 10.85 ? 89   GLN A N   1 
ATOM   660 C CA  . GLN A 1 77  ? -11.481 0.089   4.104   1.00 10.91 ? 89   GLN A CA  1 
ATOM   661 C C   . GLN A 1 77  ? -12.377 1.106   3.437   1.00 11.77 ? 89   GLN A C   1 
ATOM   662 O O   . GLN A 1 77  ? -12.117 1.535   2.295   1.00 12.82 ? 89   GLN A O   1 
ATOM   663 C CB  . GLN A 1 77  ? -11.949 -1.353  3.834   1.00 12.34 ? 89   GLN A CB  1 
ATOM   664 C CG  . GLN A 1 77  ? -10.972 -2.475  4.117   1.00 14.56 ? 89   GLN A CG  1 
ATOM   665 C CD  . GLN A 1 77  ? -9.597  -2.223  3.529   1.00 14.53 ? 89   GLN A CD  1 
ATOM   666 O OE1 . GLN A 1 77  ? -8.734  -1.831  4.244   1.00 18.76 ? 89   GLN A OE1 1 
ATOM   667 N NE2 . GLN A 1 77  ? -9.437  -2.417  2.230   1.00 22.91 ? 89   GLN A NE2 1 
ATOM   668 N N   . LYS A 1 78  ? -13.438 1.510   4.134   1.00 11.35 ? 90   LYS A N   1 
ATOM   669 C CA  . LYS A 1 78  ? -14.332 2.549   3.586   1.00 12.41 ? 90   LYS A CA  1 
ATOM   670 C C   . LYS A 1 78  ? -13.575 3.873   3.421   1.00 12.74 ? 90   LYS A C   1 
ATOM   671 O O   . LYS A 1 78  ? -13.704 4.586   2.418   1.00 12.43 ? 90   LYS A O   1 
ATOM   672 C CB  . LYS A 1 78  ? -15.565 2.705   4.440   1.00 13.97 ? 90   LYS A CB  1 
ATOM   673 C CG  . LYS A 1 78  ? -16.518 1.521   4.364   1.00 18.59 ? 90   LYS A CG  1 
ATOM   674 C CD  . LYS A 1 78  ? -17.881 1.892   4.967   1.00 25.02 ? 90   LYS A CD  1 
ATOM   675 C CE  . LYS A 1 78  ? -18.876 0.776   4.794   1.00 29.80 ? 90   LYS A CE  1 
ATOM   676 N NZ  . LYS A 1 78  ? -19.844 0.613   5.947   1.00 34.84 ? 90   LYS A NZ  1 
ATOM   677 N N   . ALA A 1 79  ? -12.769 4.208   4.403   1.00 10.75 ? 91   ALA A N   1 
ATOM   678 C CA  . ALA A 1 79  ? -12.004 5.439   4.371   1.00 10.58 ? 91   ALA A CA  1 
ATOM   679 C C   . ALA A 1 79  ? -10.942 5.371   3.254   1.00 10.27 ? 91   ALA A C   1 
ATOM   680 O O   . ALA A 1 79  ? -10.649 6.367   2.583   1.00 10.89 ? 91   ALA A O   1 
ATOM   681 C CB  . ALA A 1 79  ? -11.377 5.776   5.751   1.00 11.26 ? 91   ALA A CB  1 
ATOM   682 N N   . VAL A 1 80  ? -10.335 4.201   3.082   1.00 11.03 ? 92   VAL A N   1 
ATOM   683 C CA  . VAL A 1 80  ? -9.360  3.990   2.039   1.00 11.15 ? 92   VAL A CA  1 
ATOM   684 C C   . VAL A 1 80  ? -10.047 4.194   0.682   1.00 10.86 ? 92   VAL A C   1 
ATOM   685 O O   . VAL A 1 80  ? -9.526  4.887   -0.177  1.00 11.09 ? 92   VAL A O   1 
ATOM   686 C CB  . VAL A 1 80  ? -8.657  2.607   2.139   1.00 10.26 ? 92   VAL A CB  1 
ATOM   687 C CG1 . VAL A 1 80  ? -8.005  2.255   0.829   1.00 11.41 ? 92   VAL A CG1 1 
ATOM   688 C CG2 . VAL A 1 80  ? -7.620  2.609   3.299   1.00 11.45 ? 92   VAL A CG2 1 
ATOM   689 N N   . LYS A 1 81  ? -11.197 3.598   0.501   1.00 11.26 ? 93   LYS A N   1 
ATOM   690 C CA  . LYS A 1 81  ? -11.918 3.688   -0.771  1.00 12.23 ? 93   LYS A CA  1 
ATOM   691 C C   . LYS A 1 81  ? -12.191 5.143   -1.091  1.00 13.24 ? 93   LYS A C   1 
ATOM   692 O O   . LYS A 1 81  ? -11.954 5.594   -2.201  1.00 15.37 ? 93   LYS A O   1 
ATOM   693 C CB  . LYS A 1 81  ? -13.230 2.903   -0.691  1.00 14.06 ? 93   LYS A CB  1 
ATOM   694 C CG  . LYS A 1 81  ? -14.128 2.992   -1.903  1.00 19.83 ? 93   LYS A CG  1 
ATOM   695 C CD  . LYS A 1 81  ? -15.342 2.001   -1.863  1.00 27.55 ? 93   LYS A CD  1 
ATOM   696 C CE  . LYS A 1 81  ? -16.468 2.438   -0.952  1.00 32.17 ? 93   LYS A CE  1 
ATOM   697 N NZ  . LYS A 1 81  ? -17.799 2.001   -1.441  1.00 36.60 ? 93   LYS A NZ  1 
ATOM   698 N N   . GLU A 1 82  ? -12.668 5.877   -0.110  1.00 13.91 ? 94   GLU A N   1 
ATOM   699 C CA  . GLU A 1 82  ? -12.945 7.298   -0.284  1.00 14.23 ? 94   GLU A CA  1 
ATOM   700 C C   . GLU A 1 82  ? -11.720 8.124   -0.558  1.00 13.42 ? 94   GLU A C   1 
ATOM   701 O O   . GLU A 1 82  ? -11.754 8.993   -1.446  1.00 13.42 ? 94   GLU A O   1 
ATOM   702 C CB  . GLU A 1 82  ? -13.688 7.809   0.925   1.00 16.33 ? 94   GLU A CB  1 
ATOM   703 C CG  . GLU A 1 82  ? -15.078 7.287   1.025   1.00 21.02 ? 94   GLU A CG  1 
ATOM   704 C CD  . GLU A 1 82  ? -15.876 7.570   -0.229  1.00 27.04 ? 94   GLU A CD  1 
ATOM   705 O OE1 . GLU A 1 82  ? -15.999 8.788   -0.508  1.00 31.57 ? 94   GLU A OE1 1 
ATOM   706 O OE2 . GLU A 1 82  ? -16.346 6.592   -0.930  1.00 31.52 ? 94   GLU A OE2 1 
ATOM   707 N N   . ALA A 1 83  ? -10.633 7.865   0.158   1.00 12.18 ? 95   ALA A N   1 
ATOM   708 C CA  . ALA A 1 83  ? -9.392  8.558   -0.097  1.00 12.22 ? 95   ALA A CA  1 
ATOM   709 C C   . ALA A 1 83  ? -8.914  8.299   -1.521  1.00 13.00 ? 95   ALA A C   1 
ATOM   710 O O   . ALA A 1 83  ? -8.452  9.200   -2.189  1.00 14.63 ? 95   ALA A O   1 
ATOM   711 C CB  . ALA A 1 83  ? -8.313  8.191   0.930   1.00 12.90 ? 95   ALA A CB  1 
ATOM   712 N N   . LEU A 1 84  ? -8.969  7.052   -1.967  1.00 13.04 ? 96   LEU A N   1 
ATOM   713 C CA  . LEU A 1 84  ? -8.512  6.731   -3.284  1.00 14.49 ? 96   LEU A CA  1 
ATOM   714 C C   . LEU A 1 84  ? -9.351  7.471   -4.327  1.00 16.35 ? 96   LEU A C   1 
ATOM   715 O O   . LEU A 1 84  ? -8.794  7.957   -5.323  1.00 18.54 ? 96   LEU A O   1 
ATOM   716 C CB  . LEU A 1 84  ? -8.601  5.236   -3.549  1.00 14.06 ? 96   LEU A CB  1 
ATOM   717 C CG  . LEU A 1 84  ? -7.509  4.434   -2.859  1.00 14.72 ? 96   LEU A CG  1 
ATOM   718 C CD1 . LEU A 1 84  ? -7.869  2.886   -2.936  1.00 16.73 ? 96   LEU A CD1 1 
ATOM   719 C CD2 . LEU A 1 84  ? -6.149  4.727   -3.412  1.00 15.34 ? 96   LEU A CD2 1 
ATOM   720 N N   . LYS A 1 85  ? -10.662 7.518   -4.110  1.00 17.22 ? 97   LYS A N   1 
ATOM   721 C CA  . LYS A 1 85  ? -11.602 8.241   -5.017  1.00 20.13 ? 97   LYS A CA  1 
ATOM   722 C C   . LYS A 1 85  ? -11.164 9.686   -5.139  1.00 22.20 ? 97   LYS A C   1 
ATOM   723 O O   . LYS A 1 85  ? -11.024 10.237  -6.262  1.00 23.41 ? 97   LYS A O   1 
ATOM   724 C CB  . LYS A 1 85  ? -13.036 8.211   -4.506  1.00 21.55 ? 97   LYS A CB  1 
ATOM   725 C CG  . LYS A 1 85  ? -13.712 6.869   -4.351  1.00 27.10 ? 97   LYS A CG  1 
ATOM   726 C CD  . LYS A 1 85  ? -13.449 5.898   -5.475  1.00 31.03 ? 97   LYS A CD  1 
ATOM   727 C CE  . LYS A 1 85  ? -13.391 4.424   -4.978  1.00 31.52 ? 97   LYS A CE  1 
ATOM   728 N NZ  . LYS A 1 85  ? -12.070 4.049   -4.404  1.00 27.86 ? 97   LYS A NZ  1 
ATOM   729 N N   . LYS A 1 86  ? -10.911 10.297  -4.001  1.00 24.55 ? 98   LYS A N   1 
ATOM   730 C CA  . LYS A 1 86  ? -10.567 11.732  -3.971  1.00 26.74 ? 98   LYS A CA  1 
ATOM   731 C C   . LYS A 1 86  ? -9.255  12.036  -4.579  1.00 29.16 ? 98   LYS A C   1 
ATOM   732 O O   . LYS A 1 86  ? -9.040  13.163  -5.057  1.00 31.45 ? 98   LYS A O   1 
ATOM   733 C CB  . LYS A 1 86  ? -10.465 12.241  -2.562  1.00 26.74 ? 98   LYS A CB  1 
ATOM   734 C CG  . LYS A 1 86  ? -11.760 12.450  -1.983  1.00 25.86 ? 98   LYS A CG  1 
ATOM   735 C CD  . LYS A 1 86  ? -11.636 13.436  -0.819  1.00 27.27 ? 98   LYS A CD  1 
ATOM   736 C CE  . LYS A 1 86  ? -12.955 13.500  -0.174  1.00 26.65 ? 98   LYS A CE  1 
ATOM   737 N NZ  . LYS A 1 86  ? -13.297 12.230  0.458   1.00 27.26 ? 98   LYS A NZ  1 
ATOM   738 N N   . GLY A 1 87  ? -8.352  11.071  -4.546  1.00 30.68 ? 99   GLY A N   1 
ATOM   739 C CA  . GLY A 1 87  ? -7.059  11.213  -5.153  1.00 32.62 ? 99   GLY A CA  1 
ATOM   740 C C   . GLY A 1 87  ? -7.094  10.826  -6.603  1.00 33.93 ? 99   GLY A C   1 
ATOM   741 O O   . GLY A 1 87  ? -6.053  10.692  -7.206  1.00 35.21 ? 99   GLY A O   1 
ATOM   742 N N   . ASN A 1 88  ? -8.304  10.636  -7.143  1.00 35.81 ? 100  ASN A N   1 
ATOM   743 C CA  . ASN A 1 88  ? -8.530  10.186  -8.523  1.00 37.18 ? 100  ASN A CA  1 
ATOM   744 C C   . ASN A 1 88  ? -7.829  8.884   -8.934  1.00 37.57 ? 100  ASN A C   1 
ATOM   745 O O   . ASN A 1 88  ? -7.481  8.681   -10.110 1.00 38.50 ? 100  ASN A O   1 
ATOM   746 C CB  . ASN A 1 88  ? -8.270  11.358  -9.492  1.00 38.10 ? 100  ASN A CB  1 
ATOM   747 C CG  . ASN A 1 88  ? -9.173  12.540  -9.189  1.00 39.74 ? 100  ASN A CG  1 
ATOM   748 O OD1 . ASN A 1 88  ? -10.334 12.558  -9.591  1.00 43.12 ? 100  ASN A OD1 1 
ATOM   749 N ND2 . ASN A 1 88  ? -8.664  13.501  -8.416  1.00 41.57 ? 100  ASN A ND2 1 
ATOM   750 N N   . MET A 1 89  ? -7.681  7.977   -7.962  1.00 36.63 ? 101  MET A N   1 
ATOM   751 C CA  . MET A 1 89  ? -7.028  6.685   -8.172  1.00 36.74 ? 101  MET A CA  1 
ATOM   752 C C   . MET A 1 89  ? -8.044  5.631   -8.604  1.00 37.10 ? 101  MET A C   1 
ATOM   753 O O   . MET A 1 89  ? -9.251  5.825   -8.454  1.00 37.22 ? 101  MET A O   1 
ATOM   754 C CB  . MET A 1 89  ? -6.287  6.213   -6.907  1.00 36.25 ? 101  MET A CB  1 
ATOM   755 C CG  . MET A 1 89  ? -5.269  7.207   -6.306  1.00 35.70 ? 101  MET A CG  1 
ATOM   756 S SD  . MET A 1 89  ? -3.822  7.536   -7.333  1.00 35.73 ? 101  MET A SD  1 
ATOM   757 C CE  . MET A 1 89  ? -3.044  5.913   -7.376  1.00 33.83 ? 101  MET A CE  1 
ATOM   758 N N   . GLU A 1 90  ? -7.511  4.500   -9.076  1.00 38.44 ? 102  GLU A N   1 
ATOM   759 C CA  . GLU A 1 90  ? -8.200  3.412   -9.861  1.00 39.04 ? 102  GLU A CA  1 
ATOM   760 C C   . GLU A 1 90  ? -9.332  2.465   -9.302  1.00 38.85 ? 102  GLU A C   1 
ATOM   761 O O   . GLU A 1 90  ? -9.617  1.457   -9.951  1.00 39.54 ? 102  GLU A O   1 
ATOM   762 C CB  . GLU A 1 90  ? -7.070  2.507   -10.428 1.00 39.50 ? 102  GLU A CB  1 
ATOM   763 C CG  . GLU A 1 90  ? -7.504  1.217   -11.163 1.00 40.77 ? 102  GLU A CG  1 
ATOM   764 C CD  . GLU A 1 90  ? -6.351  0.496   -11.836 1.00 43.22 ? 102  GLU A CD  1 
ATOM   765 O OE1 . GLU A 1 90  ? -5.913  0.951   -12.918 1.00 46.43 ? 102  GLU A OE1 1 
ATOM   766 O OE2 . GLU A 1 90  ? -5.893  -0.544  -11.296 1.00 45.57 ? 102  GLU A OE2 1 
ATOM   767 N N   . ASP A 1 91  ? -10.023 2.789   -8.208  1.00 37.93 ? 103  ASP A N   1 
ATOM   768 C CA  . ASP A 1 91  ? -10.877 1.812   -7.466  1.00 37.43 ? 103  ASP A CA  1 
ATOM   769 C C   . ASP A 1 91  ? -10.106 0.579   -7.018  1.00 35.63 ? 103  ASP A C   1 
ATOM   770 O O   . ASP A 1 91  ? -9.407  -0.027  -7.809  1.00 35.52 ? 103  ASP A O   1 
ATOM   771 C CB  . ASP A 1 91  ? -12.039 1.224   -8.291  1.00 38.38 ? 103  ASP A CB  1 
ATOM   772 C CG  . ASP A 1 91  ? -12.752 2.227   -9.117  1.00 41.48 ? 103  ASP A CG  1 
ATOM   773 O OD1 . ASP A 1 91  ? -13.645 2.906   -8.563  1.00 46.49 ? 103  ASP A OD1 1 
ATOM   774 O OD2 . ASP A 1 91  ? -12.455 2.288   -10.334 1.00 45.92 ? 103  ASP A OD2 1 
ATOM   775 N N   . MET A 1 92  ? -10.289 0.166   -5.770  1.00 34.49 ? 104  MET A N   1 
ATOM   776 C CA  . MET A 1 92  ? -9.875  -1.165  -5.359  1.00 33.29 ? 104  MET A CA  1 
ATOM   777 C C   . MET A 1 92  ? -10.638 -2.200  -6.170  1.00 32.80 ? 104  MET A C   1 
ATOM   778 O O   . MET A 1 92  ? -11.856 -2.065  -6.383  1.00 33.27 ? 104  MET A O   1 
ATOM   779 C CB  . MET A 1 92  ? -10.203 -1.406  -3.878  1.00 33.29 ? 104  MET A CB  1 
ATOM   780 C CG  . MET A 1 92  ? -9.266  -0.733  -2.889  1.00 33.00 ? 104  MET A CG  1 
ATOM   781 S SD  . MET A 1 92  ? -9.747  -1.123  -1.168  1.00 32.78 ? 104  MET A SD  1 
ATOM   782 C CE  . MET A 1 92  ? -11.204 -0.075  -1.144  1.00 32.16 ? 104  MET A CE  1 
ATOM   783 N N   . ASP A 1 93  ? -9.933  -3.255  -6.582  1.00 31.97 ? 105  ASP A N   1 
ATOM   784 C CA  . ASP A 1 93  ? -10.567 -4.386  -7.253  1.00 31.70 ? 105  ASP A CA  1 
ATOM   785 C C   . ASP A 1 93  ? -11.476 -5.118  -6.254  1.00 30.59 ? 105  ASP A C   1 
ATOM   786 O O   . ASP A 1 93  ? -12.581 -5.544  -6.584  1.00 30.82 ? 105  ASP A O   1 
ATOM   787 C CB  . ASP A 1 93  ? -9.528  -5.396  -7.786  1.00 31.87 ? 105  ASP A CB  1 
ATOM   788 C CG  . ASP A 1 93  ? -8.574  -4.812  -8.850  1.00 34.68 ? 105  ASP A CG  1 
ATOM   789 O OD1 . ASP A 1 93  ? -8.748  -3.664  -9.329  1.00 36.49 ? 105  ASP A OD1 1 
ATOM   790 O OD2 . ASP A 1 93  ? -7.622  -5.534  -9.221  1.00 38.14 ? 105  ASP A OD2 1 
ATOM   791 N N   . ASP A 1 94  ? -10.993 -5.242  -5.022  1.00 28.85 ? 106  ASP A N   1 
ATOM   792 C CA  . ASP A 1 94  ? -11.685 -5.973  -3.973  1.00 28.25 ? 106  ASP A CA  1 
ATOM   793 C C   . ASP A 1 94  ? -11.828 -5.054  -2.762  1.00 26.14 ? 106  ASP A C   1 
ATOM   794 O O   . ASP A 1 94  ? -10.891 -4.337  -2.414  1.00 26.12 ? 106  ASP A O   1 
ATOM   795 C CB  . ASP A 1 94  ? -10.846 -7.210  -3.641  1.00 29.77 ? 106  ASP A CB  1 
ATOM   796 C CG  . ASP A 1 94  ? -9.511  -7.234  -4.411  1.00 33.30 ? 106  ASP A CG  1 
ATOM   797 O OD1 . ASP A 1 94  ? -8.909  -6.134  -4.558  1.00 40.38 ? 106  ASP A OD1 1 
ATOM   798 O OD2 . ASP A 1 94  ? -9.064  -8.309  -4.888  1.00 36.85 ? 106  ASP A OD2 1 
ATOM   799 N N   . ASP A 1 95  ? -12.990 -5.065  -2.112  1.00 24.16 ? 107  ASP A N   1 
ATOM   800 C CA  . ASP A 1 95  ? -13.184 -4.255  -0.945  1.00 24.45 ? 107  ASP A CA  1 
ATOM   801 C C   . ASP A 1 95  ? -12.306 -4.614  0.243   1.00 22.89 ? 107  ASP A C   1 
ATOM   802 O O   . ASP A 1 95  ? -11.930 -3.663  1.010   1.00 21.41 ? 107  ASP A O   1 
ATOM   803 C CB  . ASP A 1 95  ? -14.611 -4.332  -0.462  1.00 25.14 ? 107  ASP A CB  1 
ATOM   804 C CG  . ASP A 1 95  ? -15.572 -3.424  -1.243  1.00 28.79 ? 107  ASP A CG  1 
ATOM   805 O OD1 . ASP A 1 95  ? -15.180 -2.498  -2.038  1.00 29.86 ? 107  ASP A OD1 1 
ATOM   806 O OD2 . ASP A 1 95  ? -16.779 -3.641  -0.987  1.00 33.65 ? 107  ASP A OD2 1 
ATOM   807 N N   . PHE A 1 96  ? -11.997 -5.930  0.410   1.00 20.50 ? 108  PHE A N   1 
ATOM   808 C CA  . PHE A 1 96  ? -11.005 -6.399  1.427   1.00 18.80 ? 108  PHE A CA  1 
ATOM   809 C C   . PHE A 1 96  ? -9.605  -5.849  1.121   1.00 19.31 ? 108  PHE A C   1 
ATOM   810 O O   . PHE A 1 96  ? -8.631  -6.214  1.794   1.00 17.98 ? 108  PHE A O   1 
ATOM   811 C CB  . PHE A 1 96  ? -10.911 -7.955  1.544   1.00 18.10 ? 108  PHE A CB  1 
ATOM   812 C CG  . PHE A 1 96  ? -12.029 -8.643  2.349   1.00 19.05 ? 108  PHE A CG  1 
ATOM   813 C CD1 . PHE A 1 96  ? -11.894 -8.983  3.687   1.00 20.32 ? 108  PHE A CD1 1 
ATOM   814 C CD2 . PHE A 1 96  ? -13.181 -9.132  1.694   1.00 23.25 ? 108  PHE A CD2 1 
ATOM   815 C CE1 . PHE A 1 96  ? -12.935 -9.598  4.396   1.00 18.76 ? 108  PHE A CE1 1 
ATOM   816 C CE2 . PHE A 1 96  ? -14.213 -9.798  2.395   1.00 23.15 ? 108  PHE A CE2 1 
ATOM   817 C CZ  . PHE A 1 96  ? -14.085 -10.035 3.758   1.00 21.69 ? 108  PHE A CZ  1 
ATOM   818 N N   . GLY A 1 97  ? -9.473  -5.018  0.090   1.00 19.82 ? 109  GLY A N   1 
ATOM   819 C CA  . GLY A 1 97  ? -8.217  -4.418  -0.302  1.00 20.26 ? 109  GLY A CA  1 
ATOM   820 C C   . GLY A 1 97  ? -7.095  -5.373  -0.643  1.00 19.34 ? 109  GLY A C   1 
ATOM   821 O O   . GLY A 1 97  ? -7.270  -6.349  -1.387  1.00 20.15 ? 109  GLY A O   1 
ATOM   822 N N   . LEU A 1 98  ? -5.922  -5.111  -0.053  1.00 19.11 ? 110  LEU A N   1 
ATOM   823 C CA  . LEU A 1 98  ? -4.743  -5.834  -0.389  1.00 18.56 ? 110  LEU A CA  1 
ATOM   824 C C   . LEU A 1 98  ? -4.744  -7.228  0.206   1.00 17.71 ? 110  LEU A C   1 
ATOM   825 O O   . LEU A 1 98  ? -3.918  -8.018  -0.180  1.00 18.80 ? 110  LEU A O   1 
ATOM   826 C CB  . LEU A 1 98  ? -3.474  -5.079  0.051   1.00 20.03 ? 110  LEU A CB  1 
ATOM   827 C CG  . LEU A 1 98  ? -2.927  -3.995  -0.875  1.00 21.36 ? 110  LEU A CG  1 
ATOM   828 C CD1 . LEU A 1 98  ? -1.842  -3.176  -0.172  1.00 20.82 ? 110  LEU A CD1 1 
ATOM   829 C CD2 . LEU A 1 98  ? -2.482  -4.573  -2.236  1.00 22.07 ? 110  LEU A CD2 1 
ATOM   830 N N   . ARG A 1 99  ? -5.654  -7.565  1.133   1.00 15.92 ? 111  ARG A N   1 
ATOM   831 C CA  . ARG A 1 99  ? -5.650  -8.929  1.678   1.00 17.29 ? 111  ARG A CA  1 
ATOM   832 C C   . ARG A 1 99  ? -5.797  -9.929  0.598   1.00 21.36 ? 111  ARG A C   1 
ATOM   833 O O   . ARG A 1 99  ? -5.117  -10.935 0.655   1.00 22.34 ? 111  ARG A O   1 
ATOM   834 C CB  . ARG A 1 99  ? -6.777  -9.222  2.691   1.00 17.62 ? 111  ARG A CB  1 
ATOM   835 C CG  . ARG A 1 99  ? -6.835  -8.424  3.829   1.00 17.16 ? 111  ARG A CG  1 
ATOM   836 C CD  . ARG A 1 99  ? -8.042  -8.794  4.705   1.00 12.42 ? 111  ARG A CD  1 
ATOM   837 N NE  . ARG A 1 99  ? -8.193  -10.245 4.938   1.00 11.06 ? 111  ARG A NE  1 
ATOM   838 C CZ  . ARG A 1 99  ? -7.648  -10.942 5.923   1.00 10.49 ? 111  ARG A CZ  1 
ATOM   839 N NH1 . ARG A 1 99  ? -6.897  -10.376 6.835   1.00 10.59 ? 111  ARG A NH1 1 
ATOM   840 N NH2 . ARG A 1 99  ? -7.868  -12.244 6.014   1.00 11.30 ? 111  ARG A NH2 1 
ATOM   841 N N   . SER A 1 100 ? -6.602  -9.567  -0.401  1.00 24.48 ? 112  SER A N   1 
ATOM   842 C CA  . SER A 1 100 ? -7.143  -10.423 -1.434  1.00 29.48 ? 112  SER A CA  1 
ATOM   843 C C   . SER A 1 100 ? -6.453  -10.205 -2.804  1.00 30.70 ? 112  SER A C   1 
ATOM   844 O O   . SER A 1 100 ? -6.283  -9.070  -3.289  1.00 32.09 ? 112  SER A O   1 
ATOM   845 C CB  . SER A 1 100 ? -8.645  -10.081 -1.519  1.00 29.66 ? 112  SER A CB  1 
ATOM   846 O OG  . SER A 1 100 ? -8.834  -8.673  -1.464  1.00 33.25 ? 112  SER A OG  1 
ATOM   847 O OXT . SER A 1 100 ? -6.022  -11.131 -3.520  1.00 32.60 ? 112  SER A OXT 1 
HETATM 848 N N   . NIO B 2 .   ? -3.608  0.465   -1.372  1.00 22.98 ? 200  NIO A N   1 
HETATM 849 C C1  . NIO B 2 .   ? -3.730  0.054   -0.093  1.00 22.77 ? 200  NIO A C1  1 
HETATM 850 C C2  . NIO B 2 .   ? -4.871  -0.659  0.318   1.00 24.01 ? 200  NIO A C2  1 
HETATM 851 C C3  . NIO B 2 .   ? -5.885  -0.915  -0.559  1.00 23.03 ? 200  NIO A C3  1 
HETATM 852 C C4  . NIO B 2 .   ? -5.720  -0.479  -1.864  1.00 24.72 ? 200  NIO A C4  1 
HETATM 853 C C5  . NIO B 2 .   ? -4.575  0.215   -2.247  1.00 23.73 ? 200  NIO A C5  1 
HETATM 854 C C6  . NIO B 2 .   ? -5.052  -1.031  1.746   1.00 29.14 ? 200  NIO A C6  1 
HETATM 855 O O1  . NIO B 2 .   ? -6.241  -1.087  2.176   1.00 30.85 ? 200  NIO A O1  1 
HETATM 856 O O2  . NIO B 2 .   ? -4.060  -1.195  2.468   1.00 28.67 ? 200  NIO A O2  1 
HETATM 857 O O   . HOH C 3 .   ? 23.137  18.324  -6.828  1.00 57.09 ? 2001 HOH A O   1 
HETATM 858 O O   . HOH C 3 .   ? 21.737  20.790  -0.460  1.00 49.67 ? 2002 HOH A O   1 
HETATM 859 O O   . HOH C 3 .   ? 22.030  18.430  -3.288  1.00 36.88 ? 2003 HOH A O   1 
HETATM 860 O O   . HOH C 3 .   ? 19.343  19.101  0.861   1.00 40.24 ? 2004 HOH A O   1 
HETATM 861 O O   . HOH C 3 .   ? 17.749  17.174  0.254   1.00 33.54 ? 2005 HOH A O   1 
HETATM 862 O O   . HOH C 3 .   ? 14.303  13.154  7.935   1.00 43.17 ? 2006 HOH A O   1 
HETATM 863 O O   . HOH C 3 .   ? 5.445   7.786   6.362   1.00 39.45 ? 2007 HOH A O   1 
HETATM 864 O O   . HOH C 3 .   ? 4.369   9.278   4.621   1.00 48.23 ? 2008 HOH A O   1 
HETATM 865 O O   . HOH C 3 .   ? 6.640   5.570   6.947   1.00 32.69 ? 2009 HOH A O   1 
HETATM 866 O O   . HOH C 3 .   ? 6.179   5.638   9.370   1.00 57.03 ? 2010 HOH A O   1 
HETATM 867 O O   . HOH C 3 .   ? 9.783   7.463   2.792   1.00 30.25 ? 2011 HOH A O   1 
HETATM 868 O O   . HOH C 3 .   ? 7.559   8.176   5.539   1.00 49.31 ? 2012 HOH A O   1 
HETATM 869 O O   . HOH C 3 .   ? -6.033  5.135   10.771  0.50 23.27 ? 2013 HOH A O   1 
HETATM 870 O O   . HOH C 3 .   ? -8.109  5.416   10.130  0.50 22.69 ? 2014 HOH A O   1 
HETATM 871 O O   . HOH C 3 .   ? 14.684  8.706   -3.227  1.00 40.75 ? 2015 HOH A O   1 
HETATM 872 O O   . HOH C 3 .   ? 8.329   1.499   8.152   1.00 44.83 ? 2016 HOH A O   1 
HETATM 873 O O   . HOH C 3 .   ? 15.535  2.342   5.182   1.00 62.33 ? 2017 HOH A O   1 
HETATM 874 O O   . HOH C 3 .   ? 14.704  -3.067  4.031   1.00 41.23 ? 2018 HOH A O   1 
HETATM 875 O O   . HOH C 3 .   ? 14.118  -1.399  -1.795  1.00 33.21 ? 2019 HOH A O   1 
HETATM 876 O O   . HOH C 3 .   ? -6.351  6.988   10.738  1.00 25.80 ? 2020 HOH A O   1 
HETATM 877 O O   . HOH C 3 .   ? 0.423   5.595   10.352  1.00 32.28 ? 2021 HOH A O   1 
HETATM 878 O O   . HOH C 3 .   ? -10.750 5.849   9.361   0.50 22.70 ? 2022 HOH A O   1 
HETATM 879 O O   . HOH C 3 .   ? 13.728  -3.965  0.041   1.00 26.23 ? 2023 HOH A O   1 
HETATM 880 O O   . HOH C 3 .   ? -5.570  13.010  -2.143  1.00 35.57 ? 2024 HOH A O   1 
HETATM 881 O O   . HOH C 3 .   ? 14.850  -1.762  6.688   1.00 44.89 ? 2025 HOH A O   1 
HETATM 882 O O   . HOH C 3 .   ? 7.180   -1.069  7.428   1.00 28.38 ? 2026 HOH A O   1 
HETATM 883 O O   . HOH C 3 .   ? 13.056  1.479   4.588   1.00 25.29 ? 2027 HOH A O   1 
HETATM 884 O O   . HOH C 3 .   ? 4.150   -2.276  9.888   1.00 33.25 ? 2028 HOH A O   1 
HETATM 885 O O   . HOH C 3 .   ? 11.714  -5.417  9.441   1.00 38.80 ? 2029 HOH A O   1 
HETATM 886 O O   . HOH C 3 .   ? -5.049  -1.367  9.903   1.00 22.73 ? 2030 HOH A O   1 
HETATM 887 O O   . HOH C 3 .   ? 6.755   -15.290 -4.798  1.00 39.64 ? 2031 HOH A O   1 
HETATM 888 O O   . HOH C 3 .   ? 2.118   2.092   9.186   1.00 40.64 ? 2032 HOH A O   1 
HETATM 889 O O   . HOH C 3 .   ? -2.011  -14.731 2.837   1.00 50.01 ? 2033 HOH A O   1 
HETATM 890 O O   . HOH C 3 .   ? -4.619  9.374   1.065   1.00 16.52 ? 2034 HOH A O   1 
HETATM 891 O O   . HOH C 3 .   ? -2.387  13.401  6.835   1.00 33.32 ? 2035 HOH A O   1 
HETATM 892 O O   . HOH C 3 .   ? -5.913  8.628   8.252   1.00 15.20 ? 2036 HOH A O   1 
HETATM 893 O O   . HOH C 3 .   ? -2.232  13.028  3.668   1.00 88.62 ? 2037 HOH A O   1 
HETATM 894 O O   . HOH C 3 .   ? 0.298   5.793   7.599   1.00 17.78 ? 2038 HOH A O   1 
HETATM 895 O O   . HOH C 3 .   ? 0.574   10.157  8.753   1.00 40.88 ? 2039 HOH A O   1 
HETATM 896 O O   . HOH C 3 .   ? -9.975  4.327   9.889   1.00 24.66 ? 2040 HOH A O   1 
HETATM 897 O O   . HOH C 3 .   ? -9.377  -5.466  18.111  1.00 36.45 ? 2041 HOH A O   1 
HETATM 898 O O   . HOH C 3 .   ? -1.901  10.178  0.680   1.00 18.78 ? 2042 HOH A O   1 
HETATM 899 O O   . HOH C 3 .   ? 0.190   11.342  2.639   1.00 32.61 ? 2043 HOH A O   1 
HETATM 900 O O   . HOH C 3 .   ? -2.436  12.578  -0.892  1.00 30.24 ? 2044 HOH A O   1 
HETATM 901 O O   . HOH C 3 .   ? 3.953   8.833   -3.299  1.00 29.26 ? 2045 HOH A O   1 
HETATM 902 O O   . HOH C 3 .   ? -17.167 3.689   8.087   1.00 32.75 ? 2046 HOH A O   1 
HETATM 903 O O   . HOH C 3 .   ? -15.499 6.765   4.975   1.00 47.57 ? 2047 HOH A O   1 
HETATM 904 O O   . HOH C 3 .   ? -3.526  4.704   11.368  0.50 23.32 ? 2048 HOH A O   1 
HETATM 905 O O   . HOH C 3 .   ? -13.880 9.487   3.798   1.00 28.33 ? 2049 HOH A O   1 
HETATM 906 O O   . HOH C 3 .   ? -14.675 11.618  -4.037  1.00 40.26 ? 2050 HOH A O   1 
HETATM 907 O O   . HOH C 3 .   ? 2.622   6.377   -9.166  1.00 29.60 ? 2051 HOH A O   1 
HETATM 908 O O   . HOH C 3 .   ? 6.142   8.794   -1.818  1.00 31.12 ? 2052 HOH A O   1 
HETATM 909 O O   . HOH C 3 .   ? 10.930  6.455   -5.357  1.00 69.36 ? 2053 HOH A O   1 
HETATM 910 O O   . HOH C 3 .   ? -5.690  2.200   -6.834  1.00 44.78 ? 2054 HOH A O   1 
HETATM 911 O O   . HOH C 3 .   ? 9.832   7.238   -11.510 1.00 54.51 ? 2055 HOH A O   1 
HETATM 912 O O   . HOH C 3 .   ? 11.343  -0.819  -8.517  1.00 31.33 ? 2056 HOH A O   1 
HETATM 913 O O   . HOH C 3 .   ? 7.958   4.052   -12.411 1.00 41.34 ? 2057 HOH A O   1 
HETATM 914 O O   . HOH C 3 .   ? 3.219   5.424   -11.761 1.00 39.21 ? 2058 HOH A O   1 
HETATM 915 O O   . HOH C 3 .   ? 13.045  -3.837  -14.690 1.00 19.70 ? 2059 HOH A O   1 
HETATM 916 O O   . HOH C 3 .   ? 11.189  4.003   -7.648  1.00 35.13 ? 2060 HOH A O   1 
HETATM 917 O O   . HOH C 3 .   ? 5.998   -5.809  -14.175 1.00 34.67 ? 2061 HOH A O   1 
HETATM 918 O O   . HOH C 3 .   ? 7.843   -13.363 -15.820 1.00 29.14 ? 2062 HOH A O   1 
HETATM 919 O O   . HOH C 3 .   ? 7.253   -14.383 -9.195  1.00 28.13 ? 2063 HOH A O   1 
HETATM 920 O O   . HOH C 3 .   ? 13.060  -3.006  -9.833  1.00 45.23 ? 2064 HOH A O   1 
HETATM 921 O O   . HOH C 3 .   ? -0.379  -10.321 -10.039 1.00 50.37 ? 2065 HOH A O   1 
HETATM 922 O O   . HOH C 3 .   ? 1.237   -12.645 -15.989 1.00 38.46 ? 2066 HOH A O   1 
HETATM 923 O O   . HOH C 3 .   ? 1.382   -12.555 -7.258  1.00 29.93 ? 2067 HOH A O   1 
HETATM 924 O O   . HOH C 3 .   ? 6.632   -13.420 -2.806  1.00 26.10 ? 2068 HOH A O   1 
HETATM 925 O O   . HOH C 3 .   ? -0.158  -12.465 -5.278  1.00 46.46 ? 2069 HOH A O   1 
HETATM 926 O O   . HOH C 3 .   ? -2.353  -9.915  -7.512  1.00 54.29 ? 2070 HOH A O   1 
HETATM 927 O O   . HOH C 3 .   ? -0.484  -13.946 5.416   1.00 26.25 ? 2071 HOH A O   1 
HETATM 928 O O   . HOH C 3 .   ? 8.086   -10.288 8.280   1.00 25.56 ? 2072 HOH A O   1 
HETATM 929 O O   . HOH C 3 .   ? 5.926   -12.130 8.818   1.00 23.12 ? 2073 HOH A O   1 
HETATM 930 O O   . HOH C 3 .   ? -1.627  -4.795  12.575  1.00 31.69 ? 2074 HOH A O   1 
HETATM 931 O O   . HOH C 3 .   ? -3.461  -6.713  14.261  1.00 23.57 ? 2075 HOH A O   1 
HETATM 932 O O   . HOH C 3 .   ? 1.094   -4.551  12.131  1.00 20.39 ? 2076 HOH A O   1 
HETATM 933 O O   . HOH C 3 .   ? -3.804  -3.878  12.553  1.00 37.60 ? 2077 HOH A O   1 
HETATM 934 O O   . HOH C 3 .   ? -6.524  -15.277 7.296   1.00 26.30 ? 2078 HOH A O   1 
HETATM 935 O O   . HOH C 3 .   ? -2.632  -14.421 10.941  1.00 46.39 ? 2079 HOH A O   1 
HETATM 936 O O   . HOH C 3 .   ? -3.912  -8.849  12.518  1.00 18.76 ? 2080 HOH A O   1 
HETATM 937 O O   . HOH C 3 .   ? -2.212  -12.343 14.721  1.00 46.18 ? 2081 HOH A O   1 
HETATM 938 O O   . HOH C 3 .   ? -8.668  -10.337 17.699  1.00 31.57 ? 2082 HOH A O   1 
HETATM 939 O O   . HOH C 3 .   ? -14.378 -3.351  17.176  1.00 18.27 ? 2083 HOH A O   1 
HETATM 940 O O   . HOH C 3 .   ? -17.456 -0.233  10.863  1.00 19.35 ? 2084 HOH A O   1 
HETATM 941 O O   . HOH C 3 .   ? -10.927 -2.020  18.439  1.00 20.43 ? 2085 HOH A O   1 
HETATM 942 O O   . HOH C 3 .   ? -12.503 1.821   13.813  1.00 13.53 ? 2086 HOH A O   1 
HETATM 943 O O   . HOH C 3 .   ? -14.634 -0.630  16.712  1.00 20.04 ? 2087 HOH A O   1 
HETATM 944 O O   . HOH C 3 .   ? -12.595 -0.476  18.198  1.00 30.02 ? 2088 HOH A O   1 
HETATM 945 O O   . HOH C 3 .   ? -9.635  -4.228  15.656  1.00 13.46 ? 2089 HOH A O   1 
HETATM 946 O O   . HOH C 3 .   ? -10.605 1.435   11.840  1.00 11.07 ? 2090 HOH A O   1 
HETATM 947 O O   . HOH C 3 .   ? -21.736 -2.019  8.017   1.00 28.76 ? 2091 HOH A O   1 
HETATM 948 O O   . HOH C 3 .   ? -17.979 0.743   8.333   1.00 29.71 ? 2092 HOH A O   1 
HETATM 949 O O   . HOH C 3 .   ? -14.848 4.821   7.772   1.00 25.75 ? 2093 HOH A O   1 
HETATM 950 O O   . HOH C 3 .   ? -4.682  1.994   9.204   1.00 27.38 ? 2094 HOH A O   1 
HETATM 951 O O   . HOH C 3 .   ? -8.817  -1.878  6.321   1.00 23.77 ? 2095 HOH A O   1 
HETATM 952 O O   . HOH C 3 .   ? -16.387 4.477   1.185   1.00 31.63 ? 2096 HOH A O   1 
HETATM 953 O O   . HOH C 3 .   ? -11.339 8.920   3.544   1.00 13.62 ? 2097 HOH A O   1 
HETATM 954 O O   . HOH C 3 .   ? -14.321 10.485  -1.662  1.00 38.89 ? 2098 HOH A O   1 
HETATM 955 O O   . HOH C 3 .   ? -7.561  11.491  -0.888  1.00 27.05 ? 2099 HOH A O   1 
HETATM 956 O O   . HOH C 3 .   ? -12.282 1.459   -4.155  1.00 35.50 ? 2100 HOH A O   1 
HETATM 957 O O   . HOH C 3 .   ? -11.160 11.153  1.757   1.00 23.42 ? 2101 HOH A O   1 
HETATM 958 O O   . HOH C 3 .   ? -6.152  7.440   -12.137 1.00 64.14 ? 2102 HOH A O   1 
HETATM 959 O O   . HOH C 3 .   ? -10.932 5.213   -6.672  1.00 44.84 ? 2103 HOH A O   1 
HETATM 960 O O   . HOH C 3 .   ? -6.665  0.276   -6.316  1.00 36.62 ? 2104 HOH A O   1 
HETATM 961 O O   . HOH C 3 .   ? -7.664  -4.192  -4.692  1.00 50.74 ? 2105 HOH A O   1 
HETATM 962 O O   . HOH C 3 .   ? -18.111 -5.527  0.308   1.00 22.32 ? 2106 HOH A O   1 
HETATM 963 O O   . HOH C 3 .   ? -15.840 -6.434  -2.737  0.50 23.73 ? 2107 HOH A O   1 
HETATM 964 O O   . HOH C 3 .   ? -14.982 -2.261  2.488   1.00 39.55 ? 2108 HOH A O   1 
HETATM 965 O O   . HOH C 3 .   ? -6.174  -4.214  3.018   1.00 31.41 ? 2109 HOH A O   1 
HETATM 966 O O   . HOH C 3 .   ? -3.140  -13.258 0.576   1.00 36.32 ? 2110 HOH A O   1 
HETATM 967 O O   . HOH C 3 .   ? -6.881  -6.875  -3.630  1.00 29.45 ? 2111 HOH A O   1 
HETATM 968 O O   . HOH C 3 .   ? -1.876  -0.342  3.217   1.00 18.56 ? 2112 HOH A O   1 
# 
loop_
_atom_site_anisotrop.id 
_atom_site_anisotrop.type_symbol 
_atom_site_anisotrop.pdbx_label_atom_id 
_atom_site_anisotrop.pdbx_label_alt_id 
_atom_site_anisotrop.pdbx_label_comp_id 
_atom_site_anisotrop.pdbx_label_asym_id 
_atom_site_anisotrop.pdbx_label_seq_id 
_atom_site_anisotrop.pdbx_PDB_ins_code 
_atom_site_anisotrop.U[1][1] 
_atom_site_anisotrop.U[2][2] 
_atom_site_anisotrop.U[3][3] 
_atom_site_anisotrop.U[1][2] 
_atom_site_anisotrop.U[1][3] 
_atom_site_anisotrop.U[2][3] 
_atom_site_anisotrop.pdbx_auth_seq_id 
_atom_site_anisotrop.pdbx_auth_comp_id 
_atom_site_anisotrop.pdbx_auth_asym_id 
_atom_site_anisotrop.pdbx_auth_atom_id 
1   N N   . ALA A 1   ? 0.4998 0.5070 0.5122 -0.0116 0.0005  0.0048  13   ALA A N   
2   C CA  . ALA A 1   ? 0.4918 0.4955 0.5001 -0.0109 0.0006  0.0076  13   ALA A CA  
3   C C   . ALA A 1   ? 0.4890 0.4971 0.4987 -0.0108 0.0020  0.0059  13   ALA A C   
4   O O   . ALA A 1   ? 0.4940 0.4998 0.5040 -0.0189 0.0051  0.0148  13   ALA A O   
5   C CB  . ALA A 1   ? 0.4830 0.4960 0.5046 -0.0107 0.0006  0.0108  13   ALA A CB  
6   N N   . ILE A 2   ? 0.4820 0.4860 0.4767 -0.0093 0.0027  0.0032  14   ILE A N   
7   C CA  . ILE A 2   ? 0.4757 0.4814 0.4613 -0.0047 0.0049  -0.0007 14   ILE A CA  
8   C C   . ILE A 2   ? 0.4603 0.4617 0.4423 -0.0024 0.0015  -0.0002 14   ILE A C   
9   O O   . ILE A 2   ? 0.4797 0.4723 0.4447 -0.0047 0.0026  0.0041  14   ILE A O   
10  C CB  . ILE A 2   ? 0.4769 0.4894 0.4679 -0.0049 0.0050  -0.0070 14   ILE A CB  
11  C CG1 . ILE A 2   ? 0.4843 0.5024 0.4805 -0.0060 0.0117  0.0059  14   ILE A CG1 
12  C CG2 . ILE A 2   ? 0.4746 0.4962 0.4411 0.0099  0.0249  0.0057  14   ILE A CG2 
13  C CD1 . ILE A 2   ? 0.4853 0.5296 0.4939 -0.0070 0.0051  -0.0118 14   ILE A CD1 
14  N N   . ASP A 3   ? 0.4346 0.4416 0.4072 -0.0027 0.0003  -0.0022 15   ASP A N   
15  C CA  . ASP A 3   ? 0.4111 0.4185 0.3943 -0.0024 -0.0019 -0.0027 15   ASP A CA  
16  C C   . ASP A 3   ? 0.4114 0.4159 0.4028 0.0005  -0.0059 0.0003  15   ASP A C   
17  O O   . ASP A 3   ? 0.3850 0.4061 0.4082 0.0048  -0.0021 -0.0047 15   ASP A O   
18  C CB  . ASP A 3   ? 0.3950 0.4012 0.3632 -0.0025 -0.0022 -0.0076 15   ASP A CB  
19  C CG  . ASP A 3   ? 0.3974 0.3950 0.3658 0.0128  -0.0044 -0.0105 15   ASP A CG  
20  O OD1 . ASP A 3   ? 0.3387 0.3669 0.2814 -0.0079 0.0012  -0.0344 15   ASP A OD1 
21  O OD2 . ASP A 3   ? 0.4262 0.4002 0.2972 0.0133  0.0283  -0.0670 15   ASP A OD2 
22  N N   . PRO A 4   ? 0.4091 0.4178 0.4121 0.0034  -0.0056 0.0046  16   PRO A N   
23  C CA  . PRO A 4   ? 0.4191 0.4228 0.4166 0.0061  -0.0002 0.0054  16   PRO A CA  
24  C C   . PRO A 4   ? 0.4207 0.4237 0.4221 0.0012  0.0055  0.0038  16   PRO A C   
25  O O   . PRO A 4   ? 0.4427 0.4340 0.4293 0.0001  0.0108  0.0067  16   PRO A O   
26  C CB  . PRO A 4   ? 0.4183 0.4254 0.4231 0.0097  -0.0020 0.0064  16   PRO A CB  
27  C CG  . PRO A 4   ? 0.4093 0.4201 0.4044 0.0055  -0.0084 0.0076  16   PRO A CG  
28  C CD  . PRO A 4   ? 0.4120 0.4200 0.4111 0.0041  -0.0027 0.0056  16   PRO A CD  
29  N N   . PHE A 5   ? 0.4173 0.4289 0.4179 -0.0047 0.0044  -0.0001 17   PHE A N   
30  C CA  . PHE A 5   ? 0.4165 0.4274 0.4207 -0.0013 0.0017  -0.0044 17   PHE A CA  
31  C C   . PHE A 5   ? 0.4278 0.4471 0.4391 -0.0080 0.0027  -0.0053 17   PHE A C   
32  O O   . PHE A 5   ? 0.4049 0.4426 0.4130 -0.0200 0.0060  -0.0103 17   PHE A O   
33  C CB  . PHE A 5   ? 0.4072 0.4240 0.4172 -0.0042 0.0013  -0.0030 17   PHE A CB  
34  C CG  . PHE A 5   ? 0.4158 0.4243 0.4069 -0.0036 0.0066  -0.0085 17   PHE A CG  
35  C CD1 . PHE A 5   ? 0.4191 0.4549 0.3973 -0.0003 0.0109  -0.0137 17   PHE A CD1 
36  C CD2 . PHE A 5   ? 0.4154 0.4279 0.3983 -0.0046 0.0186  -0.0004 17   PHE A CD2 
37  C CE1 . PHE A 5   ? 0.4113 0.4561 0.3903 -0.0026 0.0098  -0.0029 17   PHE A CE1 
38  C CE2 . PHE A 5   ? 0.3927 0.4380 0.3903 0.0012  0.0192  -0.0092 17   PHE A CE2 
39  C CZ  . PHE A 5   ? 0.4074 0.4483 0.3948 -0.0032 0.0207  -0.0022 17   PHE A CZ  
40  N N   . THR A 6   ? 0.4518 0.4760 0.4588 -0.0109 0.0033  -0.0057 18   THR A N   
41  C CA  . THR A 6   ? 0.4722 0.4998 0.4848 -0.0106 -0.0006 -0.0067 18   THR A CA  
42  C C   . THR A 6   ? 0.4826 0.5060 0.4906 -0.0106 0.0009  -0.0074 18   THR A C   
43  O O   . THR A 6   ? 0.4849 0.5161 0.4951 -0.0188 -0.0002 -0.0064 18   THR A O   
44  C CB  . THR A 6   ? 0.4796 0.5035 0.4883 -0.0069 -0.0021 -0.0083 18   THR A CB  
45  O OG1 . THR A 6   ? 0.4877 0.5551 0.5150 -0.0226 0.0031  -0.0165 18   THR A OG1 
46  C CG2 . THR A 6   ? 0.4922 0.4966 0.4882 -0.0068 0.0019  0.0002  18   THR A CG2 
47  N N   . MET A 7   ? 0.4956 0.5223 0.5046 -0.0059 0.0009  -0.0083 19   MET A N   
48  C CA  . MET A 7   ? 0.5025 0.5306 0.5162 -0.0019 -0.0018 -0.0048 19   MET A CA  
49  C C   . MET A 7   ? 0.5133 0.5370 0.5288 -0.0007 -0.0038 -0.0085 19   MET A C   
50  O O   . MET A 7   ? 0.5210 0.5421 0.5463 0.0038  -0.0096 -0.0096 19   MET A O   
51  C CB  . MET A 7   ? 0.4945 0.5316 0.5047 -0.0050 -0.0057 -0.0044 19   MET A CB  
52  C CG  . MET A 7   ? 0.4688 0.5468 0.4789 0.0000  0.0018  0.0205  19   MET A CG  
53  S SD  . MET A 7   ? 0.3437 0.5508 0.4053 -0.0068 -0.0322 0.0178  19   MET A SD  
54  C CE  . MET A 7   ? 0.3597 0.5445 0.3854 0.0393  -0.0515 -0.0009 19   MET A CE  
55  N N   . ALA A 8   ? 0.5201 0.5345 0.5300 -0.0008 -0.0020 -0.0092 20   ALA A N   
56  C CA  . ALA A 8   ? 0.5197 0.5335 0.5242 -0.0006 -0.0010 -0.0061 20   ALA A CA  
57  C C   . ALA A 8   ? 0.5144 0.5213 0.5192 0.0014  0.0010  -0.0046 20   ALA A C   
58  O O   . ALA A 8   ? 0.5196 0.5316 0.5263 0.0064  0.0048  -0.0064 20   ALA A O   
59  C CB  . ALA A 8   ? 0.5273 0.5377 0.5237 0.0024  -0.0004 -0.0082 20   ALA A CB  
60  N N   . LYS A 9   ? 0.5022 0.5032 0.5071 -0.0012 -0.0030 -0.0038 21   LYS A N   
61  C CA  . LYS A 9   ? 0.4982 0.4948 0.4987 -0.0007 -0.0026 -0.0062 21   LYS A CA  
62  C C   . LYS A 9   ? 0.4760 0.4636 0.4797 -0.0020 -0.0026 -0.0087 21   LYS A C   
63  O O   . LYS A 9   ? 0.5007 0.4640 0.4952 0.0010  -0.0089 -0.0213 21   LYS A O   
64  C CB  . LYS A 9   ? 0.5103 0.5035 0.5070 0.0018  -0.0011 -0.0073 21   LYS A CB  
65  C CG  . LYS A 9   ? 0.5278 0.5233 0.5170 -0.0076 0.0014  -0.0061 21   LYS A CG  
66  C CD  . LYS A 9   ? 0.5494 0.5612 0.5404 -0.0023 0.0007  -0.0073 21   LYS A CD  
67  C CE  . LYS A 9   ? 0.5773 0.5742 0.5529 -0.0168 -0.0017 -0.0012 21   LYS A CE  
68  N NZ  . LYS A 9   ? 0.6056 0.5808 0.5625 -0.0226 -0.0228 -0.0018 21   LYS A NZ  
69  N N   . ASP A 10  ? 0.4462 0.4394 0.4506 -0.0088 -0.0026 -0.0074 22   ASP A N   
70  C CA  . ASP A 10  ? 0.4308 0.4185 0.4324 -0.0103 0.0048  -0.0001 22   ASP A CA  
71  C C   . ASP A 10  ? 0.3916 0.3898 0.3980 -0.0153 0.0047  -0.0070 22   ASP A C   
72  O O   . ASP A 10  ? 0.4039 0.3953 0.4163 -0.0237 0.0032  0.0087  22   ASP A O   
73  C CB  . ASP A 10  ? 0.4454 0.4245 0.4401 -0.0133 0.0050  -0.0007 22   ASP A CB  
74  C CG  . ASP A 10  ? 0.4653 0.4246 0.4598 -0.0304 0.0332  0.0191  22   ASP A CG  
75  O OD1 . ASP A 10  ? 0.4563 0.3040 0.4790 -0.0743 0.0737  0.0308  22   ASP A OD1 
76  O OD2 . ASP A 10  ? 0.5744 0.4842 0.5221 -0.0340 0.0762  0.0547  22   ASP A OD2 
77  N N   . PHE A 11  ? 0.3331 0.3450 0.3623 -0.0203 0.0125  -0.0078 23   PHE A N   
78  C CA  . PHE A 11  ? 0.2888 0.3034 0.3115 -0.0231 0.0170  -0.0031 23   PHE A CA  
79  C C   . PHE A 11  ? 0.2792 0.2864 0.3073 -0.0265 0.0233  -0.0036 23   PHE A C   
80  O O   . PHE A 11  ? 0.2317 0.2660 0.2881 -0.0499 0.0494  0.0112  23   PHE A O   
81  C CB  . PHE A 11  ? 0.2821 0.2788 0.3031 -0.0219 0.0259  -0.0092 23   PHE A CB  
82  C CG  . PHE A 11  ? 0.2508 0.2274 0.2237 -0.0148 0.0083  -0.0268 23   PHE A CG  
83  C CD1 . PHE A 11  ? 0.2342 0.2225 0.2681 -0.0039 0.0219  -0.0260 23   PHE A CD1 
84  C CD2 . PHE A 11  ? 0.2361 0.2148 0.1865 -0.0062 0.0265  -0.0140 23   PHE A CD2 
85  C CE1 . PHE A 11  ? 0.2111 0.2227 0.2513 -0.0199 0.0293  -0.0089 23   PHE A CE1 
86  C CE2 . PHE A 11  ? 0.2137 0.2040 0.2315 -0.0271 0.0084  -0.0146 23   PHE A CE2 
87  C CZ  . PHE A 11  ? 0.1930 0.1778 0.2351 -0.0539 0.0132  0.0024  23   PHE A CZ  
88  N N   . SER A 12  ? 0.2887 0.2889 0.3050 -0.0226 0.0230  0.0085  24   SER A N   
89  C CA  . SER A 12  ? 0.3120 0.2937 0.3207 -0.0274 0.0210  0.0050  24   SER A CA  
90  C C   . SER A 12  ? 0.3069 0.2962 0.3284 -0.0349 0.0181  0.0066  24   SER A C   
91  O O   . SER A 12  ? 0.3172 0.3180 0.3352 -0.0416 0.0252  -0.0009 24   SER A O   
92  C CB  . SER A 12  ? 0.3188 0.3060 0.3219 -0.0289 0.0213  0.0091  24   SER A CB  
93  O OG  . SER A 12  ? 0.4087 0.3242 0.3706 -0.0636 0.0154  0.0132  24   SER A OG  
94  N N   . LYS A 13  ? 0.3017 0.3006 0.3358 -0.0381 0.0125  0.0104  25   LYS A N   
95  C CA  . LYS A 13  ? 0.3208 0.3256 0.3562 -0.0236 0.0022  0.0106  25   LYS A CA  
96  C C   . LYS A 13  ? 0.2875 0.3193 0.3470 -0.0277 0.0012  0.0130  25   LYS A C   
97  O O   . LYS A 13  ? 0.2674 0.3216 0.3733 -0.0442 -0.0017 0.0151  25   LYS A O   
98  C CB  . LYS A 13  ? 0.3390 0.3477 0.3736 -0.0211 -0.0002 0.0082  25   LYS A CB  
99  C CG  . LYS A 13  ? 0.4017 0.3915 0.4243 -0.0119 0.0013  0.0163  25   LYS A CG  
100 C CD  . LYS A 13  ? 0.4578 0.4569 0.4769 -0.0079 0.0272  0.0066  25   LYS A CD  
101 C CE  . LYS A 13  ? 0.5113 0.4914 0.5254 -0.0233 0.0239  0.0137  25   LYS A CE  
102 N NZ  . LYS A 13  ? 0.5498 0.5370 0.5806 -0.0386 0.0186  0.0099  25   LYS A NZ  
103 N N   . THR A 14  ? 0.2647 0.2877 0.3135 -0.0369 0.0036  0.0039  26   THR A N   
104 C CA  . THR A 14  ? 0.2545 0.2731 0.2889 -0.0299 0.0106  0.0003  26   THR A CA  
105 C C   . THR A 14  ? 0.2173 0.2569 0.2701 -0.0372 0.0193  0.0085  26   THR A C   
106 O O   . THR A 14  ? 0.2317 0.2510 0.2658 -0.0456 0.0241  0.0043  26   THR A O   
107 C CB  . THR A 14  ? 0.2523 0.2572 0.2744 -0.0275 0.0157  -0.0046 26   THR A CB  
108 O OG1 . THR A 14  ? 0.2620 0.2643 0.3128 -0.0343 0.0822  -0.0203 26   THR A OG1 
109 C CG2 . THR A 14  ? 0.2478 0.2851 0.2706 -0.0500 0.0020  0.0070  26   THR A CG2 
110 N N   . SER A 15  ? 0.1936 0.2514 0.2698 -0.0424 0.0244  0.0087  27   SER A N   
111 C CA  . SER A 15  ? 0.2125 0.2426 0.2537 -0.0276 0.0250  0.0160  27   SER A CA  
112 C C   . SER A 15  ? 0.2143 0.2344 0.2467 -0.0179 0.0235  0.0068  27   SER A C   
113 O O   . SER A 15  ? 0.2121 0.2252 0.2344 -0.0001 0.0489  0.0033  27   SER A O   
114 C CB  . SER A 15  ? 0.2144 0.2404 0.2618 -0.0284 0.0212  0.0136  27   SER A CB  
115 O OG  . SER A 15  ? 0.1919 0.2704 0.2743 -0.0345 0.0062  0.0364  27   SER A OG  
116 N N   . ASP A 16  ? 0.2070 0.2289 0.2189 -0.0131 0.0255  0.0075  28   ASP A N   
117 C CA  . ASP A 16  ? 0.2212 0.2452 0.2469 -0.0045 0.0190  0.0036  28   ASP A CA  
118 C C   . ASP A 16  ? 0.2156 0.2247 0.2401 -0.0033 0.0057  0.0069  28   ASP A C   
119 O O   . ASP A 16  ? 0.1761 0.2015 0.2543 0.0123  0.0073  0.0133  28   ASP A O   
120 C CB  . ASP A 16  ? 0.2341 0.2538 0.2582 0.0001  0.0137  0.0044  28   ASP A CB  
121 C CG  . ASP A 16  ? 0.2389 0.2783 0.2608 0.0065  0.0295  0.0002  28   ASP A CG  
122 O OD1 . ASP A 16  ? 0.3071 0.2926 0.2743 -0.0184 0.0708  0.0204  28   ASP A OD1 
123 O OD2 . ASP A 16  ? 0.2482 0.3381 0.2992 -0.0218 0.0483  -0.0303 28   ASP A OD2 
124 N N   . GLU A 17  ? 0.2210 0.2529 0.2527 0.0021  0.0233  0.0192  29   GLU A N   
125 C CA  . GLU A 17  ? 0.2243 0.2414 0.2486 0.0037  0.0099  0.0195  29   GLU A CA  
126 C C   . GLU A 17  ? 0.2086 0.2280 0.2517 -0.0058 0.0099  0.0195  29   GLU A C   
127 O O   . GLU A 17  ? 0.1735 0.2360 0.2763 0.0022  0.0091  0.0328  29   GLU A O   
128 C CB  . GLU A 17  ? 0.2259 0.2700 0.2628 0.0131  0.0194  0.0182  29   GLU A CB  
129 C CG  . GLU A 17  ? 0.2564 0.3065 0.2660 0.0391  0.0016  0.0238  29   GLU A CG  
130 C CD  . GLU A 17  ? 0.2882 0.4302 0.3393 0.0836  0.0203  0.0503  29   GLU A CD  
131 O OE1 . GLU A 17  ? 0.2812 0.5074 0.4122 0.0713  0.0377  0.0649  29   GLU A OE1 
132 O OE2 . GLU A 17  ? 0.3428 0.5073 0.3217 0.0935  0.0304  0.0364  29   GLU A OE2 
133 N N   . ASP A 18  ? 0.2010 0.2267 0.2353 -0.0026 0.0024  0.0118  30   ASP A N   
134 C CA  . ASP A 18  ? 0.2157 0.2150 0.2379 -0.0150 -0.0047 -0.0028 30   ASP A CA  
135 C C   . ASP A 18  ? 0.1971 0.2120 0.2165 -0.0132 0.0099  0.0017  30   ASP A C   
136 O O   . ASP A 18  ? 0.2005 0.2077 0.1946 -0.0239 0.0366  0.0043  30   ASP A O   
137 C CB  . ASP A 18  ? 0.2327 0.2269 0.2498 -0.0249 -0.0124 -0.0027 30   ASP A CB  
138 C CG  . ASP A 18  ? 0.2521 0.2745 0.3044 -0.0347 -0.0365 -0.0016 30   ASP A CG  
139 O OD1 . ASP A 18  ? 0.2819 0.3239 0.3266 -0.0193 -0.0564 0.0202  30   ASP A OD1 
140 O OD2 . ASP A 18  ? 0.2825 0.3312 0.3678 -0.0764 -0.0597 -0.0153 30   ASP A OD2 
141 N N   . LEU A 19  ? 0.1655 0.2000 0.1929 -0.0163 0.0238  0.0135  31   LEU A N   
142 C CA  . LEU A 19  ? 0.1776 0.1890 0.2018 0.0020  0.0194  0.0126  31   LEU A CA  
143 C C   . LEU A 19  ? 0.1656 0.1768 0.2135 0.0037  0.0222  0.0107  31   LEU A C   
144 O O   . LEU A 19  ? 0.1559 0.1847 0.2381 0.0132  0.0169  0.0328  31   LEU A O   
145 C CB  . LEU A 19  ? 0.1846 0.2097 0.2116 0.0010  0.0229  0.0160  31   LEU A CB  
146 C CG  . LEU A 19  ? 0.2394 0.1959 0.2345 0.0109  0.0299  0.0014  31   LEU A CG  
147 C CD1 . LEU A 19  ? 0.2652 0.2670 0.2554 0.0231  0.0306  0.0107  31   LEU A CD1 
148 C CD2 . LEU A 19  ? 0.2572 0.1984 0.2419 -0.0124 0.0746  0.0274  31   LEU A CD2 
149 N N   . ALA A 20  ? 0.1517 0.1530 0.2326 0.0005  0.0239  0.0126  32   ALA A N   
150 C CA  . ALA A 20  ? 0.1584 0.1700 0.2297 -0.0051 0.0119  0.0036  32   ALA A CA  
151 C C   . ALA A 20  ? 0.1630 0.1628 0.2152 0.0032  0.0111  0.0006  32   ALA A C   
152 O O   . ALA A 20  ? 0.1336 0.1672 0.2368 -0.0058 0.0136  0.0052  32   ALA A O   
153 C CB  . ALA A 20  ? 0.1687 0.1609 0.2289 0.0063  0.0205  0.0107  32   ALA A CB  
154 N N   . LYS A 21  ? 0.1643 0.1588 0.1936 0.0078  0.0071  0.0130  33   LYS A N   
155 C CA  . LYS A 21  ? 0.1662 0.1732 0.1953 0.0077  0.0127  0.0099  33   LYS A CA  
156 C C   . LYS A 21  ? 0.1517 0.1818 0.1675 0.0039  0.0086  0.0052  33   LYS A C   
157 O O   . LYS A 21  ? 0.1512 0.1894 0.2013 -0.0018 0.0151  0.0264  33   LYS A O   
158 C CB  . LYS A 21  ? 0.1972 0.1889 0.1927 0.0059  0.0091  0.0176  33   LYS A CB  
159 C CG  . LYS A 21  ? 0.1855 0.2105 0.2427 0.0088  0.0354  0.0095  33   LYS A CG  
160 C CD  . LYS A 21  ? 0.2214 0.2285 0.2610 0.0267  0.0128  0.0392  33   LYS A CD  
161 C CE  . LYS A 21  ? 0.2536 0.2584 0.2956 0.0385  0.0210  0.0109  33   LYS A CE  
162 N NZ  . LYS A 21  ? 0.2719 0.3590 0.3462 0.0246  -0.0128 0.0241  33   LYS A NZ  
163 N N   . MET A 22  ? 0.1205 0.1541 0.1656 0.0038  0.0176  -0.0024 34   MET A N   
164 C CA  . MET A 22  ? 0.1419 0.1434 0.1650 0.0088  0.0156  -0.0073 34   MET A CA  
165 C C   . MET A 22  ? 0.1368 0.1323 0.1495 0.0025  0.0123  -0.0038 34   MET A C   
166 O O   . MET A 22  ? 0.1366 0.1299 0.1601 -0.0131 0.0300  0.0035  34   MET A O   
167 C CB  . MET A 22  ? 0.1654 0.1579 0.1955 0.0192  0.0082  -0.0032 34   MET A CB  
168 C CG  . MET A 22  ? 0.1704 0.1666 0.2210 -0.0020 0.0065  -0.0078 34   MET A CG  
169 S SD  . MET A 22  ? 0.2650 0.1910 0.2667 -0.0334 0.0379  0.0053  34   MET A SD  
170 C CE  . MET A 22  ? 0.2218 0.1457 0.2002 -0.0694 0.0260  0.0097  34   MET A CE  
171 N N   . ALA A 23  ? 0.1338 0.1325 0.1515 -0.0006 0.0162  0.0024  35   ALA A N   
172 C CA  . ALA A 23  ? 0.1112 0.1019 0.1324 -0.0006 0.0185  0.0064  35   ALA A CA  
173 C C   . ALA A 23  ? 0.1202 0.1128 0.1255 -0.0045 0.0138  0.0158  35   ALA A C   
174 O O   . ALA A 23  ? 0.1124 0.1257 0.1504 0.0020  0.0097  0.0061  35   ALA A O   
175 C CB  . ALA A 23  ? 0.1551 0.1164 0.1210 0.0008  0.0173  -0.0100 35   ALA A CB  
176 N N   . GLY A 24  ? 0.1213 0.1229 0.1673 0.0046  0.0284  0.0171  36   GLY A N   
177 C CA  . GLY A 24  ? 0.1348 0.1390 0.1728 -0.0037 0.0210  0.0146  36   GLY A CA  
178 C C   . GLY A 24  ? 0.1698 0.1615 0.1934 0.0077  0.0368  0.0090  36   GLY A C   
179 O O   . GLY A 24  ? 0.1864 0.1763 0.2649 0.0077  0.0545  0.0150  36   GLY A O   
180 N N   . VAL A 25  ? 0.1651 0.1625 0.1627 0.0002  0.0275  0.0083  37   VAL A N   
181 C CA  . VAL A 25  ? 0.1943 0.1674 0.1930 0.0049  0.0163  0.0027  37   VAL A CA  
182 C C   . VAL A 25  ? 0.1715 0.1585 0.1671 0.0071  0.0171  -0.0003 37   VAL A C   
183 O O   . VAL A 25  ? 0.2444 0.1607 0.1816 0.0169  0.0292  -0.0006 37   VAL A O   
184 C CB  . VAL A 25  ? 0.2507 0.1988 0.1917 -0.0091 0.0059  0.0168  37   VAL A CB  
185 C CG1 . VAL A 25  ? 0.3530 0.1975 0.2860 -0.0109 -0.0223 -0.0014 37   VAL A CG1 
186 C CG2 . VAL A 25  ? 0.2465 0.2806 0.2773 0.0319  -0.0052 0.0066  37   VAL A CG2 
187 N N   . VAL A 26  ? 0.1563 0.1237 0.1642 0.0169  0.0271  0.0007  38   VAL A N   
188 C CA  . VAL A 26  ? 0.1588 0.1343 0.1585 0.0159  0.0181  0.0133  38   VAL A CA  
189 C C   . VAL A 26  ? 0.1419 0.1324 0.1526 0.0088  0.0191  0.0016  38   VAL A C   
190 O O   . VAL A 26  ? 0.1440 0.1545 0.1555 0.0072  0.0291  0.0115  38   VAL A O   
191 C CB  . VAL A 26  ? 0.1616 0.1366 0.1546 0.0133  0.0339  0.0070  38   VAL A CB  
192 C CG1 . VAL A 26  ? 0.1739 0.1503 0.1762 0.0192  0.0373  0.0439  38   VAL A CG1 
193 C CG2 . VAL A 26  ? 0.1879 0.1763 0.1653 0.0470  0.0451  0.0277  38   VAL A CG2 
194 N N   . ALA A 27  ? 0.1436 0.1466 0.1621 0.0140  0.0132  0.0019  39   ALA A N   
195 C CA  . ALA A 27  ? 0.1480 0.1580 0.1653 0.0249  0.0087  0.0085  39   ALA A CA  
196 C C   . ALA A 27  ? 0.1463 0.1479 0.1468 0.0161  0.0068  -0.0059 39   ALA A C   
197 O O   . ALA A 27  ? 0.1447 0.1505 0.1657 0.0245  0.0243  0.0052  39   ALA A O   
198 C CB  . ALA A 27  ? 0.1843 0.1650 0.1919 0.0431  -0.0074 -0.0004 39   ALA A CB  
199 N N   . PRO A 28  ? 0.1503 0.1624 0.1442 0.0164  0.0088  0.0025  40   PRO A N   
200 C CA  . PRO A 28  ? 0.1642 0.1587 0.1441 0.0153  0.0146  -0.0114 40   PRO A CA  
201 C C   . PRO A 28  ? 0.1665 0.1599 0.1558 0.0191  0.0062  -0.0049 40   PRO A C   
202 O O   . PRO A 28  ? 0.1707 0.1724 0.1441 0.0235  0.0115  -0.0064 40   PRO A O   
203 C CB  . PRO A 28  ? 0.1529 0.1599 0.1685 0.0114  0.0058  -0.0154 40   PRO A CB  
204 C CG  . PRO A 28  ? 0.1536 0.1848 0.1432 0.0285  0.0067  -0.0151 40   PRO A CG  
205 C CD  . PRO A 28  ? 0.1685 0.1799 0.1571 0.0215  0.0095  -0.0054 40   PRO A CD  
206 N N   . GLN A 29  ? 0.1585 0.1538 0.1716 0.0198  0.0017  -0.0046 41   GLN A N   
207 C CA  . GLN A 29  ? 0.1680 0.1693 0.1878 0.0188  0.0142  -0.0063 41   GLN A CA  
208 C C   . GLN A 29  ? 0.1638 0.1553 0.1761 0.0234  0.0165  -0.0046 41   GLN A C   
209 O O   . GLN A 29  ? 0.1929 0.1611 0.2081 0.0291  0.0214  0.0057  41   GLN A O   
210 C CB  . GLN A 29  ? 0.1532 0.1703 0.1889 0.0278  0.0051  -0.0185 41   GLN A CB  
211 C CG  . GLN A 29  ? 0.1751 0.2179 0.2012 0.0278  -0.0034 -0.0247 41   GLN A CG  
212 C CD  . GLN A 29  ? 0.2205 0.2612 0.3047 0.0321  -0.0113 -0.0478 41   GLN A CD  
213 O OE1 . GLN A 29  ? 0.2294 0.2229 0.3712 0.0177  -0.0092 -0.0835 41   GLN A OE1 
214 N NE2 . GLN A 29  ? 0.2727 0.3004 0.2659 0.0689  -0.0080 -0.0249 41   GLN A NE2 
215 N N   . ASP A 30  ? 0.1781 0.1534 0.1857 0.0264  0.0153  -0.0063 42   ASP A N   
216 C CA  . ASP A 30  ? 0.1604 0.1540 0.1784 0.0025  0.0065  -0.0064 42   ASP A CA  
217 C C   . ASP A 30  ? 0.1587 0.1442 0.1647 0.0182  0.0198  -0.0027 42   ASP A C   
218 O O   . ASP A 30  ? 0.1652 0.1338 0.1786 0.0260  0.0323  0.0066  42   ASP A O   
219 C CB  . ASP A 30  ? 0.1533 0.1531 0.1708 0.0187  0.0152  -0.0052 42   ASP A CB  
220 C CG  . ASP A 30  ? 0.2196 0.1919 0.2276 0.0025  -0.0087 -0.0058 42   ASP A CG  
221 O OD1 . ASP A 30  ? 0.2768 0.1896 0.3164 0.0095  -0.0068 0.0118  42   ASP A OD1 
222 O OD2 . ASP A 30  ? 0.2485 0.2399 0.2441 0.0059  -0.0403 -0.0490 42   ASP A OD2 
223 N N   . ILE A 31  ? 0.1721 0.1327 0.1658 0.0122  0.0238  -0.0036 43   ILE A N   
224 C CA  . ILE A 31  ? 0.1572 0.1226 0.1448 0.0117  0.0189  -0.0100 43   ILE A CA  
225 C C   . ILE A 31  ? 0.1719 0.1229 0.1411 0.0177  0.0112  0.0007  43   ILE A C   
226 O O   . ILE A 31  ? 0.1909 0.1222 0.1450 0.0302  0.0143  -0.0030 43   ILE A O   
227 C CB  . ILE A 31  ? 0.1614 0.1158 0.1681 0.0077  0.0213  -0.0017 43   ILE A CB  
228 C CG1 . ILE A 31  ? 0.2294 0.1515 0.1270 0.0190  0.0383  -0.0031 43   ILE A CG1 
229 C CG2 . ILE A 31  ? 0.1823 0.1359 0.1933 0.0458  0.0060  -0.0040 43   ILE A CG2 
230 C CD1 . ILE A 31  ? 0.2492 0.1832 0.1351 0.0561  0.0392  0.0029  43   ILE A CD1 
231 N N   . VAL A 32  ? 0.1984 0.1412 0.1516 0.0161  0.0197  0.0055  44   VAL A N   
232 C CA  . VAL A 32  ? 0.1997 0.1438 0.1658 0.0143  0.0105  0.0180  44   VAL A CA  
233 C C   . VAL A 32  ? 0.2014 0.1423 0.1742 0.0218  0.0136  0.0242  44   VAL A C   
234 O O   . VAL A 32  ? 0.1998 0.1511 0.1628 0.0163  0.0327  0.0197  44   VAL A O   
235 C CB  . VAL A 32  ? 0.1979 0.1488 0.1793 0.0199  0.0190  0.0204  44   VAL A CB  
236 C CG1 . VAL A 32  ? 0.2160 0.1493 0.2027 0.0087  0.0065  0.0517  44   VAL A CG1 
237 C CG2 . VAL A 32  ? 0.1895 0.1980 0.1996 0.0211  -0.0211 0.0272  44   VAL A CG2 
238 N N   . ASP A 33  ? 0.1983 0.1519 0.1946 0.0032  0.0162  0.0249  45   ASP A N   
239 C CA  . ASP A 33  ? 0.2137 0.1798 0.2190 0.0097  0.0213  0.0156  45   ASP A CA  
240 C C   . ASP A 33  ? 0.1981 0.1660 0.1979 -0.0005 0.0277  0.0251  45   ASP A C   
241 O O   . ASP A 33  ? 0.2030 0.1515 0.1798 -0.0101 0.0447  0.0231  45   ASP A O   
242 C CB  . ASP A 33  ? 0.2290 0.2029 0.2378 0.0110  0.0111  0.0139  45   ASP A CB  
243 C CG  . ASP A 33  ? 0.3133 0.2409 0.3163 -0.0050 -0.0041 0.0118  45   ASP A CG  
244 O OD1 . ASP A 33  ? 0.3887 0.2729 0.3934 0.0105  0.0005  0.0716  45   ASP A OD1 
245 O OD2 . ASP A 33  ? 0.3939 0.2909 0.4219 0.0230  -0.0373 -0.0332 45   ASP A OD2 
246 N N   . TYR A 34  ? 0.1870 0.1351 0.1692 -0.0019 0.0384  0.0197  46   TYR A N   
247 C CA  . TYR A 34  ? 0.1670 0.1381 0.1612 0.0046  0.0371  0.0186  46   TYR A CA  
248 C C   . TYR A 34  ? 0.1713 0.1351 0.1597 0.0009  0.0336  0.0199  46   TYR A C   
249 O O   . TYR A 34  ? 0.1759 0.1416 0.1625 0.0008  0.0601  0.0140  46   TYR A O   
250 C CB  . TYR A 34  ? 0.1797 0.1204 0.1692 -0.0003 0.0399  0.0143  46   TYR A CB  
251 C CG  . TYR A 34  ? 0.1492 0.1213 0.1626 -0.0046 0.0146  0.0268  46   TYR A CG  
252 C CD1 . TYR A 34  ? 0.1556 0.1123 0.1684 -0.0046 0.0319  0.0150  46   TYR A CD1 
253 C CD2 . TYR A 34  ? 0.1414 0.1416 0.1751 -0.0094 0.0361  -0.0084 46   TYR A CD2 
254 C CE1 . TYR A 34  ? 0.1257 0.1228 0.1724 -0.0059 0.0051  0.0108  46   TYR A CE1 
255 C CE2 . TYR A 34  ? 0.1382 0.1337 0.1619 -0.0149 0.0210  0.0134  46   TYR A CE2 
256 C CZ  . TYR A 34  ? 0.1366 0.1413 0.1469 0.0036  0.0340  0.0084  46   TYR A CZ  
257 O OH  . TYR A 34  ? 0.1510 0.1179 0.1756 -0.0251 0.0518  -0.0048 46   TYR A OH  
258 N N   . THR A 35  ? 0.1824 0.1491 0.1615 -0.0058 0.0358  0.0013  47   THR A N   
259 C CA  . THR A 35  ? 0.1971 0.1392 0.1527 -0.0084 0.0234  0.0033  47   THR A CA  
260 C C   . THR A 35  ? 0.2045 0.1464 0.1691 -0.0100 0.0352  0.0020  47   THR A C   
261 O O   . THR A 35  ? 0.2307 0.1598 0.1561 -0.0037 0.0395  0.0079  47   THR A O   
262 C CB  . THR A 35  ? 0.1857 0.1518 0.1607 -0.0106 0.0281  -0.0017 47   THR A CB  
263 O OG1 . THR A 35  ? 0.2031 0.1833 0.2086 -0.0183 0.0485  -0.0015 47   THR A OG1 
264 C CG2 . THR A 35  ? 0.2626 0.1517 0.2164 0.0083  0.0044  -0.0182 47   THR A CG2 
265 N N   . LYS A 36  ? 0.2246 0.1725 0.1837 -0.0037 0.0404  0.0106  48   LYS A N   
266 C CA  . LYS A 36  ? 0.2248 0.1885 0.1846 -0.0093 0.0359  0.0067  48   LYS A CA  
267 C C   . LYS A 36  ? 0.2153 0.1649 0.1804 -0.0142 0.0385  0.0099  48   LYS A C   
268 O O   . LYS A 36  ? 0.2456 0.1811 0.1741 -0.0053 0.0561  0.0094  48   LYS A O   
269 C CB  . LYS A 36  ? 0.2332 0.1904 0.1730 -0.0093 0.0404  0.0308  48   LYS A CB  
270 C CG  . LYS A 36  ? 0.2603 0.2361 0.2349 -0.0027 0.0361  0.0155  48   LYS A CG  
271 C CD  . LYS A 36  ? 0.3297 0.2648 0.3163 -0.0086 0.0344  0.0246  48   LYS A CD  
272 C CE  . LYS A 36  ? 0.3692 0.2764 0.3482 0.0044  0.0198  0.0368  48   LYS A CE  
273 N NZ  . LYS A 36  ? 0.4436 0.3016 0.4379 -0.0038 0.0390  0.0348  48   LYS A NZ  
274 N N   . GLU A 37  ? 0.2009 0.1608 0.1850 -0.0182 0.0387  0.0016  49   GLU A N   
275 C CA  . GLU A 37  ? 0.1904 0.1632 0.1823 -0.0135 0.0294  0.0001  49   GLU A CA  
276 C C   . GLU A 37  ? 0.2018 0.1744 0.1933 -0.0084 0.0338  -0.0016 49   GLU A C   
277 O O   . GLU A 37  ? 0.2056 0.1945 0.1911 0.0087  0.0512  -0.0103 49   GLU A O   
278 C CB  . GLU A 37  ? 0.2043 0.1560 0.2064 -0.0160 0.0283  -0.0043 49   GLU A CB  
279 C CG  . GLU A 37  ? 0.1812 0.1869 0.1854 -0.0237 0.0671  -0.0038 49   GLU A CG  
280 C CD  . GLU A 37  ? 0.2430 0.2172 0.2906 -0.0323 0.0611  0.0158  49   GLU A CD  
281 O OE1 . GLU A 37  ? 0.3212 0.2093 0.3337 -0.0604 0.0769  0.0011  49   GLU A OE1 
282 O OE2 . GLU A 37  ? 0.2652 0.2642 0.3064 -0.0401 0.0798  0.0081  49   GLU A OE2 
283 N N   . LEU A 38  ? 0.2003 0.1584 0.1863 -0.0112 0.0409  -0.0074 50   LEU A N   
284 C CA  . LEU A 38  ? 0.2066 0.1662 0.1876 -0.0066 0.0289  -0.0148 50   LEU A CA  
285 C C   . LEU A 38  ? 0.2072 0.1773 0.1916 0.0031  0.0293  -0.0149 50   LEU A C   
286 O O   . LEU A 38  ? 0.2054 0.1757 0.1946 0.0014  0.0563  -0.0214 50   LEU A O   
287 C CB  . LEU A 38  ? 0.2074 0.1441 0.1951 -0.0002 0.0336  -0.0149 50   LEU A CB  
288 C CG  . LEU A 38  ? 0.2127 0.1693 0.1845 -0.0072 0.0122  -0.0245 50   LEU A CG  
289 C CD1 . LEU A 38  ? 0.2422 0.1876 0.1876 -0.0169 0.0500  0.0189  50   LEU A CD1 
290 C CD2 . LEU A 38  ? 0.2036 0.1908 0.2176 0.0017  0.0148  -0.0058 50   LEU A CD2 
291 N N   . LYS A 39  ? 0.2160 0.1811 0.1748 0.0156  0.0234  -0.0160 51   LYS A N   
292 C CA  . LYS A 39  ? 0.2365 0.2157 0.2034 0.0031  0.0194  -0.0171 51   LYS A CA  
293 C C   . LYS A 39  ? 0.2523 0.2342 0.2174 -0.0101 0.0299  -0.0115 51   LYS A C   
294 O O   . LYS A 39  ? 0.2726 0.2221 0.2082 -0.0181 0.0680  -0.0271 51   LYS A O   
295 C CB  . LYS A 39  ? 0.2669 0.2449 0.2175 0.0052  0.0079  -0.0138 51   LYS A CB  
296 C CG  . LYS A 39  ? 0.2921 0.2973 0.2677 -0.0017 -0.0101 -0.0170 51   LYS A CG  
297 C CD  . LYS A 39  ? 0.3453 0.3805 0.3580 0.0213  -0.0267 -0.0080 51   LYS A CD  
298 C CE  . LYS A 39  ? 0.4002 0.4172 0.4053 0.0008  -0.0169 -0.0081 51   LYS A CE  
299 N NZ  . LYS A 39  ? 0.4136 0.4723 0.4179 -0.0086 -0.0238 -0.0403 51   LYS A NZ  
300 N N   A LYS A 40  ? 0.2468 0.2330 0.2293 -0.0157 0.0353  -0.0172 52   LYS A N   
301 N N   B LYS A 40  ? 0.2458 0.2324 0.2289 -0.0155 0.0360  -0.0172 52   LYS A N   
302 C CA  A LYS A 40  ? 0.2535 0.2519 0.2406 -0.0183 0.0293  -0.0170 52   LYS A CA  
303 C CA  B LYS A 40  ? 0.2520 0.2503 0.2399 -0.0181 0.0312  -0.0159 52   LYS A CA  
304 C C   A LYS A 40  ? 0.2470 0.2489 0.2372 -0.0174 0.0342  -0.0251 52   LYS A C   
305 C C   B LYS A 40  ? 0.2461 0.2483 0.2370 -0.0171 0.0349  -0.0249 52   LYS A C   
306 O O   A LYS A 40  ? 0.2692 0.2684 0.2247 -0.0345 0.0554  -0.0344 52   LYS A O   
307 O O   B LYS A 40  ? 0.2684 0.2677 0.2241 -0.0339 0.0568  -0.0341 52   LYS A O   
308 C CB  A LYS A 40  ? 0.2655 0.2534 0.2546 -0.0211 0.0271  -0.0103 52   LYS A CB  
309 C CB  B LYS A 40  ? 0.2611 0.2525 0.2542 -0.0197 0.0290  -0.0103 52   LYS A CB  
310 C CG  A LYS A 40  ? 0.2791 0.2816 0.2813 -0.0131 0.0038  -0.0098 52   LYS A CG  
311 C CG  B LYS A 40  ? 0.2736 0.2751 0.2769 -0.0127 0.0170  0.0013  52   LYS A CG  
312 C CD  A LYS A 40  ? 0.3184 0.2984 0.3225 -0.0173 -0.0032 -0.0113 52   LYS A CD  
313 C CD  B LYS A 40  ? 0.2917 0.2838 0.3045 -0.0108 0.0057  -0.0004 52   LYS A CD  
314 C CE  A LYS A 40  ? 0.3372 0.3354 0.3410 -0.0040 -0.0090 -0.0120 52   LYS A CE  
315 C CE  B LYS A 40  ? 0.3047 0.3186 0.3194 -0.0156 0.0212  0.0007  52   LYS A CE  
316 N NZ  A LYS A 40  ? 0.3807 0.3783 0.3603 -0.0066 0.0053  -0.0050 52   LYS A NZ  
317 N NZ  B LYS A 40  ? 0.3565 0.3698 0.3411 -0.0158 0.0164  -0.0073 52   LYS A NZ  
318 N N   . ARG A 41  ? 0.2382 0.2364 0.2340 -0.0204 0.0408  -0.0293 53   ARG A N   
319 C CA  . ARG A 41  ? 0.2463 0.2482 0.2602 -0.0192 0.0288  -0.0324 53   ARG A CA  
320 C C   . ARG A 41  ? 0.2576 0.2493 0.2641 -0.0118 0.0349  -0.0403 53   ARG A C   
321 O O   . ARG A 41  ? 0.2428 0.2630 0.2756 -0.0148 0.0621  -0.0529 53   ARG A O   
322 C CB  . ARG A 41  ? 0.2589 0.2516 0.2747 -0.0148 0.0223  -0.0319 53   ARG A CB  
323 C CG  . ARG A 41  ? 0.2806 0.2611 0.3272 0.0081  0.0150  -0.0418 53   ARG A CG  
324 C CD  . ARG A 41  ? 0.3149 0.2448 0.3458 -0.0055 0.0185  -0.0328 53   ARG A CD  
325 N NE  . ARG A 41  ? 0.2966 0.2519 0.3076 -0.0096 -0.0132 -0.0418 53   ARG A NE  
326 C CZ  . ARG A 41  ? 0.2938 0.2373 0.2966 -0.0151 0.0081  -0.0076 53   ARG A CZ  
327 N NH1 . ARG A 41  ? 0.2673 0.2295 0.3175 -0.0177 -0.0290 -0.0180 53   ARG A NH1 
328 N NH2 . ARG A 41  ? 0.2518 0.2148 0.2951 -0.0463 0.0250  0.0018  53   ARG A NH2 
329 N N   . MET A 42  ? 0.2650 0.2546 0.2621 -0.0100 0.0334  -0.0387 54   MET A N   
330 C CA  . MET A 42  ? 0.2901 0.2665 0.2697 -0.0105 0.0269  -0.0264 54   MET A CA  
331 C C   . MET A 42  ? 0.3055 0.2836 0.2776 -0.0033 0.0277  -0.0163 54   MET A C   
332 O O   . MET A 42  ? 0.3091 0.2575 0.2769 -0.0154 0.0454  -0.0307 54   MET A O   
333 C CB  . MET A 42  ? 0.2918 0.2634 0.2787 -0.0030 0.0379  -0.0308 54   MET A CB  
334 C CG  . MET A 42  ? 0.2983 0.2880 0.2727 -0.0058 0.0684  -0.0286 54   MET A CG  
335 S SD  . MET A 42  ? 0.3287 0.4301 0.4300 -0.0241 0.1474  -0.0225 54   MET A SD  
336 C CE  . MET A 42  ? 0.3680 0.4019 0.3894 -0.0086 0.0665  -0.0306 54   MET A CE  
337 N N   A GLU A 43  ? 0.3108 0.2881 0.2784 -0.0058 0.0244  -0.0115 55   GLU A N   
338 N N   B GLU A 43  ? 0.3111 0.2892 0.2779 -0.0060 0.0242  -0.0112 55   GLU A N   
339 C CA  A GLU A 43  ? 0.3250 0.3104 0.2962 -0.0045 0.0136  -0.0033 55   GLU A CA  
340 C CA  B GLU A 43  ? 0.3253 0.3128 0.2943 -0.0051 0.0130  -0.0030 55   GLU A CA  
341 C C   A GLU A 43  ? 0.3300 0.3054 0.3019 -0.0006 0.0196  -0.0057 55   GLU A C   
342 C C   B GLU A 43  ? 0.3302 0.3068 0.3015 -0.0015 0.0195  -0.0052 55   GLU A C   
343 O O   A GLU A 43  ? 0.3594 0.3227 0.2948 -0.0010 0.0240  -0.0036 55   GLU A O   
344 O O   B GLU A 43  ? 0.3580 0.3232 0.2938 -0.0043 0.0248  -0.0039 55   GLU A O   
345 C CB  A GLU A 43  ? 0.3309 0.3173 0.3016 0.0012  0.0114  -0.0021 55   GLU A CB  
346 C CB  B GLU A 43  ? 0.3324 0.3202 0.2998 0.0004  0.0108  -0.0016 55   GLU A CB  
347 C CG  A GLU A 43  ? 0.3439 0.3575 0.3380 -0.0021 0.0072  0.0023  55   GLU A CG  
348 C CG  B GLU A 43  ? 0.3414 0.3681 0.3172 -0.0039 0.0001  0.0048  55   GLU A CG  
349 C CD  A GLU A 43  ? 0.3817 0.3892 0.3616 -0.0033 -0.0008 -0.0003 55   GLU A CD  
350 C CD  B GLU A 43  ? 0.3806 0.3888 0.3455 -0.0064 -0.0070 -0.0067 55   GLU A CD  
351 O OE1 A GLU A 43  ? 0.4135 0.4150 0.4113 -0.0006 0.0289  -0.0093 55   GLU A OE1 
352 O OE1 B GLU A 43  ? 0.4067 0.4312 0.3585 -0.0272 -0.0053 -0.0211 55   GLU A OE1 
353 O OE2 A GLU A 43  ? 0.3980 0.4188 0.4176 0.0142  0.0091  -0.0037 55   GLU A OE2 
354 O OE2 B GLU A 43  ? 0.4430 0.4169 0.3664 0.0240  -0.0319 0.0136  55   GLU A OE2 
355 N N   . LYS A 44  ? 0.3244 0.2951 0.3001 -0.0070 0.0255  -0.0094 56   LYS A N   
356 C CA  . LYS A 44  ? 0.3223 0.3071 0.3222 -0.0004 0.0322  -0.0035 56   LYS A CA  
357 C C   . LYS A 44  ? 0.2963 0.2907 0.3068 -0.0073 0.0452  -0.0022 56   LYS A C   
358 O O   . LYS A 44  ? 0.2930 0.3113 0.3337 -0.0118 0.0602  -0.0015 56   LYS A O   
359 C CB  . LYS A 44  ? 0.3124 0.3190 0.3319 -0.0073 0.0331  0.0003  56   LYS A CB  
360 C CG  . LYS A 44  ? 0.3657 0.3391 0.3670 -0.0035 0.0311  0.0049  56   LYS A CG  
361 C CD  . LYS A 44  ? 0.3674 0.3733 0.4129 -0.0222 0.0129  0.0150  56   LYS A CD  
362 C CE  . LYS A 44  ? 0.3943 0.3955 0.4283 -0.0107 0.0234  -0.0102 56   LYS A CE  
363 N NZ  . LYS A 44  ? 0.3677 0.4543 0.3952 -0.0241 0.0272  0.0008  56   LYS A NZ  
364 N N   . MET A 45  ? 0.2531 0.2555 0.2562 -0.0162 0.0426  -0.0103 57   MET A N   
365 C CA  . MET A 45  ? 0.2289 0.2434 0.2220 -0.0034 0.0335  -0.0169 57   MET A CA  
366 C C   . MET A 45  ? 0.2115 0.2250 0.1960 -0.0026 0.0286  -0.0184 57   MET A C   
367 O O   . MET A 45  ? 0.2071 0.2087 0.2013 0.0099  0.0446  -0.0287 57   MET A O   
368 C CB  . MET A 45  ? 0.2142 0.2428 0.2082 -0.0108 0.0397  -0.0204 57   MET A CB  
369 C CG  . MET A 45  ? 0.2453 0.2819 0.2448 -0.0191 0.0369  -0.0304 57   MET A CG  
370 S SD  . MET A 45  ? 0.2533 0.2899 0.2179 -0.0218 0.0444  -0.0588 57   MET A SD  
371 C CE  . MET A 45  ? 0.2828 0.3161 0.2541 -0.0170 0.0287  -0.0957 57   MET A CE  
372 N N   . PRO A 46  ? 0.1919 0.2136 0.1752 -0.0019 0.0212  -0.0173 58   PRO A N   
373 C CA  . PRO A 46  ? 0.1921 0.2054 0.1648 -0.0055 0.0171  -0.0127 58   PRO A CA  
374 C C   . PRO A 46  ? 0.1939 0.2056 0.1645 -0.0152 0.0216  -0.0134 58   PRO A C   
375 O O   . PRO A 46  ? 0.1803 0.2171 0.1468 -0.0074 0.0308  -0.0258 58   PRO A O   
376 C CB  . PRO A 46  ? 0.1963 0.2122 0.1692 -0.0074 0.0192  -0.0155 58   PRO A CB  
377 C CG  . PRO A 46  ? 0.2349 0.2523 0.2080 -0.0024 0.0084  -0.0185 58   PRO A CG  
378 C CD  . PRO A 46  ? 0.2073 0.2408 0.1453 0.0097  0.0268  -0.0180 58   PRO A CD  
379 N N   . GLU A 47  ? 0.1836 0.2245 0.1778 -0.0257 0.0286  -0.0028 59   GLU A N   
380 C CA  . GLU A 47  ? 0.1834 0.2199 0.1891 -0.0186 0.0308  -0.0012 59   GLU A CA  
381 C C   . GLU A 47  ? 0.1761 0.2249 0.1869 -0.0101 0.0294  -0.0014 59   GLU A C   
382 O O   . GLU A 47  ? 0.1802 0.2274 0.1659 -0.0180 0.0576  0.0027  59   GLU A O   
383 C CB  . GLU A 47  ? 0.2038 0.2367 0.1913 -0.0280 0.0471  -0.0131 59   GLU A CB  
384 C CG  . GLU A 47  ? 0.2361 0.2930 0.2529 -0.0224 0.0071  0.0061  59   GLU A CG  
385 C CD  . GLU A 47  ? 0.2659 0.3289 0.2907 -0.0011 0.0377  0.0106  59   GLU A CD  
386 O OE1 . GLU A 47  ? 0.2832 0.3257 0.2811 0.0386  0.0333  0.0207  59   GLU A OE1 
387 O OE2 . GLU A 47  ? 0.3508 0.4617 0.4117 -0.0606 -0.0015 0.0241  59   GLU A OE2 
388 N N   . ASP A 48  ? 0.2001 0.2171 0.2064 0.0037  0.0263  0.0027  60   ASP A N   
389 C CA  . ASP A 48  ? 0.2180 0.2251 0.2088 0.0005  0.0251  -0.0008 60   ASP A CA  
390 C C   . ASP A 48  ? 0.2164 0.2300 0.1924 -0.0023 0.0204  0.0053  60   ASP A C   
391 O O   . ASP A 48  ? 0.2572 0.2507 0.1872 0.0055  0.0244  0.0109  60   ASP A O   
392 C CB  . ASP A 48  ? 0.2414 0.2318 0.2235 0.0093  0.0252  -0.0002 60   ASP A CB  
393 C CG  . ASP A 48  ? 0.2626 0.2641 0.2652 0.0255  0.0406  -0.0210 60   ASP A CG  
394 O OD1 . ASP A 48  ? 0.2770 0.2672 0.2397 0.0345  0.0698  0.0110  60   ASP A OD1 
395 O OD2 . ASP A 48  ? 0.3374 0.3169 0.3774 0.0764  0.0143  0.0101  60   ASP A OD2 
396 N N   A LYS A 49  ? 0.2085 0.2249 0.1879 0.0057  0.0218  -0.0040 61   LYS A N   
397 N N   B LYS A 49  ? 0.2007 0.2154 0.1785 0.0075  0.0222  -0.0056 61   LYS A N   
398 C CA  A LYS A 49  ? 0.2103 0.2255 0.1855 0.0087  0.0108  -0.0023 61   LYS A CA  
399 C CA  B LYS A 49  ? 0.1986 0.2070 0.1704 0.0098  0.0106  -0.0039 61   LYS A CA  
400 C C   A LYS A 49  ? 0.1987 0.2240 0.1750 0.0027  0.0216  -0.0035 61   LYS A C   
401 C C   B LYS A 49  ? 0.1911 0.2149 0.1668 0.0036  0.0224  -0.0047 61   LYS A C   
402 O O   A LYS A 49  ? 0.2081 0.2493 0.1545 0.0090  0.0310  -0.0128 61   LYS A O   
403 O O   B LYS A 49  ? 0.2019 0.2419 0.1452 0.0098  0.0320  -0.0139 61   LYS A O   
404 C CB  A LYS A 49  ? 0.2151 0.2352 0.1915 0.0116  0.0111  0.0002  61   LYS A CB  
405 C CB  B LYS A 49  ? 0.1966 0.2093 0.1676 0.0158  0.0114  -0.0034 61   LYS A CB  
406 C CG  A LYS A 49  ? 0.2314 0.2719 0.2360 0.0127  0.0088  0.0015  61   LYS A CG  
407 C CG  B LYS A 49  ? 0.1999 0.1879 0.1757 0.0117  0.0070  -0.0073 61   LYS A CG  
408 C CD  A LYS A 49  ? 0.2553 0.3051 0.2950 0.0109  -0.0030 0.0098  61   LYS A CD  
409 C CD  B LYS A 49  ? 0.2327 0.2239 0.2147 -0.0047 -0.0026 -0.0179 61   LYS A CD  
410 C CE  A LYS A 49  ? 0.2457 0.3102 0.2980 0.0481  0.0054  -0.0008 61   LYS A CE  
411 C CE  B LYS A 49  ? 0.2661 0.2480 0.2290 -0.0005 -0.0029 -0.0205 61   LYS A CE  
412 N NZ  A LYS A 49  ? 0.2890 0.3052 0.3692 0.0496  -0.0166 0.0196  61   LYS A NZ  
413 N NZ  B LYS A 49  ? 0.2652 0.2790 0.2348 -0.0025 -0.0056 -0.0293 61   LYS A NZ  
414 N N   . ARG A 50  ? 0.1933 0.2124 0.1682 0.0052  0.0239  -0.0145 62   ARG A N   
415 C CA  . ARG A 50  ? 0.1999 0.2023 0.1895 0.0040  0.0240  -0.0042 62   ARG A CA  
416 C C   . ARG A 50  ? 0.2028 0.2079 0.1918 -0.0064 0.0290  -0.0015 62   ARG A C   
417 O O   . ARG A 50  ? 0.2022 0.1969 0.1709 0.0047  0.0416  0.0059  62   ARG A O   
418 C CB  . ARG A 50  ? 0.1924 0.2039 0.2010 0.0144  0.0234  -0.0152 62   ARG A CB  
419 C CG  . ARG A 50  ? 0.2477 0.2363 0.2495 0.0304  0.0275  -0.0154 62   ARG A CG  
420 C CD  . ARG A 50  ? 0.2595 0.2847 0.2516 0.0274  0.0321  -0.0159 62   ARG A CD  
421 N NE  . ARG A 50  ? 0.2841 0.3268 0.2921 0.0133  -0.0019 -0.0268 62   ARG A NE  
422 C CZ  . ARG A 50  ? 0.3568 0.3796 0.3540 0.0008  -0.0046 0.0097  62   ARG A CZ  
423 N NH1 . ARG A 50  ? 0.3705 0.4178 0.3378 0.0229  -0.0041 0.0228  62   ARG A NH1 
424 N NH2 . ARG A 50  ? 0.3704 0.3825 0.4396 -0.0121 -0.0316 0.0215  62   ARG A NH2 
425 N N   . LYS A 51  ? 0.1989 0.1991 0.1888 -0.0034 0.0305  0.0057  63   LYS A N   
426 C CA  . LYS A 51  ? 0.2130 0.2194 0.2008 -0.0038 0.0246  0.0032  63   LYS A CA  
427 C C   . LYS A 51  ? 0.2085 0.2119 0.1782 -0.0006 0.0279  -0.0064 63   LYS A C   
428 O O   . LYS A 51  ? 0.2195 0.2150 0.1888 0.0015  0.0644  -0.0063 63   LYS A O   
429 C CB  . LYS A 51  ? 0.2271 0.2176 0.2175 -0.0039 0.0164  0.0065  63   LYS A CB  
430 C CG  . LYS A 51  ? 0.2739 0.2696 0.2597 -0.0195 -0.0015 0.0185  63   LYS A CG  
431 C CD  . LYS A 51  ? 0.3644 0.3093 0.3482 0.0032  -0.0116 0.0091  63   LYS A CD  
432 C CE  . LYS A 51  ? 0.3923 0.3921 0.3937 -0.0025 -0.0156 -0.0040 63   LYS A CE  
433 N NZ  . LYS A 51  ? 0.3985 0.4302 0.4585 -0.0010 -0.0302 -0.0170 63   LYS A NZ  
434 N N   . ALA A 52  ? 0.2176 0.2186 0.1791 0.0181  0.0308  -0.0133 64   ALA A N   
435 C CA  . ALA A 52  ? 0.2131 0.2131 0.1756 0.0149  0.0247  -0.0056 64   ALA A CA  
436 C C   . ALA A 52  ? 0.2119 0.2059 0.1682 0.0154  0.0264  -0.0024 64   ALA A C   
437 O O   . ALA A 52  ? 0.2273 0.2007 0.1487 0.0103  0.0336  0.0163  64   ALA A O   
438 C CB  . ALA A 52  ? 0.2126 0.2331 0.1957 0.0247  0.0242  -0.0186 64   ALA A CB  
439 N N   . PHE A 53  ? 0.2218 0.2076 0.1631 0.0104  0.0223  0.0052  65   PHE A N   
440 C CA  . PHE A 53  ? 0.2017 0.1860 0.1663 0.0066  0.0228  0.0035  65   PHE A CA  
441 C C   . PHE A 53  ? 0.1986 0.1993 0.1707 0.0158  0.0198  0.0085  65   PHE A C   
442 O O   . PHE A 53  ? 0.1966 0.1924 0.1587 0.0168  0.0432  -0.0048 65   PHE A O   
443 C CB  . PHE A 53  ? 0.1900 0.2087 0.1931 0.0041  0.0318  0.0088  65   PHE A CB  
444 C CG  . PHE A 53  ? 0.2241 0.2347 0.1883 -0.0140 0.0347  0.0109  65   PHE A CG  
445 C CD1 . PHE A 53  ? 0.2700 0.2695 0.2065 -0.0647 0.0571  -0.0232 65   PHE A CD1 
446 C CD2 . PHE A 53  ? 0.3173 0.2654 0.2640 0.0160  0.0410  -0.0411 65   PHE A CD2 
447 C CE1 . PHE A 53  ? 0.2771 0.2570 0.2307 -0.0474 0.0448  -0.0074 65   PHE A CE1 
448 C CE2 . PHE A 53  ? 0.3295 0.2857 0.3207 0.0219  0.0368  -0.0460 65   PHE A CE2 
449 C CZ  . PHE A 53  ? 0.2491 0.2630 0.2487 -0.0084 0.0707  -0.0472 65   PHE A CZ  
450 N N   . HIS A 54  ? 0.1882 0.1957 0.1874 0.0064  0.0309  -0.0119 66   HIS A N   
451 C CA  . HIS A 54  ? 0.1987 0.2097 0.2017 0.0162  0.0292  -0.0021 66   HIS A CA  
452 C C   . HIS A 54  ? 0.2014 0.1943 0.1954 0.0136  0.0338  -0.0004 66   HIS A C   
453 O O   . HIS A 54  ? 0.1743 0.1870 0.1863 0.0059  0.0664  0.0033  66   HIS A O   
454 C CB  . HIS A 54  ? 0.2110 0.2307 0.2180 0.0167  0.0218  -0.0006 66   HIS A CB  
455 C CG  . HIS A 54  ? 0.2438 0.3298 0.2724 0.0290  0.0045  0.0012  66   HIS A CG  
456 N ND1 . HIS A 54  ? 0.3020 0.3605 0.3116 0.0472  -0.0129 0.0150  66   HIS A ND1 
457 C CD2 . HIS A 54  ? 0.2967 0.3671 0.3072 0.0474  0.0111  -0.0187 66   HIS A CD2 
458 C CE1 . HIS A 54  ? 0.3308 0.4140 0.3580 0.0447  -0.0018 0.0035  66   HIS A CE1 
459 N NE2 . HIS A 54  ? 0.3402 0.4022 0.3540 0.0453  -0.0166 0.0017  66   HIS A NE2 
460 N N   . LYS A 55  ? 0.2146 0.1961 0.1738 0.0145  0.0311  0.0113  67   LYS A N   
461 C CA  . LYS A 55  ? 0.2177 0.1956 0.2038 0.0103  0.0397  0.0102  67   LYS A CA  
462 C C   . LYS A 55  ? 0.1927 0.1738 0.1851 0.0204  0.0301  0.0071  67   LYS A C   
463 O O   . LYS A 55  ? 0.2123 0.1732 0.1846 0.0342  0.0641  0.0095  67   LYS A O   
464 C CB  . LYS A 55  ? 0.2346 0.1915 0.2189 0.0174  0.0397  0.0027  67   LYS A CB  
465 C CG  . LYS A 55  ? 0.3055 0.2682 0.2487 0.0241  0.0427  0.0334  67   LYS A CG  
466 C CD  . LYS A 55  ? 0.3845 0.3123 0.3604 0.0131  0.0359  -0.0013 67   LYS A CD  
467 C CE  . LYS A 55  ? 0.4330 0.3602 0.4129 0.0102  0.0223  0.0156  67   LYS A CE  
468 N NZ  . LYS A 55  ? 0.4702 0.3690 0.4608 0.0113  0.0278  -0.0052 67   LYS A NZ  
469 N N   . GLN A 56  ? 0.2063 0.1773 0.1819 0.0194  0.0287  0.0068  68   GLN A N   
470 C CA  . GLN A 56  ? 0.2140 0.1956 0.1840 0.0105  0.0231  0.0043  68   GLN A CA  
471 C C   . GLN A 56  ? 0.1973 0.1776 0.1673 0.0061  0.0223  0.0098  68   GLN A C   
472 O O   . GLN A 56  ? 0.1905 0.1919 0.1697 -0.0160 0.0372  0.0140  68   GLN A O   
473 C CB  . GLN A 56  ? 0.2135 0.2060 0.2019 0.0238  0.0265  -0.0030 68   GLN A CB  
474 C CG  . GLN A 56  ? 0.2767 0.2773 0.2835 0.0374  0.0492  -0.0108 68   GLN A CG  
475 C CD  . GLN A 56  ? 0.3691 0.3044 0.3159 0.0488  0.0295  0.0077  68   GLN A CD  
476 O OE1 . GLN A 56  ? 0.4577 0.3469 0.3227 0.0764  0.0568  0.0168  68   GLN A OE1 
477 N NE2 . GLN A 56  ? 0.4397 0.3599 0.3619 0.0298  0.0614  -0.0248 68   GLN A NE2 
478 N N   . LEU A 57  ? 0.1851 0.1804 0.1715 0.0121  0.0333  0.0142  69   LEU A N   
479 C CA  . LEU A 57  ? 0.1874 0.1674 0.1737 0.0070  0.0291  0.0039  69   LEU A CA  
480 C C   . LEU A 57  ? 0.1887 0.1621 0.1710 -0.0044 0.0254  0.0009  69   LEU A C   
481 O O   . LEU A 57  ? 0.2091 0.1467 0.1738 -0.0024 0.0409  0.0021  69   LEU A O   
482 C CB  . LEU A 57  ? 0.2047 0.1868 0.1853 0.0019  0.0212  -0.0027 69   LEU A CB  
483 C CG  . LEU A 57  ? 0.2282 0.2199 0.1987 -0.0091 0.0160  0.0049  69   LEU A CG  
484 C CD1 . LEU A 57  ? 0.2776 0.2041 0.2056 -0.0281 0.0037  0.0159  69   LEU A CD1 
485 C CD2 . LEU A 57  ? 0.2500 0.2216 0.2335 -0.0363 -0.0205 0.0012  69   LEU A CD2 
486 N N   . HIS A 58  ? 0.1864 0.1557 0.1651 -0.0070 0.0252  -0.0075 70   HIS A N   
487 C CA  . HIS A 58  ? 0.1776 0.1641 0.1698 0.0025  0.0107  -0.0091 70   HIS A CA  
488 C C   . HIS A 58  ? 0.1612 0.1579 0.1519 -0.0032 0.0131  -0.0113 70   HIS A C   
489 O O   . HIS A 58  ? 0.1483 0.1398 0.1574 -0.0126 0.0316  -0.0104 70   HIS A O   
490 C CB  . HIS A 58  ? 0.2226 0.2090 0.1797 0.0023  -0.0010 -0.0243 70   HIS A CB  
491 C CG  . HIS A 58  ? 0.2685 0.2646 0.2347 0.0143  -0.0068 0.0052  70   HIS A CG  
492 N ND1 . HIS A 58  ? 0.3076 0.3126 0.2907 0.0386  -0.0027 -0.0082 70   HIS A ND1 
493 C CD2 . HIS A 58  ? 0.3427 0.3407 0.2778 0.0488  -0.0209 -0.0023 70   HIS A CD2 
494 C CE1 . HIS A 58  ? 0.3142 0.3353 0.2843 0.0385  -0.0152 -0.0117 70   HIS A CE1 
495 N NE2 . HIS A 58  ? 0.3296 0.3739 0.3125 0.0508  -0.0276 0.0013  70   HIS A NE2 
496 N N   . GLU A 59  ? 0.1754 0.1455 0.1505 0.0027  0.0161  -0.0001 71   GLU A N   
497 C CA  . GLU A 59  ? 0.1601 0.1642 0.1548 -0.0055 0.0127  0.0040  71   GLU A CA  
498 C C   . GLU A 59  ? 0.1576 0.1489 0.1581 0.0006  0.0183  0.0058  71   GLU A C   
499 O O   . GLU A 59  ? 0.1423 0.1592 0.1588 -0.0121 0.0306  0.0113  71   GLU A O   
500 C CB  . GLU A 59  ? 0.1992 0.1672 0.1797 0.0038  0.0164  0.0172  71   GLU A CB  
501 C CG  . GLU A 59  ? 0.2584 0.2292 0.1851 0.0275  -0.0069 -0.0034 71   GLU A CG  
502 C CD  . GLU A 59  ? 0.3038 0.3175 0.3633 0.0549  -0.0144 -0.0477 71   GLU A CD  
503 O OE1 . GLU A 59  ? 0.2982 0.4046 0.4722 0.1242  -0.0306 -0.0658 71   GLU A OE1 
504 O OE2 . GLU A 59  ? 0.3997 0.3615 0.4080 0.0983  -0.0043 -0.0833 71   GLU A OE2 
505 N N   . TYR A 60  ? 0.1372 0.1400 0.1492 -0.0055 0.0222  -0.0023 72   TYR A N   
506 C CA  . TYR A 60  ? 0.1352 0.1467 0.1386 -0.0083 0.0113  -0.0027 72   TYR A CA  
507 C C   . TYR A 60  ? 0.1301 0.1169 0.1267 -0.0125 0.0145  -0.0086 72   TYR A C   
508 O O   . TYR A 60  ? 0.1256 0.1334 0.1060 -0.0214 0.0075  -0.0063 72   TYR A O   
509 C CB  . TYR A 60  ? 0.1633 0.1480 0.1546 -0.0075 0.0185  0.0072  72   TYR A CB  
510 C CG  . TYR A 60  ? 0.1537 0.1774 0.1790 -0.0056 0.0087  -0.0013 72   TYR A CG  
511 C CD1 . TYR A 60  ? 0.1919 0.2336 0.2432 0.0007  0.0045  0.0203  72   TYR A CD1 
512 C CD2 . TYR A 60  ? 0.1927 0.3028 0.2035 0.0823  0.0179  -0.0051 72   TYR A CD2 
513 C CE1 . TYR A 60  ? 0.1842 0.3008 0.2354 0.0416  0.0294  0.0455  72   TYR A CE1 
514 C CE2 . TYR A 60  ? 0.1924 0.3760 0.2542 0.1171  0.0112  0.0010  72   TYR A CE2 
515 C CZ  . TYR A 60  ? 0.1980 0.3769 0.2693 0.1109  -0.0132 -0.0024 72   TYR A CZ  
516 O OH  . TYR A 60  ? 0.1749 0.4791 0.3376 0.1622  -0.0432 0.0070  72   TYR A OH  
517 N N   . ALA A 61  ? 0.1276 0.1224 0.1396 -0.0095 0.0280  -0.0017 73   ALA A N   
518 C CA  . ALA A 61  ? 0.0998 0.0928 0.1312 -0.0154 0.0156  0.0082  73   ALA A CA  
519 C C   . ALA A 61  ? 0.1101 0.1060 0.1123 -0.0138 0.0231  -0.0007 73   ALA A C   
520 O O   . ALA A 61  ? 0.1173 0.1045 0.1100 -0.0138 0.0261  -0.0089 73   ALA A O   
521 C CB  . ALA A 61  ? 0.1360 0.1249 0.1447 -0.0108 0.0071  0.0180  73   ALA A CB  
522 N N   . THR A 62  ? 0.1191 0.1138 0.1119 -0.0187 0.0301  0.0022  74   THR A N   
523 C CA  . THR A 62  ? 0.1199 0.1080 0.1327 -0.0188 0.0123  0.0029  74   THR A CA  
524 C C   . THR A 62  ? 0.1111 0.1062 0.1251 -0.0044 0.0147  0.0110  74   THR A C   
525 O O   . THR A 62  ? 0.0950 0.1283 0.1383 -0.0177 0.0198  0.0111  74   THR A O   
526 C CB  . THR A 62  ? 0.1381 0.1228 0.1280 -0.0144 0.0105  0.0005  74   THR A CB  
527 O OG1 . THR A 62  ? 0.2335 0.1318 0.1289 -0.0158 -0.0027 -0.0057 74   THR A OG1 
528 C CG2 . THR A 62  ? 0.1693 0.0974 0.1523 -0.0408 0.0216  -0.0043 74   THR A CG2 
529 N N   A LYS A 63  ? 0.1175 0.1198 0.1455 0.0016  0.0101  0.0098  75   LYS A N   
530 N N   B LYS A 63  ? 0.1073 0.1133 0.1411 0.0004  0.0094  0.0055  75   LYS A N   
531 C CA  A LYS A 63  ? 0.1232 0.1269 0.1398 -0.0013 0.0053  0.0055  75   LYS A CA  
532 C CA  B LYS A 63  ? 0.1016 0.1148 0.1361 -0.0034 0.0006  -0.0020 75   LYS A CA  
533 C C   A LYS A 63  ? 0.1108 0.1256 0.1329 -0.0009 0.0039  0.0079  75   LYS A C   
534 C C   B LYS A 63  ? 0.0992 0.1189 0.1289 -0.0024 0.0032  0.0028  75   LYS A C   
535 O O   A LYS A 63  ? 0.1259 0.1349 0.1315 0.0006  0.0015  0.0095  75   LYS A O   
536 O O   B LYS A 63  ? 0.1141 0.1267 0.1289 -0.0030 0.0040  0.0064  75   LYS A O   
537 C CB  A LYS A 63  ? 0.1434 0.1450 0.1568 0.0066  0.0073  0.0172  75   LYS A CB  
538 C CB  B LYS A 63  ? 0.1070 0.1231 0.1482 0.0016  0.0023  -0.0096 75   LYS A CB  
539 C CG  A LYS A 63  ? 0.1979 0.2128 0.1879 0.0137  0.0186  -0.0075 75   LYS A CG  
540 C CG  B LYS A 63  ? 0.1076 0.1380 0.1730 -0.0046 -0.0134 -0.0047 75   LYS A CG  
541 C CD  A LYS A 63  ? 0.2153 0.2435 0.2488 0.0266  0.0196  0.0045  75   LYS A CD  
542 C CD  B LYS A 63  ? 0.1574 0.1565 0.2003 0.0310  -0.0001 0.0075  75   LYS A CD  
543 C CE  A LYS A 63  ? 0.2617 0.2539 0.2826 0.0259  0.0329  0.0214  75   LYS A CE  
544 C CE  B LYS A 63  ? 0.1843 0.1597 0.2295 0.0474  0.0092  0.0163  75   LYS A CE  
545 N NZ  A LYS A 63  ? 0.2896 0.2820 0.3057 0.0401  0.0442  0.0240  75   LYS A NZ  
546 N NZ  B LYS A 63  ? 0.1562 0.1999 0.2937 0.0544  0.0220  0.0362  75   LYS A NZ  
547 N N   . ASN A 64  ? 0.1127 0.1186 0.1095 0.0009  0.0019  0.0101  76   ASN A N   
548 C CA  . ASN A 64  ? 0.1060 0.1231 0.1207 -0.0082 -0.0011 -0.0076 76   ASN A CA  
549 C C   . ASN A 64  ? 0.1120 0.1286 0.1281 -0.0086 0.0032  -0.0107 76   ASN A C   
550 O O   . ASN A 64  ? 0.1284 0.1827 0.1831 -0.0308 0.0164  -0.0333 76   ASN A O   
551 C CB  . ASN A 64  ? 0.0970 0.1146 0.0983 -0.0069 -0.0021 0.0103  76   ASN A CB  
552 C CG  . ASN A 64  ? 0.1160 0.1390 0.1258 0.0068  -0.0052 0.0047  76   ASN A CG  
553 O OD1 . ASN A 64  ? 0.1189 0.2070 0.1866 -0.0256 -0.0289 0.0385  76   ASN A OD1 
554 N ND2 . ASN A 64  ? 0.0946 0.1037 0.1287 0.0041  0.0022  0.0149  76   ASN A ND2 
555 N N   . THR A 65  ? 0.1077 0.1160 0.1091 -0.0057 -0.0013 -0.0085 77   THR A N   
556 C CA  . THR A 65  ? 0.1159 0.1106 0.1041 -0.0071 0.0069  0.0054  77   THR A CA  
557 C C   . THR A 65  ? 0.1188 0.1250 0.1158 -0.0054 0.0126  -0.0070 77   THR A C   
558 O O   . THR A 65  ? 0.1062 0.1381 0.1191 -0.0087 0.0074  0.0068  77   THR A O   
559 C CB  . THR A 65  ? 0.1073 0.1244 0.1280 -0.0140 0.0060  0.0145  77   THR A CB  
560 O OG1 . THR A 65  ? 0.0984 0.1358 0.1059 -0.0053 -0.0062 0.0068  77   THR A OG1 
561 C CG2 . THR A 65  ? 0.1515 0.1270 0.1533 -0.0125 0.0023  0.0487  77   THR A CG2 
562 N N   . ASP A 66  ? 0.1106 0.1150 0.1161 -0.0171 0.0143  0.0098  78   ASP A N   
563 C CA  . ASP A 66  ? 0.1156 0.1238 0.1171 -0.0136 0.0033  0.0026  78   ASP A CA  
564 C C   . ASP A 66  ? 0.1169 0.1357 0.1235 -0.0072 0.0077  -0.0008 78   ASP A C   
565 O O   . ASP A 66  ? 0.1096 0.1411 0.1304 -0.0175 0.0002  0.0070  78   ASP A O   
566 C CB  . ASP A 66  ? 0.1105 0.1108 0.1279 -0.0170 0.0161  -0.0044 78   ASP A CB  
567 C CG  . ASP A 66  ? 0.1140 0.1333 0.1374 -0.0055 0.0003  -0.0007 78   ASP A CG  
568 O OD1 . ASP A 66  ? 0.1597 0.1460 0.1308 -0.0394 -0.0075 0.0086  78   ASP A OD1 
569 O OD2 . ASP A 66  ? 0.2027 0.1845 0.1915 0.0267  0.0110  -0.0051 78   ASP A OD2 
570 N N   . LYS A 67  ? 0.1254 0.1673 0.1227 -0.0024 0.0174  0.0010  79   LYS A N   
571 C CA  . LYS A 67  ? 0.1369 0.1791 0.1243 0.0054  -0.0018 -0.0024 79   LYS A CA  
572 C C   . LYS A 67  ? 0.1296 0.1515 0.1251 -0.0106 0.0015  -0.0079 79   LYS A C   
573 O O   . LYS A 67  ? 0.1771 0.1905 0.1181 0.0110  0.0100  -0.0179 79   LYS A O   
574 C CB  . LYS A 67  ? 0.1589 0.2223 0.1403 0.0055  -0.0061 -0.0084 79   LYS A CB  
575 C CG  . LYS A 67  ? 0.2797 0.2883 0.2042 0.0264  -0.0025 0.0009  79   LYS A CG  
576 C CD  . LYS A 67  ? 0.3860 0.3439 0.3510 0.0234  0.0028  0.0222  79   LYS A CD  
577 C CE  . LYS A 67  ? 0.3973 0.3760 0.4039 0.0390  0.0125  0.0054  79   LYS A CE  
578 N NZ  . LYS A 67  ? 0.4333 0.4098 0.4530 0.0529  0.0179  0.0312  79   LYS A NZ  
579 N N   . MET A 68  ? 0.1165 0.1326 0.1241 -0.0125 -0.0126 -0.0109 80   MET A N   
580 C CA  . MET A 68  ? 0.0920 0.1459 0.1155 -0.0152 -0.0175 -0.0115 80   MET A CA  
581 C C   . MET A 68  ? 0.1030 0.1183 0.1163 -0.0168 0.0003  -0.0016 80   MET A C   
582 O O   . MET A 68  ? 0.1052 0.1239 0.1334 -0.0214 0.0113  -0.0191 80   MET A O   
583 C CB  . MET A 68  ? 0.1088 0.1642 0.1355 -0.0142 -0.0204 -0.0055 80   MET A CB  
584 C CG  . MET A 68  ? 0.1413 0.1586 0.1396 -0.0173 -0.0077 -0.0151 80   MET A CG  
585 S SD  . MET A 68  ? 0.2230 0.1790 0.1598 -0.0264 0.0407  -0.0019 80   MET A SD  
586 C CE  . MET A 68  ? 0.1384 0.2034 0.1856 0.0079  0.0329  0.0356  80   MET A CE  
587 N N   . THR A 69  ? 0.0877 0.1302 0.1011 -0.0160 -0.0128 -0.0038 81   THR A N   
588 C CA  . THR A 69  ? 0.0981 0.1212 0.1096 -0.0084 -0.0156 -0.0008 81   THR A CA  
589 C C   . THR A 69  ? 0.0952 0.1026 0.1096 -0.0077 -0.0122 0.0006  81   THR A C   
590 O O   . THR A 69  ? 0.0986 0.1062 0.0868 -0.0045 -0.0150 0.0038  81   THR A O   
591 C CB  . THR A 69  ? 0.1188 0.1193 0.1045 -0.0009 -0.0304 -0.0041 81   THR A CB  
592 O OG1 . THR A 69  ? 0.1436 0.1166 0.1077 -0.0100 -0.0095 -0.0033 81   THR A OG1 
593 C CG2 . THR A 69  ? 0.1540 0.1565 0.0818 0.0107  0.0007  0.0243  81   THR A CG2 
594 N N   . VAL A 70  ? 0.0842 0.0968 0.0969 -0.0156 0.0009  0.0058  82   VAL A N   
595 C CA  . VAL A 70  ? 0.0903 0.1032 0.1031 -0.0104 -0.0058 -0.0034 82   VAL A CA  
596 C C   . VAL A 70  ? 0.1195 0.1078 0.1018 -0.0137 -0.0027 -0.0008 82   VAL A C   
597 O O   . VAL A 70  ? 0.1137 0.1108 0.0852 -0.0134 0.0112  0.0027  82   VAL A O   
598 C CB  . VAL A 70  ? 0.0963 0.1016 0.0979 -0.0105 0.0077  -0.0104 82   VAL A CB  
599 C CG1 . VAL A 70  ? 0.0994 0.1500 0.0911 0.0033  -0.0108 -0.0005 82   VAL A CG1 
600 C CG2 . VAL A 70  ? 0.1207 0.0827 0.1364 -0.0040 0.0019  -0.0257 82   VAL A CG2 
601 N N   . ALA A 71  ? 0.1147 0.1098 0.1169 -0.0104 0.0033  -0.0008 83   ALA A N   
602 C CA  . ALA A 71  ? 0.0981 0.1045 0.1206 -0.0093 -0.0008 -0.0071 83   ALA A CA  
603 C C   . ALA A 71  ? 0.1004 0.0990 0.0958 -0.0129 0.0060  0.0005  83   ALA A C   
604 O O   . ALA A 71  ? 0.1162 0.1284 0.1391 -0.0165 0.0003  0.0086  83   ALA A O   
605 C CB  . ALA A 71  ? 0.1368 0.1265 0.1186 -0.0068 0.0167  -0.0038 83   ALA A CB  
606 N N   . ASP A 72  ? 0.0984 0.0904 0.1038 -0.0112 0.0063  0.0010  84   ASP A N   
607 C CA  . ASP A 72  ? 0.1160 0.1019 0.1109 -0.0101 0.0082  -0.0012 84   ASP A CA  
608 C C   . ASP A 72  ? 0.1165 0.1070 0.1124 -0.0151 0.0097  -0.0015 84   ASP A C   
609 O O   . ASP A 72  ? 0.1594 0.0929 0.1341 -0.0083 0.0130  0.0038  84   ASP A O   
610 C CB  . ASP A 72  ? 0.1100 0.1067 0.1146 -0.0221 0.0085  -0.0104 84   ASP A CB  
611 C CG  . ASP A 72  ? 0.1255 0.1372 0.1191 0.0099  0.0064  -0.0001 84   ASP A CG  
612 O OD1 . ASP A 72  ? 0.1640 0.1467 0.1437 0.0128  0.0091  -0.0318 84   ASP A OD1 
613 O OD2 . ASP A 72  ? 0.1914 0.1760 0.1678 -0.0036 -0.0018 0.0130  84   ASP A OD2 
614 N N   . PHE A 73  ? 0.1195 0.1119 0.1067 -0.0123 0.0154  0.0025  85   PHE A N   
615 C CA  . PHE A 73  ? 0.1188 0.0954 0.0911 -0.0157 0.0132  0.0017  85   PHE A CA  
616 C C   . PHE A 73  ? 0.1170 0.1247 0.1090 -0.0037 0.0089  0.0089  85   PHE A C   
617 O O   . PHE A 73  ? 0.1347 0.1462 0.1185 0.0101  0.0163  0.0275  85   PHE A O   
618 C CB  . PHE A 73  ? 0.1315 0.1140 0.1076 -0.0116 0.0176  -0.0083 85   PHE A CB  
619 C CG  . PHE A 73  ? 0.1395 0.1085 0.0849 -0.0268 0.0079  0.0009  85   PHE A CG  
620 C CD1 . PHE A 73  ? 0.1253 0.1829 0.1057 -0.0013 -0.0208 -0.0220 85   PHE A CD1 
621 C CD2 . PHE A 73  ? 0.1688 0.2645 0.1707 -0.0485 -0.0218 -0.0441 85   PHE A CD2 
622 C CE1 . PHE A 73  ? 0.1640 0.1745 0.1525 0.0236  -0.0094 -0.0139 85   PHE A CE1 
623 C CE2 . PHE A 73  ? 0.1760 0.2717 0.1840 -0.0334 -0.0230 -0.0523 85   PHE A CE2 
624 C CZ  . PHE A 73  ? 0.1498 0.1848 0.1366 0.0324  -0.0165 0.0080  85   PHE A CZ  
625 N N   A GLU A 74  ? 0.1199 0.1276 0.0995 -0.0076 0.0018  0.0116  86   GLU A N   
626 N N   B GLU A 74  ? 0.1208 0.1283 0.1011 -0.0077 0.0022  0.0108  86   GLU A N   
627 C CA  A GLU A 74  ? 0.1215 0.1403 0.1079 -0.0005 -0.0066 0.0103  86   GLU A CA  
628 C CA  B GLU A 74  ? 0.1222 0.1412 0.1099 -0.0006 -0.0058 0.0085  86   GLU A CA  
629 C C   A GLU A 74  ? 0.1202 0.1291 0.1147 0.0026  0.0023  0.0084  86   GLU A C   
630 C C   B GLU A 74  ? 0.1207 0.1300 0.1157 0.0023  0.0026  0.0076  86   GLU A C   
631 O O   A GLU A 74  ? 0.1287 0.1475 0.1198 -0.0011 -0.0033 0.0023  86   GLU A O   
632 O O   B GLU A 74  ? 0.1292 0.1477 0.1206 -0.0007 -0.0021 0.0018  86   GLU A O   
633 C CB  A GLU A 74  ? 0.1407 0.1562 0.1116 -0.0016 -0.0056 0.0195  86   GLU A CB  
634 C CB  B GLU A 74  ? 0.1384 0.1568 0.1152 -0.0031 -0.0048 0.0159  86   GLU A CB  
635 C CG  A GLU A 74  ? 0.1657 0.1619 0.1459 0.0022  -0.0127 0.0369  86   GLU A CG  
636 C CG  B GLU A 74  ? 0.1684 0.1618 0.1500 0.0054  -0.0072 0.0235  86   GLU A CG  
637 C CD  A GLU A 74  ? 0.1730 0.1655 0.1414 0.0113  -0.0154 0.0496  86   GLU A CD  
638 C CD  B GLU A 74  ? 0.1833 0.1726 0.1657 -0.0016 -0.0113 0.0135  86   GLU A CD  
639 O OE1 A GLU A 74  ? 0.2219 0.1607 0.1868 -0.0120 0.0147  0.0037  86   GLU A OE1 
640 O OE1 B GLU A 74  ? 0.1609 0.1642 0.1393 0.0015  0.0157  -0.0082 86   GLU A OE1 
641 O OE2 A GLU A 74  ? 0.2091 0.1801 0.1990 -0.0406 -0.0154 0.0487  86   GLU A OE2 
642 O OE2 B GLU A 74  ? 0.1928 0.2217 0.1587 -0.0040 -0.0198 0.0057  86   GLU A OE2 
643 N N   . ALA A 75  ? 0.1253 0.1175 0.1199 -0.0035 0.0050  0.0037  87   ALA A N   
644 C CA  . ALA A 75  ? 0.1293 0.1268 0.1393 0.0046  0.0087  0.0015  87   ALA A CA  
645 C C   . ALA A 75  ? 0.1341 0.1273 0.1475 -0.0018 0.0028  0.0074  87   ALA A C   
646 O O   . ALA A 75  ? 0.1376 0.1491 0.1498 0.0186  -0.0021 0.0128  87   ALA A O   
647 C CB  . ALA A 75  ? 0.1582 0.1595 0.1439 0.0187  0.0257  -0.0035 87   ALA A CB  
648 N N   . ARG A 76  ? 0.1257 0.1325 0.1465 0.0014  0.0180  0.0166  88   ARG A N   
649 C CA  . ARG A 76  ? 0.1166 0.1361 0.1637 -0.0019 0.0081  0.0259  88   ARG A CA  
650 C C   . ARG A 76  ? 0.1174 0.1309 0.1565 -0.0078 0.0155  0.0205  88   ARG A C   
651 O O   . ARG A 76  ? 0.1216 0.1264 0.1526 0.0001  0.0126  0.0390  88   ARG A O   
652 C CB  . ARG A 76  ? 0.1367 0.1573 0.1875 0.0164  0.0034  0.0315  88   ARG A CB  
653 C CG  . ARG A 76  ? 0.1478 0.1916 0.1896 0.0044  0.0258  0.0508  88   ARG A CG  
654 C CD  . ARG A 76  ? 0.2058 0.2901 0.2590 0.0182  0.0479  0.0632  88   ARG A CD  
655 N NE  . ARG A 76  ? 0.1364 0.2220 0.2380 -0.0011 0.0446  0.0657  88   ARG A NE  
656 C CZ  . ARG A 76  ? 0.2064 0.2215 0.2172 -0.0165 0.0005  0.0438  88   ARG A CZ  
657 N NH1 . ARG A 76  ? 0.2211 0.2747 0.2596 -0.0577 0.0234  0.0610  88   ARG A NH1 
658 N NH2 . ARG A 76  ? 0.2194 0.2628 0.1674 -0.0696 0.0695  0.0253  88   ARG A NH2 
659 N N   . GLN A 77  ? 0.1319 0.1414 0.1388 0.0012  0.0021  0.0040  89   GLN A N   
660 C CA  . GLN A 77  ? 0.1471 0.1282 0.1392 0.0009  0.0069  -0.0036 89   GLN A CA  
661 C C   . GLN A 77  ? 0.1682 0.1427 0.1361 0.0044  0.0043  0.0101  89   GLN A C   
662 O O   . GLN A 77  ? 0.2082 0.1349 0.1440 0.0059  0.0102  0.0135  89   GLN A O   
663 C CB  . GLN A 77  ? 0.1777 0.1346 0.1562 -0.0130 -0.0232 0.0043  89   GLN A CB  
664 C CG  . GLN A 77  ? 0.1706 0.1784 0.2039 -0.0066 0.0175  -0.0086 89   GLN A CG  
665 C CD  . GLN A 77  ? 0.1715 0.1679 0.2127 0.0133  0.0234  0.0082  89   GLN A CD  
666 O OE1 . GLN A 77  ? 0.2179 0.2178 0.2768 0.0027  0.0282  0.0511  89   GLN A OE1 
667 N NE2 . GLN A 77  ? 0.3114 0.2865 0.2723 -0.0076 0.0515  -0.0106 89   GLN A NE2 
668 N N   . LYS A 78  ? 0.1611 0.1357 0.1343 0.0107  0.0021  0.0235  90   LYS A N   
669 C CA  . LYS A 78  ? 0.1739 0.1423 0.1550 0.0125  -0.0077 0.0135  90   LYS A CA  
670 C C   . LYS A 78  ? 0.1764 0.1528 0.1548 0.0064  -0.0102 0.0166  90   LYS A C   
671 O O   . LYS A 78  ? 0.1863 0.1463 0.1397 0.0095  -0.0312 0.0251  90   LYS A O   
672 C CB  . LYS A 78  ? 0.1859 0.1569 0.1878 0.0011  -0.0053 0.0228  90   LYS A CB  
673 C CG  . LYS A 78  ? 0.2297 0.2141 0.2623 -0.0041 0.0007  0.0016  90   LYS A CG  
674 C CD  . LYS A 78  ? 0.2863 0.3390 0.3254 -0.0204 0.0397  -0.0265 90   LYS A CD  
675 C CE  . LYS A 78  ? 0.3657 0.3690 0.3973 -0.0379 0.0464  -0.0163 90   LYS A CE  
676 N NZ  . LYS A 78  ? 0.4071 0.4680 0.4485 -0.0398 0.0638  -0.0182 90   LYS A NZ  
677 N N   . ALA A 79  ? 0.1418 0.1414 0.1251 0.0145  -0.0108 0.0203  91   ALA A N   
678 C CA  . ALA A 79  ? 0.1328 0.1361 0.1331 0.0118  -0.0091 0.0096  91   ALA A CA  
679 C C   . ALA A 79  ? 0.1434 0.1210 0.1255 0.0026  0.0009  0.0101  91   ALA A C   
680 O O   . ALA A 79  ? 0.1594 0.1270 0.1272 -0.0035 -0.0012 0.0278  91   ALA A O   
681 C CB  . ALA A 79  ? 0.1387 0.1538 0.1351 0.0145  -0.0156 0.0103  91   ALA A CB  
682 N N   . VAL A 80  ? 0.1577 0.1211 0.1402 0.0014  0.0161  0.0216  92   VAL A N   
683 C CA  . VAL A 80  ? 0.1529 0.1238 0.1468 0.0079  0.0105  0.0123  92   VAL A CA  
684 C C   . VAL A 80  ? 0.1529 0.1332 0.1266 0.0025  0.0091  0.0105  92   VAL A C   
685 O O   . VAL A 80  ? 0.1769 0.1054 0.1389 -0.0010 0.0180  0.0216  92   VAL A O   
686 C CB  . VAL A 80  ? 0.1461 0.1160 0.1276 0.0095  0.0218  0.0190  92   VAL A CB  
687 C CG1 . VAL A 80  ? 0.1867 0.1212 0.1253 0.0115  0.0464  0.0023  92   VAL A CG1 
688 C CG2 . VAL A 80  ? 0.1728 0.1192 0.1428 0.0057  -0.0016 0.0411  92   VAL A CG2 
689 N N   . LYS A 81  ? 0.1727 0.1269 0.1283 0.0068  -0.0116 0.0298  93   LYS A N   
690 C CA  . LYS A 81  ? 0.1819 0.1443 0.1386 0.0015  -0.0163 0.0145  93   LYS A CA  
691 C C   . LYS A 81  ? 0.1938 0.1528 0.1562 0.0026  -0.0120 0.0117  93   LYS A C   
692 O O   . LYS A 81  ? 0.2453 0.1680 0.1707 -0.0130 -0.0189 0.0246  93   LYS A O   
693 C CB  . LYS A 81  ? 0.1958 0.1623 0.1759 -0.0051 -0.0055 0.0134  93   LYS A CB  
694 C CG  . LYS A 81  ? 0.2772 0.2409 0.2351 -0.0123 -0.0235 0.0252  93   LYS A CG  
695 C CD  . LYS A 81  ? 0.3293 0.3648 0.3527 -0.0317 -0.0286 -0.0014 93   LYS A CD  
696 C CE  . LYS A 81  ? 0.3764 0.4234 0.4225 -0.0163 -0.0151 -0.0074 93   LYS A CE  
697 N NZ  . LYS A 81  ? 0.3788 0.5081 0.5037 -0.0207 -0.0109 -0.0234 93   LYS A NZ  
698 N N   . GLU A 82  ? 0.2282 0.1448 0.1553 0.0085  -0.0277 0.0148  94   GLU A N   
699 C CA  . GLU A 82  ? 0.2126 0.1542 0.1739 0.0070  -0.0288 0.0111  94   GLU A CA  
700 C C   . GLU A 82  ? 0.2015 0.1506 0.1577 0.0065  -0.0201 0.0145  94   GLU A C   
701 O O   . GLU A 82  ? 0.2161 0.1292 0.1645 -0.0011 -0.0414 0.0351  94   GLU A O   
702 C CB  . GLU A 82  ? 0.2354 0.1796 0.2054 0.0003  -0.0150 0.0076  94   GLU A CB  
703 C CG  . GLU A 82  ? 0.2576 0.2417 0.2993 0.0130  -0.0309 0.0095  94   GLU A CG  
704 C CD  . GLU A 82  ? 0.3319 0.3305 0.3651 -0.0006 -0.0555 0.0255  94   GLU A CD  
705 O OE1 . GLU A 82  ? 0.3550 0.3464 0.4977 0.0613  -0.0672 0.0438  94   GLU A OE1 
706 O OE2 . GLU A 82  ? 0.3367 0.4356 0.4253 -0.0496 -0.1219 0.0020  94   GLU A OE2 
707 N N   . ALA A 83  ? 0.1772 0.1331 0.1523 0.0087  -0.0096 0.0170  95   ALA A N   
708 C CA  . ALA A 83  ? 0.1787 0.1359 0.1494 0.0086  -0.0033 0.0070  95   ALA A CA  
709 C C   . ALA A 83  ? 0.2035 0.1371 0.1531 -0.0112 0.0085  0.0023  95   ALA A C   
710 O O   . ALA A 83  ? 0.2590 0.1320 0.1647 -0.0085 0.0012  0.0133  95   ALA A O   
711 C CB  . ALA A 83  ? 0.1787 0.1435 0.1676 0.0160  -0.0104 0.0029  95   ALA A CB  
712 N N   . LEU A 84  ? 0.2175 0.1239 0.1541 -0.0099 0.0153  0.0050  96   LEU A N   
713 C CA  . LEU A 84  ? 0.2245 0.1532 0.1728 -0.0016 0.0047  0.0055  96   LEU A CA  
714 C C   . LEU A 84  ? 0.2655 0.1748 0.1807 -0.0017 -0.0027 0.0120  96   LEU A C   
715 O O   . LEU A 84  ? 0.3089 0.1965 0.1990 -0.0253 0.0180  0.0136  96   LEU A O   
716 C CB  . LEU A 84  ? 0.2239 0.1430 0.1671 0.0022  0.0152  0.0019  96   LEU A CB  
717 C CG  . LEU A 84  ? 0.2134 0.1456 0.1999 -0.0085 0.0143  -0.0005 96   LEU A CG  
718 C CD1 . LEU A 84  ? 0.2826 0.1100 0.2429 -0.0070 0.0189  0.0233  96   LEU A CD1 
719 C CD2 . LEU A 84  ? 0.2543 0.1803 0.1481 0.0017  0.0483  0.0651  96   LEU A CD2 
720 N N   . LYS A 85  ? 0.2714 0.1851 0.1974 -0.0010 -0.0170 0.0157  97   LYS A N   
721 C CA  . LYS A 85  ? 0.3097 0.2278 0.2273 0.0036  -0.0296 0.0094  97   LYS A CA  
722 C C   . LYS A 85  ? 0.3422 0.2442 0.2571 -0.0015 -0.0230 0.0194  97   LYS A C   
723 O O   . LYS A 85  ? 0.3846 0.2465 0.2584 -0.0055 -0.0345 0.0399  97   LYS A O   
724 C CB  . LYS A 85  ? 0.3229 0.2412 0.2546 0.0127  -0.0271 0.0022  97   LYS A CB  
725 C CG  . LYS A 85  ? 0.3762 0.3202 0.3330 0.0040  -0.0260 0.0089  97   LYS A CG  
726 C CD  . LYS A 85  ? 0.4351 0.3729 0.3708 0.0157  -0.0093 0.0153  97   LYS A CD  
727 C CE  . LYS A 85  ? 0.4267 0.3695 0.4013 0.0147  -0.0067 0.0108  97   LYS A CE  
728 N NZ  . LYS A 85  ? 0.4351 0.3119 0.3114 0.0044  -0.0686 0.0179  97   LYS A NZ  
729 N N   . LYS A 86  ? 0.3721 0.2697 0.2907 -0.0044 -0.0231 0.0174  98   LYS A N   
730 C CA  . LYS A 86  ? 0.3965 0.2904 0.3288 -0.0018 -0.0157 0.0119  98   LYS A CA  
731 C C   . LYS A 86  ? 0.4125 0.3254 0.3699 -0.0090 -0.0128 0.0187  98   LYS A C   
732 O O   . LYS A 86  ? 0.4610 0.3044 0.4293 -0.0166 -0.0164 0.0349  98   LYS A O   
733 C CB  . LYS A 86  ? 0.3947 0.2917 0.3294 0.0005  -0.0163 0.0060  98   LYS A CB  
734 C CG  . LYS A 86  ? 0.3926 0.2843 0.3057 0.0034  -0.0057 -0.0123 98   LYS A CG  
735 C CD  . LYS A 86  ? 0.3885 0.3286 0.3191 -0.0003 -0.0132 -0.0268 98   LYS A CD  
736 C CE  . LYS A 86  ? 0.3381 0.3519 0.3224 0.0410  -0.0215 -0.0159 98   LYS A CE  
737 N NZ  . LYS A 86  ? 0.3684 0.3289 0.3384 0.0555  -0.0234 -0.0338 98   LYS A NZ  
738 N N   . GLY A 87  ? 0.4262 0.3439 0.3956 -0.0063 -0.0102 0.0163  99   GLY A N   
739 C CA  . GLY A 87  ? 0.4392 0.3799 0.4201 -0.0057 -0.0046 0.0166  99   GLY A CA  
740 C C   . GLY A 87  ? 0.4550 0.3991 0.4351 -0.0075 -0.0030 0.0153  99   GLY A C   
741 O O   . GLY A 87  ? 0.4705 0.4138 0.4535 -0.0190 0.0065  0.0188  99   GLY A O   
742 N N   . ASN A 88  ? 0.4767 0.4278 0.4560 -0.0084 -0.0050 0.0237  100  ASN A N   
743 C CA  . ASN A 88  ? 0.4944 0.4579 0.4600 -0.0021 -0.0001 0.0230  100  ASN A CA  
744 C C   . ASN A 88  ? 0.5033 0.4687 0.4552 0.0036  0.0025  0.0214  100  ASN A C   
745 O O   . ASN A 88  ? 0.5292 0.4813 0.4523 0.0090  0.0010  0.0327  100  ASN A O   
746 C CB  . ASN A 88  ? 0.5027 0.4691 0.4756 -0.0037 0.0000  0.0256  100  ASN A CB  
747 C CG  . ASN A 88  ? 0.5240 0.4867 0.4990 0.0018  -0.0133 0.0367  100  ASN A CG  
748 O OD1 . ASN A 88  ? 0.5429 0.5541 0.5410 0.0101  -0.0585 0.0755  100  ASN A OD1 
749 N ND2 . ASN A 88  ? 0.5929 0.4978 0.4886 -0.0119 -0.0229 0.0512  100  ASN A ND2 
750 N N   . MET A 89  ? 0.4915 0.4693 0.4307 0.0055  -0.0019 0.0237  101  MET A N   
751 C CA  . MET A 89  ? 0.4908 0.4703 0.4346 0.0040  0.0012  0.0134  101  MET A CA  
752 C C   . MET A 89  ? 0.4924 0.4708 0.4463 0.0019  -0.0006 0.0177  101  MET A C   
753 O O   . MET A 89  ? 0.5002 0.4735 0.4402 0.0134  -0.0110 0.0196  101  MET A O   
754 C CB  . MET A 89  ? 0.4867 0.4578 0.4327 0.0004  -0.0014 0.0174  101  MET A CB  
755 C CG  . MET A 89  ? 0.4954 0.4403 0.4207 -0.0040 0.0118  0.0094  101  MET A CG  
756 S SD  . MET A 89  ? 0.5406 0.3976 0.4194 -0.0324 0.0125  0.0168  101  MET A SD  
757 C CE  . MET A 89  ? 0.5317 0.3702 0.3833 -0.0163 -0.0138 -0.0263 101  MET A CE  
758 N N   . GLU A 90  ? 0.5012 0.4873 0.4720 0.0043  -0.0008 0.0100  102  GLU A N   
759 C CA  . GLU A 90  ? 0.5060 0.4894 0.4881 -0.0001 -0.0029 0.0046  102  GLU A CA  
760 C C   . GLU A 90  ? 0.5050 0.4822 0.4887 0.0016  -0.0014 0.0041  102  GLU A C   
761 O O   . GLU A 90  ? 0.5125 0.4807 0.5090 0.0021  0.0017  -0.0024 102  GLU A O   
762 C CB  . GLU A 90  ? 0.5152 0.4949 0.4908 0.0043  -0.0018 0.0039  102  GLU A CB  
763 C CG  . GLU A 90  ? 0.5436 0.5050 0.5003 0.0018  -0.0062 0.0154  102  GLU A CG  
764 C CD  . GLU A 90  ? 0.5763 0.5414 0.5243 0.0232  0.0033  0.0216  102  GLU A CD  
765 O OE1 . GLU A 90  ? 0.6182 0.5839 0.5621 0.0342  0.0099  0.0534  102  GLU A OE1 
766 O OE2 . GLU A 90  ? 0.6338 0.5775 0.5200 0.0274  -0.0020 0.0506  102  GLU A OE2 
767 N N   . ASP A 91  ? 0.4951 0.4684 0.4774 0.0037  -0.0005 0.0048  103  ASP A N   
768 C CA  . ASP A 91  ? 0.4814 0.4688 0.4721 0.0045  -0.0023 0.0059  103  ASP A CA  
769 C C   . ASP A 91  ? 0.4614 0.4499 0.4424 0.0051  -0.0001 0.0074  103  ASP A C   
770 O O   . ASP A 91  ? 0.4651 0.4430 0.4413 0.0110  0.0011  0.0186  103  ASP A O   
771 C CB  . ASP A 91  ? 0.4944 0.4794 0.4841 0.0045  -0.0048 0.0064  103  ASP A CB  
772 C CG  . ASP A 91  ? 0.5282 0.5263 0.5212 0.0203  -0.0058 0.0118  103  ASP A CG  
773 O OD1 . ASP A 91  ? 0.5645 0.5971 0.6047 0.0546  0.0103  0.0088  103  ASP A OD1 
774 O OD2 . ASP A 91  ? 0.5941 0.6088 0.5416 0.0012  0.0006  -0.0013 103  ASP A OD2 
775 N N   . MET A 92  ? 0.4480 0.4356 0.4268 0.0087  0.0045  0.0054  104  MET A N   
776 C CA  . MET A 92  ? 0.4355 0.4254 0.4038 0.0084  0.0023  0.0067  104  MET A CA  
777 C C   . MET A 92  ? 0.4255 0.4171 0.4035 0.0078  0.0046  0.0103  104  MET A C   
778 O O   . MET A 92  ? 0.4369 0.4079 0.4190 0.0219  -0.0048 0.0190  104  MET A O   
779 C CB  . MET A 92  ? 0.4274 0.4340 0.4031 0.0107  0.0048  0.0057  104  MET A CB  
780 C CG  . MET A 92  ? 0.4305 0.4345 0.3888 0.0194  0.0022  -0.0045 104  MET A CG  
781 S SD  . MET A 92  ? 0.4629 0.4402 0.3422 0.1050  -0.0545 0.0004  104  MET A SD  
782 C CE  . MET A 92  ? 0.4471 0.3626 0.4121 0.1128  -0.0514 -0.0183 104  MET A CE  
783 N N   . ASP A 93  ? 0.4129 0.4055 0.3963 0.0084  0.0038  0.0091  105  ASP A N   
784 C CA  . ASP A 93  ? 0.4078 0.4025 0.3938 0.0046  0.0051  0.0074  105  ASP A CA  
785 C C   . ASP A 93  ? 0.3942 0.3905 0.3775 0.0036  0.0012  0.0000  105  ASP A C   
786 O O   . ASP A 93  ? 0.3985 0.3964 0.3759 -0.0021 -0.0067 -0.0076 105  ASP A O   
787 C CB  . ASP A 93  ? 0.4109 0.4117 0.3882 0.0107  0.0147  0.0082  105  ASP A CB  
788 C CG  . ASP A 93  ? 0.4417 0.4334 0.4426 0.0281  0.0338  0.0243  105  ASP A CG  
789 O OD1 . ASP A 93  ? 0.4778 0.4644 0.4443 0.0641  0.0408  0.0669  105  ASP A OD1 
790 O OD2 . ASP A 93  ? 0.4663 0.4883 0.4945 0.0592  0.0744  0.0425  105  ASP A OD2 
791 N N   . ASP A 94  ? 0.3786 0.3601 0.3575 0.0037  -0.0013 0.0038  106  ASP A N   
792 C CA  . ASP A 94  ? 0.3694 0.3471 0.3566 0.0048  -0.0077 0.0102  106  ASP A CA  
793 C C   . ASP A 94  ? 0.3361 0.3303 0.3265 -0.0023 -0.0161 0.0125  106  ASP A C   
794 O O   . ASP A 94  ? 0.3467 0.3110 0.3345 -0.0233 -0.0204 0.0255  106  ASP A O   
795 C CB  . ASP A 94  ? 0.3930 0.3597 0.3780 0.0040  -0.0063 0.0177  106  ASP A CB  
796 C CG  . ASP A 94  ? 0.4409 0.4091 0.4152 0.0132  0.0052  0.0179  106  ASP A CG  
797 O OD1 . ASP A 94  ? 0.5719 0.4698 0.4925 -0.0222 0.0031  0.0438  106  ASP A OD1 
798 O OD2 . ASP A 94  ? 0.5655 0.4155 0.4189 0.0415  -0.0101 0.0077  106  ASP A OD2 
799 N N   . ASP A 95  ? 0.3109 0.3060 0.3010 0.0051  -0.0288 0.0023  107  ASP A N   
800 C CA  . ASP A 95  ? 0.3100 0.3214 0.2973 0.0178  -0.0221 0.0037  107  ASP A CA  
801 C C   . ASP A 95  ? 0.2956 0.3005 0.2734 0.0123  -0.0294 -0.0108 107  ASP A C   
802 O O   . ASP A 95  ? 0.3145 0.2585 0.2404 0.0140  -0.0036 -0.0060 107  ASP A O   
803 C CB  . ASP A 95  ? 0.3031 0.3413 0.3106 0.0078  -0.0206 -0.0023 107  ASP A CB  
804 C CG  . ASP A 95  ? 0.3300 0.3801 0.3835 0.0161  -0.0224 0.0336  107  ASP A CG  
805 O OD1 . ASP A 95  ? 0.3302 0.4155 0.3886 0.0329  -0.0648 0.1076  107  ASP A OD1 
806 O OD2 . ASP A 95  ? 0.3116 0.4507 0.5160 0.0006  -0.0336 0.0118  107  ASP A OD2 
807 N N   . PHE A 96  ? 0.2529 0.2797 0.2463 0.0276  -0.0345 -0.0200 108  PHE A N   
808 C CA  . PHE A 96  ? 0.2385 0.2667 0.2089 0.0265  -0.0256 -0.0140 108  PHE A CA  
809 C C   . PHE A 96  ? 0.2531 0.2638 0.2168 0.0288  -0.0101 -0.0186 108  PHE A C   
810 O O   . PHE A 96  ? 0.1951 0.2832 0.2047 0.0616  0.0066  -0.0177 108  PHE A O   
811 C CB  . PHE A 96  ? 0.2098 0.2621 0.2155 0.0275  -0.0507 -0.0161 108  PHE A CB  
812 C CG  . PHE A 96  ? 0.2447 0.2984 0.1806 0.0052  -0.0377 -0.0091 108  PHE A CG  
813 C CD1 . PHE A 96  ? 0.2730 0.2533 0.2457 0.0104  -0.0558 -0.0046 108  PHE A CD1 
814 C CD2 . PHE A 96  ? 0.2791 0.3515 0.2526 -0.0280 -0.0235 -0.0117 108  PHE A CD2 
815 C CE1 . PHE A 96  ? 0.2827 0.2119 0.2178 0.0019  -0.0567 -0.0376 108  PHE A CE1 
816 C CE2 . PHE A 96  ? 0.2981 0.2977 0.2838 -0.0342 -0.0430 -0.0248 108  PHE A CE2 
817 C CZ  . PHE A 96  ? 0.2768 0.2767 0.2705 -0.0103 -0.0113 -0.0018 108  PHE A CZ  
818 N N   . GLY A 97  ? 0.2500 0.2454 0.2576 0.0387  -0.0142 0.0017  109  GLY A N   
819 C CA  . GLY A 97  ? 0.2753 0.2466 0.2477 0.0077  -0.0050 0.0143  109  GLY A CA  
820 C C   . GLY A 97  ? 0.2678 0.2331 0.2339 -0.0075 -0.0057 0.0167  109  GLY A C   
821 O O   . GLY A 97  ? 0.2974 0.2757 0.1924 -0.0223 0.0024  0.0267  109  GLY A O   
822 N N   . LEU A 98  ? 0.2670 0.2257 0.2332 -0.0182 -0.0101 0.0209  110  LEU A N   
823 C CA  . LEU A 98  ? 0.2519 0.2327 0.2204 -0.0141 -0.0058 0.0223  110  LEU A CA  
824 C C   . LEU A 98  ? 0.2465 0.2147 0.2116 0.0035  0.0120  0.0231  110  LEU A C   
825 O O   . LEU A 98  ? 0.2390 0.2581 0.2169 0.0101  0.0587  0.0596  110  LEU A O   
826 C CB  . LEU A 98  ? 0.2733 0.2293 0.2583 -0.0214 -0.0068 0.0179  110  LEU A CB  
827 C CG  . LEU A 98  ? 0.2706 0.2724 0.2683 -0.0425 0.0085  0.0143  110  LEU A CG  
828 C CD1 . LEU A 98  ? 0.2537 0.2841 0.2530 -0.0223 -0.0409 0.0187  110  LEU A CD1 
829 C CD2 . LEU A 98  ? 0.2833 0.2950 0.2601 -0.0616 0.0205  0.0310  110  LEU A CD2 
830 N N   . ARG A 99  ? 0.2160 0.2014 0.1873 0.0098  0.0212  0.0220  111  ARG A N   
831 C CA  . ARG A 99  ? 0.2416 0.2072 0.2081 0.0072  0.0147  0.0096  111  ARG A CA  
832 C C   . ARG A 99  ? 0.3026 0.2412 0.2677 0.0072  0.0069  0.0057  111  ARG A C   
833 O O   . ARG A 99  ? 0.3461 0.2444 0.2584 0.0122  0.0200  -0.0007 111  ARG A O   
834 C CB  . ARG A 99  ? 0.2549 0.2077 0.2065 -0.0040 0.0145  0.0258  111  ARG A CB  
835 C CG  . ARG A 99  ? 0.2316 0.1959 0.2242 -0.0291 0.0015  0.0109  111  ARG A CG  
836 C CD  . ARG A 99  ? 0.1797 0.1647 0.1273 -0.0104 -0.0091 -0.0020 111  ARG A CD  
837 N NE  . ARG A 99  ? 0.1265 0.1540 0.1396 -0.0070 -0.0083 -0.0021 111  ARG A NE  
838 C CZ  . ARG A 99  ? 0.1357 0.1243 0.1383 -0.0078 0.0039  0.0091  111  ARG A CZ  
839 N NH1 . ARG A 99  ? 0.1533 0.1173 0.1318 -0.0174 0.0134  0.0174  111  ARG A NH1 
840 N NH2 . ARG A 99  ? 0.1378 0.1423 0.1490 -0.0217 -0.0101 0.0066  111  ARG A NH2 
841 N N   . SER A 100 ? 0.3470 0.2793 0.3038 -0.0059 -0.0044 -0.0020 112  SER A N   
842 C CA  . SER A 100 ? 0.4003 0.3489 0.3706 0.0031  -0.0066 0.0003  112  SER A CA  
843 C C   . SER A 100 ? 0.4139 0.3600 0.3923 0.0053  0.0055  -0.0045 112  SER A C   
844 O O   . SER A 100 ? 0.4327 0.3698 0.4167 0.0098  0.0029  0.0144  112  SER A O   
845 C CB  . SER A 100 ? 0.3987 0.3506 0.3775 0.0022  0.0009  -0.0121 112  SER A CB  
846 O OG  . SER A 100 ? 0.4513 0.3952 0.4167 0.0193  -0.0166 0.0080  112  SER A OG  
847 O OXT . SER A 100 ? 0.4460 0.3712 0.4214 0.0106  0.0077  -0.0072 112  SER A OXT 
848 N N   . NIO B .   ? 0.3118 0.2740 0.2870 -0.0063 0.0252  0.0023  200  NIO A N   
849 C C1  . NIO B .   ? 0.3132 0.2792 0.2725 -0.0126 0.0405  -0.0139 200  NIO A C1  
850 C C2  . NIO B .   ? 0.3271 0.2991 0.2861 -0.0162 0.0330  0.0070  200  NIO A C2  
851 C C3  . NIO B .   ? 0.3007 0.2767 0.2974 -0.0074 0.0376  0.0267  200  NIO A C3  
852 C C4  . NIO B .   ? 0.3144 0.3191 0.3055 -0.0098 0.0257  0.0201  200  NIO A C4  
853 C C5  . NIO B .   ? 0.3073 0.2817 0.3123 -0.0038 0.0255  0.0192  200  NIO A C5  
854 C C6  . NIO B .   ? 0.3668 0.4318 0.3083 -0.0156 0.0216  0.0272  200  NIO A C6  
855 O O1  . NIO B .   ? 0.3772 0.4482 0.3466 -0.0354 0.0237  0.0075  200  NIO A O1  
856 O O2  . NIO B .   ? 0.3254 0.4932 0.2708 -0.0190 0.0296  0.0491  200  NIO A O2  
857 O O   . HOH C .   ? 0.6034 0.8025 0.7632 0.2187  -0.1235 -0.4136 2001 HOH A O   
858 O O   . HOH C .   ? 0.3961 0.6778 0.8133 0.1471  -0.0125 -0.2216 2002 HOH A O   
859 O O   . HOH C .   ? 0.5017 0.5030 0.3963 0.0409  0.1272  0.1118  2003 HOH A O   
860 O O   . HOH C .   ? 0.5258 0.6970 0.3058 -0.0874 -0.1013 -0.0388 2004 HOH A O   
861 O O   . HOH C .   ? 0.4389 0.4981 0.3369 0.0199  0.0202  -0.0615 2005 HOH A O   
862 O O   . HOH C .   ? 0.6758 0.4566 0.5079 -0.0045 0.2378  0.0286  2006 HOH A O   
863 O O   . HOH C .   ? 0.6836 0.3373 0.4779 0.0286  0.1912  -0.0791 2007 HOH A O   
864 O O   . HOH C .   ? 0.7332 0.4602 0.6392 -0.1240 -0.0020 0.0885  2008 HOH A O   
865 O O   . HOH C .   ? 0.4478 0.4759 0.3184 -0.0492 -0.0083 0.0338  2009 HOH A O   
866 O O   . HOH C .   ? 0.4654 0.8312 0.8702 -0.0779 0.0201  -0.3267 2010 HOH A O   
867 O O   . HOH C .   ? 0.5621 0.2899 0.2969 -0.0091 -0.0031 -0.0161 2011 HOH A O   
868 O O   . HOH C .   ? 0.7741 0.4006 0.6986 0.0766  -0.0153 -0.1107 2012 HOH A O   
869 O O   . HOH C .   ? 0.2851 0.3210 0.2781 0.0358  -0.0139 -0.1039 2013 HOH A O   
870 O O   . HOH C .   ? 0.3032 0.3697 0.1892 -0.0107 0.0615  -0.0255 2014 HOH A O   
871 O O   . HOH C .   ? 0.3943 0.5850 0.5689 -0.0423 0.0500  -0.0274 2015 HOH A O   
872 O O   . HOH C .   ? 0.6231 0.4925 0.5874 0.0994  -0.0269 -0.1951 2016 HOH A O   
873 O O   . HOH C .   ? 0.6925 0.6501 1.0256 -0.0408 -0.1098 0.2076  2017 HOH A O   
874 O O   . HOH C .   ? 0.2050 0.7011 0.6601 -0.1079 -0.2000 0.4732  2018 HOH A O   
875 O O   . HOH C .   ? 0.2409 0.4656 0.5551 0.0426  0.1088  -0.0263 2019 HOH A O   
876 O O   . HOH C .   ? 0.3407 0.4509 0.1886 0.0351  0.0233  0.0667  2020 HOH A O   
877 O O   . HOH C .   ? 0.4643 0.5005 0.2616 0.0269  -0.0013 0.0154  2021 HOH A O   
878 O O   . HOH C .   ? 0.2165 0.4495 0.1962 -0.0299 -0.0464 0.0202  2022 HOH A O   
879 O O   . HOH C .   ? 0.2076 0.3730 0.4161 0.0383  0.0783  -0.0280 2023 HOH A O   
880 O O   . HOH C .   ? 0.5781 0.4390 0.3341 -0.1272 0.0960  0.0508  2024 HOH A O   
881 O O   . HOH C .   ? 0.5659 0.7525 0.3868 -0.2060 -0.0154 -0.0408 2025 HOH A O   
882 O O   . HOH C .   ? 0.3889 0.4100 0.2794 -0.0005 0.0165  0.0209  2026 HOH A O   
883 O O   . HOH C .   ? 0.3163 0.3158 0.3288 -0.0845 -0.0523 0.0444  2027 HOH A O   
884 O O   . HOH C .   ? 0.6668 0.2914 0.3050 0.1696  -0.0353 0.0126  2028 HOH A O   
885 O O   . HOH C .   ? 0.5720 0.4682 0.4337 0.0081  0.0189  -0.0508 2029 HOH A O   
886 O O   . HOH C .   ? 0.3027 0.3266 0.2342 -0.0274 0.0998  -0.0126 2030 HOH A O   
887 O O   . HOH C .   ? 0.5854 0.5442 0.3765 0.1152  0.0944  0.0987  2031 HOH A O   
888 O O   . HOH C .   ? 0.6041 0.4766 0.4635 0.0802  -0.1760 -0.0891 2032 HOH A O   
889 O O   . HOH C .   ? 0.7535 0.5765 0.5700 -0.2284 0.2727  -0.2220 2033 HOH A O   
890 O O   . HOH C .   ? 0.2274 0.1738 0.2265 0.0180  0.0166  -0.0153 2034 HOH A O   
891 O O   . HOH C .   ? 0.3151 0.4371 0.5138 0.1109  -0.1372 -0.1587 2035 HOH A O   
892 O O   . HOH C .   ? 0.1476 0.2337 0.1962 0.0449  -0.0263 -0.0313 2036 HOH A O   
893 O O   . HOH C .   ? 1.3592 0.7316 1.2762 -0.3693 0.5069  -0.4828 2037 HOH A O   
894 O O   . HOH C .   ? 0.2207 0.2112 0.2434 0.0183  -0.0089 -0.0003 2038 HOH A O   
895 O O   . HOH C .   ? 0.5651 0.4713 0.5168 0.0310  0.0100  -0.2852 2039 HOH A O   
896 O O   . HOH C .   ? 0.5459 0.2196 0.1714 -0.1287 0.1456  0.0047  2040 HOH A O   
897 O O   . HOH C .   ? 0.4523 0.5971 0.3356 -0.0466 -0.2192 0.0706  2041 HOH A O   
898 O O   . HOH C .   ? 0.2675 0.1701 0.2755 0.0575  0.0292  -0.0176 2042 HOH A O   
899 O O   . HOH C .   ? 0.4033 0.3399 0.4954 -0.0224 0.0746  0.0447  2043 HOH A O   
900 O O   . HOH C .   ? 0.4759 0.2136 0.4595 0.0344  -0.0420 0.0214  2044 HOH A O   
901 O O   . HOH C .   ? 0.3981 0.3202 0.3932 -0.0483 0.0495  0.0381  2045 HOH A O   
902 O O   . HOH C .   ? 0.2279 0.4231 0.5932 -0.0334 0.0291  -0.0887 2046 HOH A O   
903 O O   . HOH C .   ? 0.8462 0.7168 0.2442 0.4526  0.0603  0.1137  2047 HOH A O   
904 O O   . HOH C .   ? 0.2094 0.3321 0.3445 0.0272  -0.0481 0.1194  2048 HOH A O   
905 O O   . HOH C .   ? 0.2256 0.5222 0.3286 0.0084  -0.0436 -0.1123 2049 HOH A O   
906 O O   . HOH C .   ? 0.6880 0.1470 0.6944 -0.1276 0.2291  0.0517  2050 HOH A O   
907 O O   . HOH C .   ? 0.4629 0.3380 0.3236 0.0160  0.0621  0.0141  2051 HOH A O   
908 O O   . HOH C .   ? 0.4728 0.3280 0.3813 -0.1017 0.0664  -0.0203 2052 HOH A O   
909 O O   . HOH C .   ? 0.9267 0.9177 0.7909 -0.0133 0.1235  -0.0036 2053 HOH A O   
910 O O   . HOH C .   ? 0.4810 0.6522 0.5679 0.1201  0.1439  -0.0576 2054 HOH A O   
911 O O   . HOH C .   ? 0.6301 0.6100 0.8309 -0.0114 0.3147  0.0533  2055 HOH A O   
912 O O   . HOH C .   ? 0.3122 0.3981 0.4797 -0.0768 0.0528  -0.0288 2056 HOH A O   
913 O O   . HOH C .   ? 0.7210 0.3894 0.4601 -0.0384 0.2556  0.0027  2057 HOH A O   
914 O O   . HOH C .   ? 0.5794 0.6843 0.2262 0.2377  0.1957  0.1631  2058 HOH A O   
915 O O   . HOH C .   ? 0.2838 0.2568 0.2079 -0.0344 0.0114  -0.0456 2059 HOH A O   
916 O O   . HOH C .   ? 0.4729 0.4215 0.4404 -0.0866 0.2243  0.0185  2060 HOH A O   
917 O O   . HOH C .   ? 0.2766 0.5160 0.5244 0.1088  0.0041  0.1837  2061 HOH A O   
918 O O   . HOH C .   ? 0.5157 0.2902 0.3013 -0.0272 -0.0388 -0.0140 2062 HOH A O   
919 O O   . HOH C .   ? 0.4782 0.2766 0.3138 0.0326  0.0850  0.0257  2063 HOH A O   
920 O O   . HOH C .   ? 0.4634 0.6026 0.6524 -0.0918 0.0143  -0.0078 2064 HOH A O   
921 O O   . HOH C .   ? 0.3883 0.9029 0.6226 -0.1905 0.1123  -0.2248 2065 HOH A O   
922 O O   . HOH C .   ? 0.3681 0.5233 0.5698 0.1059  0.1110  0.1241  2066 HOH A O   
923 O O   . HOH C .   ? 0.2891 0.4395 0.4083 -0.0248 0.0286  -0.0192 2067 HOH A O   
924 O O   . HOH C .   ? 0.3842 0.2943 0.3130 0.0972  0.0858  0.0070  2068 HOH A O   
925 O O   . HOH C .   ? 0.5539 0.7299 0.4811 -0.1053 -0.0212 0.0291  2069 HOH A O   
926 O O   . HOH C .   ? 0.5994 0.4075 1.0556 0.2009  -0.1012 -0.0410 2070 HOH A O   
927 O O   . HOH C .   ? 0.3650 0.2735 0.3587 -0.0361 0.0236  0.0361  2071 HOH A O   
928 O O   . HOH C .   ? 0.2433 0.4413 0.2866 0.0268  0.0341  0.0658  2072 HOH A O   
929 O O   . HOH C .   ? 0.2683 0.2374 0.3723 -0.0049 -0.0255 -0.0216 2073 HOH A O   
930 O O   . HOH C .   ? 0.4434 0.4009 0.3595 -0.0188 -0.0120 0.0310  2074 HOH A O   
931 O O   . HOH C .   ? 0.3335 0.2829 0.2790 -0.0140 -0.0117 -0.0855 2075 HOH A O   
932 O O   . HOH C .   ? 0.2699 0.3096 0.1950 0.0315  0.0215  -0.0248 2076 HOH A O   
933 O O   . HOH C .   ? 0.4877 0.5344 0.4063 0.0061  0.0410  -0.0552 2077 HOH A O   
934 O O   . HOH C .   ? 0.3790 0.2306 0.3895 -0.0510 0.0293  -0.0566 2078 HOH A O   
935 O O   . HOH C .   ? 0.6318 0.3778 0.7528 -0.0080 -0.4265 0.0501  2079 HOH A O   
936 O O   . HOH C .   ? 0.1784 0.3324 0.2018 -0.0723 0.0258  -0.0409 2080 HOH A O   
937 O O   . HOH C .   ? 0.4970 0.6477 0.6101 -0.0756 0.1813  0.0448  2081 HOH A O   
938 O O   . HOH C .   ? 0.4135 0.4519 0.3341 0.0179  -0.0471 -0.0418 2082 HOH A O   
939 O O   . HOH C .   ? 0.2978 0.1966 0.1995 0.0250  0.0776  -0.0276 2083 HOH A O   
940 O O   . HOH C .   ? 0.1882 0.2823 0.2645 0.0231  0.0169  0.0586  2084 HOH A O   
941 O O   . HOH C .   ? 0.3853 0.2462 0.1445 0.0329  -0.0018 0.0248  2085 HOH A O   
942 O O   . HOH C .   ? 0.1731 0.1319 0.2090 -0.0310 0.0316  -0.0220 2086 HOH A O   
943 O O   . HOH C .   ? 0.3065 0.1945 0.2604 0.0253  0.0429  -0.0386 2087 HOH A O   
944 O O   . HOH C .   ? 0.4634 0.3481 0.3289 0.0518  0.0396  -0.0265 2088 HOH A O   
945 O O   . HOH C .   ? 0.1473 0.1677 0.1964 -0.0408 -0.0378 -0.0511 2089 HOH A O   
946 O O   . HOH C .   ? 0.1483 0.1471 0.1252 -0.0377 0.0229  -0.0067 2090 HOH A O   
947 O O   . HOH C .   ? 0.3477 0.2622 0.4828 -0.0594 -0.2111 0.0266  2091 HOH A O   
948 O O   . HOH C .   ? 0.3563 0.4276 0.3448 0.0930  0.0161  0.0125  2092 HOH A O   
949 O O   . HOH C .   ? 0.2052 0.2223 0.5510 0.0490  -0.0146 -0.0750 2093 HOH A O   
950 O O   . HOH C .   ? 0.2868 0.3586 0.3948 0.0333  0.0802  0.1180  2094 HOH A O   
951 O O   . HOH C .   ? 0.3083 0.2083 0.3864 -0.0316 0.0537  0.0170  2095 HOH A O   
952 O O   . HOH C .   ? 0.3573 0.4772 0.3670 0.0449  -0.1281 0.0429  2096 HOH A O   
953 O O   . HOH C .   ? 0.1985 0.1634 0.1553 0.0290  -0.0511 -0.0132 2097 HOH A O   
954 O O   . HOH C .   ? 0.3963 0.5426 0.5384 0.1601  -0.0407 0.0576  2098 HOH A O   
955 O O   . HOH C .   ? 0.5000 0.2508 0.2768 -0.1173 0.1457  -0.0718 2099 HOH A O   
956 O O   . HOH C .   ? 0.5454 0.3759 0.4275 0.0921  0.1629  0.0871  2100 HOH A O   
957 O O   . HOH C .   ? 0.3937 0.1931 0.3030 0.1155  0.0292  0.0057  2101 HOH A O   
958 O O   . HOH C .   ? 0.8461 1.1374 0.4535 -0.1900 0.0376  0.0327  2102 HOH A O   
959 O O   . HOH C .   ? 0.9680 0.3333 0.4020 -0.0394 -0.0258 0.0205  2103 HOH A O   
960 O O   . HOH C .   ? 0.4088 0.6013 0.3811 -0.0779 -0.0145 -0.0756 2104 HOH A O   
961 O O   . HOH C .   ? 0.5250 0.7762 0.6265 0.0862  -0.1529 -0.1432 2105 HOH A O   
962 O O   . HOH C .   ? 0.3809 0.2577 0.2094 -0.0014 -0.0137 0.0719  2106 HOH A O   
963 O O   . HOH C .   ? 0.4187 0.2656 0.2170 -0.0975 -0.0728 0.0261  2107 HOH A O   
964 O O   . HOH C .   ? 0.3994 0.4761 0.6271 -0.1750 0.0361  -0.0073 2108 HOH A O   
965 O O   . HOH C .   ? 0.3373 0.7013 0.1549 0.0080  0.0367  -0.0210 2109 HOH A O   
966 O O   . HOH C .   ? 0.6840 0.2722 0.4236 -0.1298 0.1503  -0.1073 2110 HOH A O   
967 O O   . HOH C .   ? 0.4600 0.4074 0.2514 -0.0321 -0.0171 -0.0420 2111 HOH A O   
968 O O   . HOH C .   ? 0.2818 0.1937 0.2297 0.0472  0.0753  0.0503  2112 HOH A O   
# 
